data_2H7T
#
_entry.id   2H7T
#
_entity_poly.entity_id   1
_entity_poly.type   'polypeptide(L)'
_entity_poly.pdbx_seq_one_letter_code
;GPPPARTPCQQELDQVLERISTMRLPDERGPLEHLYSLHIPNCDKHGLYNLKQCKMSLNGQRGECWCVNPNTGKLIQGAP
TIRGDPECHLFYNEQQEARGVHTQRMQ
;
_entity_poly.pdbx_strand_id   A
#
# COMPACT_ATOMS: atom_id res chain seq x y z
N GLY A 1 -1.27 28.72 7.49
CA GLY A 1 -0.03 28.24 6.88
C GLY A 1 -0.12 26.76 6.58
N PRO A 2 1.02 26.06 6.48
CA PRO A 2 1.04 24.62 6.58
C PRO A 2 0.60 24.21 8.00
N PRO A 3 -0.09 23.08 8.18
CA PRO A 3 -0.30 22.51 9.51
C PRO A 3 1.04 22.06 10.11
N PRO A 4 1.18 22.06 11.45
CA PRO A 4 2.39 21.58 12.11
C PRO A 4 2.47 20.05 12.07
N ALA A 5 3.57 19.53 11.56
CA ALA A 5 3.98 18.14 11.74
C ALA A 5 5.12 18.08 12.77
N ARG A 6 5.40 16.88 13.32
CA ARG A 6 6.55 16.64 14.21
C ARG A 6 7.14 15.28 13.84
N THR A 7 6.34 14.23 14.05
CA THR A 7 6.66 12.89 13.65
C THR A 7 6.74 12.87 12.12
N PRO A 8 7.86 12.44 11.52
CA PRO A 8 8.09 12.59 10.09
C PRO A 8 7.19 11.73 9.22
N CYS A 9 6.49 10.72 9.78
CA CYS A 9 5.40 10.04 9.08
C CYS A 9 4.37 11.06 8.60
N GLN A 10 3.97 11.98 9.47
CA GLN A 10 3.01 13.03 9.14
C GLN A 10 3.59 13.97 8.08
N GLN A 11 4.88 14.28 8.17
CA GLN A 11 5.52 15.18 7.23
C GLN A 11 5.61 14.55 5.83
N GLU A 12 5.97 13.26 5.74
CA GLU A 12 5.96 12.54 4.47
C GLU A 12 4.55 12.53 3.91
N LEU A 13 3.54 12.18 4.72
CA LEU A 13 2.15 12.11 4.30
C LEU A 13 1.74 13.46 3.72
N ASP A 14 2.17 14.55 4.32
CA ASP A 14 1.73 15.87 3.88
C ASP A 14 2.38 16.28 2.56
N GLN A 15 3.60 15.82 2.28
CA GLN A 15 4.24 16.03 0.99
C GLN A 15 3.43 15.33 -0.11
N VAL A 16 2.93 14.11 0.15
CA VAL A 16 2.05 13.43 -0.79
C VAL A 16 0.73 14.21 -0.90
N LEU A 17 0.15 14.63 0.22
CA LEU A 17 -1.13 15.31 0.25
C LEU A 17 -1.08 16.59 -0.57
N GLU A 18 -0.03 17.38 -0.42
CA GLU A 18 0.16 18.65 -1.11
C GLU A 18 0.26 18.42 -2.62
N ARG A 19 1.11 17.48 -3.06
CA ARG A 19 1.28 17.21 -4.49
C ARG A 19 0.03 16.58 -5.12
N ILE A 20 -0.68 15.71 -4.39
CA ILE A 20 -1.96 15.16 -4.83
C ILE A 20 -2.94 16.31 -5.04
N SER A 21 -3.07 17.20 -4.05
CA SER A 21 -3.99 18.34 -4.11
C SER A 21 -3.65 19.26 -5.28
N THR A 22 -2.36 19.43 -5.59
CA THR A 22 -1.90 20.23 -6.72
C THR A 22 -2.36 19.59 -8.04
N MET A 23 -2.15 18.29 -8.22
CA MET A 23 -2.51 17.59 -9.44
C MET A 23 -3.98 17.17 -9.42
N ARG A 24 -4.88 18.12 -9.62
CA ARG A 24 -6.27 17.83 -9.95
C ARG A 24 -6.48 18.08 -11.44
N LEU A 25 -6.79 17.01 -12.17
CA LEU A 25 -7.01 16.92 -13.60
C LEU A 25 -7.65 15.56 -13.87
N PRO A 26 -8.79 15.45 -14.59
CA PRO A 26 -9.30 14.16 -15.02
C PRO A 26 -8.25 13.46 -15.89
N ASP A 27 -7.96 14.03 -17.06
CA ASP A 27 -6.76 13.75 -17.84
C ASP A 27 -6.46 15.00 -18.64
N GLU A 28 -5.28 15.57 -18.43
CA GLU A 28 -4.87 16.81 -19.06
C GLU A 28 -3.36 16.71 -19.29
N ARG A 29 -2.91 15.60 -19.91
CA ARG A 29 -1.55 15.50 -20.43
C ARG A 29 -1.49 14.78 -21.76
N GLY A 30 -2.13 13.62 -21.91
CA GLY A 30 -1.90 12.78 -23.10
C GLY A 30 -2.50 11.40 -22.90
N PRO A 31 -2.14 10.39 -23.73
CA PRO A 31 -2.61 9.03 -23.54
C PRO A 31 -2.08 8.47 -22.21
N LEU A 32 -2.96 8.37 -21.21
CA LEU A 32 -2.68 7.89 -19.86
C LEU A 32 -3.77 6.89 -19.49
N GLU A 33 -3.36 5.71 -19.00
CA GLU A 33 -4.23 4.64 -18.47
C GLU A 33 -3.49 3.80 -17.42
N HIS A 34 -2.16 3.63 -17.55
CA HIS A 34 -1.36 2.69 -16.79
C HIS A 34 -0.10 3.41 -16.29
N LEU A 35 -0.27 4.21 -15.23
CA LEU A 35 0.77 5.03 -14.60
C LEU A 35 0.31 5.52 -13.21
N TYR A 36 -0.59 4.79 -12.54
CA TYR A 36 -1.12 5.18 -11.24
C TYR A 36 -0.42 4.38 -10.14
N SER A 37 -0.19 5.01 -8.99
CA SER A 37 0.47 4.46 -7.81
C SER A 37 0.08 5.33 -6.60
N LEU A 38 -1.18 5.28 -6.18
CA LEU A 38 -1.74 6.17 -5.16
C LEU A 38 -1.68 5.51 -3.78
N HIS A 39 -0.87 6.08 -2.89
CA HIS A 39 -0.61 5.63 -1.52
C HIS A 39 -0.49 6.87 -0.62
N ILE A 40 -1.11 6.84 0.56
CA ILE A 40 -1.00 7.89 1.59
C ILE A 40 -0.64 7.19 2.90
N PRO A 41 0.60 7.35 3.42
CA PRO A 41 1.08 6.64 4.61
C PRO A 41 0.50 7.26 5.90
N ASN A 42 -0.67 6.80 6.31
CA ASN A 42 -1.33 7.26 7.54
C ASN A 42 -0.59 6.70 8.75
N CYS A 43 -0.56 7.48 9.83
CA CYS A 43 0.23 7.26 11.02
C CYS A 43 -0.72 6.92 12.19
N ASP A 44 -0.22 6.20 13.18
CA ASP A 44 -0.86 6.07 14.48
C ASP A 44 -0.88 7.44 15.18
N LYS A 45 -1.78 7.64 16.15
CA LYS A 45 -1.86 8.84 17.00
C LYS A 45 -0.58 9.12 17.79
N HIS A 46 0.21 8.10 18.15
CA HIS A 46 1.53 8.24 18.77
C HIS A 46 2.65 8.25 17.72
N GLY A 47 2.30 8.31 16.44
CA GLY A 47 3.23 8.50 15.34
C GLY A 47 4.04 7.24 15.06
N LEU A 48 3.45 6.06 15.27
CA LEU A 48 3.91 4.85 14.60
C LEU A 48 3.48 4.92 13.14
N TYR A 49 4.11 4.17 12.24
CA TYR A 49 3.55 3.93 10.90
C TYR A 49 2.39 2.93 11.08
N ASN A 50 1.42 2.97 10.17
CA ASN A 50 0.31 2.00 10.12
C ASN A 50 0.89 0.60 9.85
N LEU A 51 0.39 -0.44 10.54
CA LEU A 51 0.76 -1.83 10.38
C LEU A 51 0.48 -2.37 8.98
N LYS A 52 -0.38 -1.75 8.16
CA LYS A 52 -0.62 -2.18 6.78
C LYS A 52 -0.99 -1.02 5.86
N GLN A 53 -0.37 -0.95 4.69
CA GLN A 53 -0.60 0.05 3.65
C GLN A 53 -1.33 -0.64 2.48
N CYS A 54 -1.83 0.17 1.56
CA CYS A 54 -2.49 -0.26 0.33
C CYS A 54 -2.14 0.72 -0.78
N LYS A 55 -2.38 0.33 -2.03
CA LYS A 55 -2.09 1.14 -3.22
C LYS A 55 -3.28 1.08 -4.16
N MET A 56 -3.67 2.23 -4.66
CA MET A 56 -4.81 2.42 -5.56
C MET A 56 -4.31 2.80 -6.94
N SER A 57 -5.13 2.56 -7.97
CA SER A 57 -4.81 2.72 -9.39
C SER A 57 -6.05 3.27 -10.11
N LEU A 58 -7.12 2.47 -10.20
CA LEU A 58 -8.42 2.84 -10.78
C LEU A 58 -9.50 2.42 -9.78
N ASN A 59 -10.65 3.09 -9.87
CA ASN A 59 -11.61 3.31 -8.79
C ASN A 59 -11.98 2.06 -7.99
N GLY A 60 -12.08 0.91 -8.64
CA GLY A 60 -12.17 -0.38 -7.97
C GLY A 60 -11.67 -1.51 -8.86
N GLN A 61 -10.55 -1.32 -9.58
CA GLN A 61 -10.05 -2.32 -10.53
C GLN A 61 -9.08 -3.31 -9.86
N ARG A 62 -8.34 -2.87 -8.84
CA ARG A 62 -7.53 -3.70 -7.93
C ARG A 62 -7.45 -2.94 -6.61
N GLY A 63 -6.92 -3.57 -5.57
CA GLY A 63 -6.53 -2.92 -4.33
C GLY A 63 -5.53 -3.80 -3.61
N GLU A 64 -4.25 -3.77 -4.02
CA GLU A 64 -3.22 -4.44 -3.24
C GLU A 64 -3.09 -3.77 -1.87
N CYS A 65 -2.72 -4.58 -0.87
CA CYS A 65 -2.31 -4.15 0.46
C CYS A 65 -1.16 -5.06 0.89
N TRP A 66 -0.40 -4.66 1.90
CA TRP A 66 0.70 -5.39 2.50
C TRP A 66 0.79 -4.91 3.95
N CYS A 67 1.60 -5.55 4.78
CA CYS A 67 1.83 -5.19 6.17
C CYS A 67 3.16 -4.45 6.28
N VAL A 68 3.49 -3.81 7.40
CA VAL A 68 4.86 -3.37 7.64
C VAL A 68 5.43 -4.16 8.82
N ASN A 69 6.59 -4.78 8.59
CA ASN A 69 7.50 -5.27 9.62
C ASN A 69 8.29 -4.08 10.18
N PRO A 70 9.10 -3.34 9.38
CA PRO A 70 9.86 -2.20 9.87
C PRO A 70 8.97 -0.95 9.99
N ASN A 71 9.47 0.09 10.65
CA ASN A 71 8.72 1.33 10.89
C ASN A 71 8.70 2.16 9.62
N THR A 72 9.64 1.90 8.72
CA THR A 72 9.82 2.67 7.51
C THR A 72 8.75 2.23 6.50
N GLY A 73 8.17 1.04 6.67
CA GLY A 73 7.11 0.49 5.84
C GLY A 73 7.45 0.47 4.35
N LYS A 74 8.73 0.52 4.00
CA LYS A 74 9.18 0.66 2.61
C LYS A 74 9.98 -0.57 2.18
N LEU A 75 9.95 -1.66 2.95
CA LEU A 75 10.66 -2.91 2.64
C LEU A 75 9.66 -3.84 1.93
N ILE A 76 8.96 -3.29 0.95
CA ILE A 76 7.89 -3.89 0.15
C ILE A 76 8.45 -5.14 -0.56
N GLN A 77 7.66 -6.21 -0.68
CA GLN A 77 8.12 -7.55 -1.11
C GLN A 77 8.62 -7.65 -2.56
N GLY A 78 8.80 -6.54 -3.28
CA GLY A 78 9.25 -6.53 -4.68
C GLY A 78 8.09 -6.75 -5.64
N ALA A 79 6.86 -6.80 -5.12
CA ALA A 79 5.65 -6.90 -5.90
C ALA A 79 4.81 -5.66 -5.65
N PRO A 80 5.03 -4.55 -6.37
CA PRO A 80 4.25 -3.33 -6.19
C PRO A 80 2.82 -3.44 -6.75
N THR A 81 2.43 -4.61 -7.22
CA THR A 81 1.04 -5.03 -7.23
C THR A 81 1.03 -6.49 -6.74
N ILE A 82 0.35 -6.77 -5.63
CA ILE A 82 0.10 -8.12 -5.12
C ILE A 82 -1.26 -8.55 -5.68
N ARG A 83 -1.49 -9.86 -5.89
CA ARG A 83 -2.73 -10.40 -6.48
C ARG A 83 -3.99 -9.92 -5.76
N GLY A 84 -3.93 -9.57 -4.48
CA GLY A 84 -4.99 -8.86 -3.80
C GLY A 84 -5.18 -9.30 -2.37
N ASP A 85 -4.63 -10.47 -2.00
CA ASP A 85 -4.64 -10.90 -0.60
C ASP A 85 -3.30 -10.49 0.04
N PRO A 86 -3.30 -9.63 1.08
CA PRO A 86 -2.11 -9.24 1.82
C PRO A 86 -1.58 -10.40 2.68
N GLU A 87 -1.13 -11.49 2.06
CA GLU A 87 -0.36 -12.55 2.69
C GLU A 87 1.06 -12.04 2.86
N CYS A 88 1.34 -11.44 4.02
CA CYS A 88 2.72 -11.31 4.44
C CYS A 88 3.09 -12.65 5.08
N HIS A 89 4.18 -13.22 4.59
CA HIS A 89 4.90 -14.36 5.14
C HIS A 89 6.37 -14.24 4.73
N LEU A 90 6.65 -13.91 3.45
CA LEU A 90 8.00 -13.72 2.93
C LEU A 90 8.00 -12.80 1.70
N PHE A 91 9.15 -12.70 1.02
CA PHE A 91 9.37 -11.93 -0.20
C PHE A 91 10.23 -12.66 -1.25
N TYR A 92 10.70 -13.87 -0.96
CA TYR A 92 11.50 -14.67 -1.90
C TYR A 92 10.56 -15.64 -2.63
N ASN A 93 10.01 -15.23 -3.78
CA ASN A 93 9.73 -16.22 -4.83
C ASN A 93 11.09 -16.66 -5.39
N GLU A 94 11.19 -17.88 -5.90
CA GLU A 94 12.36 -18.34 -6.63
C GLU A 94 12.14 -18.06 -8.12
N GLN A 95 10.98 -18.48 -8.65
CA GLN A 95 10.71 -18.44 -10.08
C GLN A 95 10.84 -16.99 -10.58
N GLN A 96 11.77 -16.74 -11.51
CA GLN A 96 11.86 -15.47 -12.23
C GLN A 96 10.71 -15.38 -13.23
N GLU A 97 9.50 -15.18 -12.71
CA GLU A 97 8.28 -14.86 -13.45
C GLU A 97 8.50 -13.51 -14.13
N ALA A 98 8.78 -12.47 -13.35
CA ALA A 98 9.22 -11.17 -13.83
C ALA A 98 10.55 -10.83 -13.17
N ARG A 99 11.28 -9.90 -13.79
CA ARG A 99 12.46 -9.25 -13.18
C ARG A 99 12.17 -7.78 -12.88
N GLY A 100 10.95 -7.32 -13.21
CA GLY A 100 10.46 -5.99 -12.96
C GLY A 100 11.02 -5.00 -13.98
N VAL A 101 10.30 -3.89 -14.13
CA VAL A 101 10.69 -2.69 -14.85
C VAL A 101 10.20 -1.52 -14.01
N HIS A 102 11.05 -0.52 -13.72
CA HIS A 102 10.57 0.69 -13.04
C HIS A 102 11.37 1.93 -13.46
N THR A 103 12.69 1.77 -13.62
CA THR A 103 13.61 2.77 -14.11
C THR A 103 13.21 3.21 -15.52
N GLN A 104 12.54 4.37 -15.62
CA GLN A 104 12.19 5.04 -16.86
C GLN A 104 11.94 6.49 -16.49
N ARG A 105 12.83 7.39 -16.91
CA ARG A 105 12.60 8.82 -16.76
C ARG A 105 11.56 9.30 -17.77
N MET A 106 11.20 10.58 -17.66
CA MET A 106 10.20 11.21 -18.49
C MET A 106 10.83 12.46 -19.11
N GLN A 107 11.22 12.34 -20.37
CA GLN A 107 11.64 13.41 -21.27
C GLN A 107 11.14 12.96 -22.64
N GLY A 1 -1.85 28.84 5.70
CA GLY A 1 -0.49 28.51 6.16
C GLY A 1 -0.13 27.08 5.80
N PRO A 2 1.08 26.64 6.20
CA PRO A 2 1.51 25.26 6.00
C PRO A 2 0.71 24.33 6.92
N PRO A 3 0.46 23.07 6.52
CA PRO A 3 -0.26 22.10 7.32
C PRO A 3 0.54 21.72 8.58
N PRO A 4 0.03 21.96 9.79
CA PRO A 4 0.80 21.75 11.01
C PRO A 4 0.92 20.26 11.37
N ALA A 5 2.12 19.74 11.23
CA ALA A 5 2.49 18.36 11.51
C ALA A 5 3.51 18.26 12.63
N ARG A 6 3.38 17.21 13.45
CA ARG A 6 4.31 16.97 14.54
C ARG A 6 5.23 15.80 14.22
N THR A 7 4.67 14.64 13.91
CA THR A 7 5.44 13.44 13.68
C THR A 7 6.00 13.47 12.23
N PRO A 8 7.14 12.81 11.94
CA PRO A 8 7.70 12.79 10.60
C PRO A 8 6.88 11.91 9.65
N CYS A 9 6.03 11.01 10.18
CA CYS A 9 5.06 10.31 9.36
C CYS A 9 3.99 11.28 8.88
N GLN A 10 3.43 12.09 9.79
CA GLN A 10 2.44 13.10 9.45
C GLN A 10 3.03 14.05 8.43
N GLN A 11 4.25 14.54 8.65
CA GLN A 11 4.92 15.46 7.75
C GLN A 11 5.09 14.80 6.38
N GLU A 12 5.56 13.56 6.29
CA GLU A 12 5.66 12.90 4.98
C GLU A 12 4.30 12.77 4.31
N LEU A 13 3.26 12.36 5.03
CA LEU A 13 1.91 12.28 4.47
C LEU A 13 1.49 13.65 3.96
N ASP A 14 1.91 14.73 4.60
CA ASP A 14 1.59 16.08 4.13
C ASP A 14 2.30 16.34 2.82
N GLN A 15 3.58 15.98 2.73
CA GLN A 15 4.30 16.10 1.48
C GLN A 15 3.67 15.27 0.37
N VAL A 16 3.06 14.11 0.64
CA VAL A 16 2.31 13.37 -0.38
C VAL A 16 0.99 14.08 -0.68
N LEU A 17 0.25 14.50 0.35
CA LEU A 17 -1.12 14.95 0.22
C LEU A 17 -1.16 16.28 -0.52
N GLU A 18 -0.25 17.21 -0.19
CA GLU A 18 -0.09 18.46 -0.91
C GLU A 18 0.28 18.19 -2.36
N ARG A 19 1.31 17.36 -2.61
CA ARG A 19 1.73 17.13 -4.00
C ARG A 19 0.64 16.44 -4.80
N ILE A 20 -0.17 15.58 -4.19
CA ILE A 20 -1.29 14.91 -4.84
C ILE A 20 -2.38 15.91 -5.22
N SER A 21 -2.60 16.99 -4.47
CA SER A 21 -3.46 18.09 -4.90
C SER A 21 -2.78 19.01 -5.93
N THR A 22 -1.46 19.21 -5.82
CA THR A 22 -0.71 20.09 -6.70
C THR A 22 -0.66 19.49 -8.11
N MET A 23 -0.30 18.22 -8.24
CA MET A 23 -0.32 17.50 -9.51
C MET A 23 -1.76 17.15 -9.87
N ARG A 24 -2.01 16.87 -11.14
CA ARG A 24 -3.27 16.35 -11.66
C ARG A 24 -3.05 15.99 -13.13
N LEU A 25 -4.09 15.46 -13.76
CA LEU A 25 -4.22 15.34 -15.21
C LEU A 25 -5.38 16.25 -15.65
N PRO A 26 -5.42 16.71 -16.91
CA PRO A 26 -6.57 17.41 -17.44
C PRO A 26 -7.77 16.46 -17.49
N ASP A 27 -8.83 16.78 -16.75
CA ASP A 27 -10.14 16.18 -16.99
C ASP A 27 -10.75 16.88 -18.21
N GLU A 28 -10.66 16.24 -19.37
CA GLU A 28 -11.33 16.64 -20.61
C GLU A 28 -11.36 15.40 -21.52
N ARG A 29 -10.18 14.85 -21.82
CA ARG A 29 -9.97 13.69 -22.68
C ARG A 29 -8.92 12.79 -22.03
N GLY A 30 -9.35 11.83 -21.21
CA GLY A 30 -8.50 11.00 -20.37
C GLY A 30 -8.56 9.53 -20.80
N PRO A 31 -7.68 9.04 -21.70
CA PRO A 31 -7.68 7.65 -22.16
C PRO A 31 -7.01 6.65 -21.19
N LEU A 32 -6.33 7.11 -20.13
CA LEU A 32 -5.48 6.27 -19.28
C LEU A 32 -6.31 5.66 -18.15
N GLU A 33 -7.36 4.93 -18.52
CA GLU A 33 -8.46 4.56 -17.64
C GLU A 33 -8.16 3.46 -16.62
N HIS A 34 -6.89 3.12 -16.38
CA HIS A 34 -6.48 2.21 -15.31
C HIS A 34 -5.09 2.55 -14.73
N LEU A 35 -4.51 3.69 -15.12
CA LEU A 35 -3.07 3.93 -14.99
C LEU A 35 -2.76 4.86 -13.81
N TYR A 36 -3.31 4.58 -12.63
CA TYR A 36 -3.18 5.45 -11.45
C TYR A 36 -2.37 4.74 -10.36
N SER A 37 -1.80 5.51 -9.44
CA SER A 37 -1.02 4.98 -8.34
C SER A 37 -1.11 5.98 -7.19
N LEU A 38 -2.10 5.79 -6.32
CA LEU A 38 -2.30 6.59 -5.12
C LEU A 38 -1.94 5.76 -3.91
N HIS A 39 -1.09 6.30 -3.04
CA HIS A 39 -0.91 5.81 -1.68
C HIS A 39 -0.77 7.04 -0.77
N ILE A 40 -1.43 6.99 0.38
CA ILE A 40 -1.45 8.01 1.42
C ILE A 40 -1.21 7.24 2.73
N PRO A 41 -0.01 7.32 3.34
CA PRO A 41 0.41 6.44 4.44
C PRO A 41 -0.19 6.87 5.80
N ASN A 42 -1.14 6.09 6.35
CA ASN A 42 -1.79 6.42 7.61
C ASN A 42 -0.84 6.18 8.80
N CYS A 43 -0.84 7.06 9.79
CA CYS A 43 0.03 7.04 10.96
C CYS A 43 -0.74 7.42 12.22
N ASP A 44 -0.28 6.96 13.38
CA ASP A 44 -0.79 7.41 14.67
C ASP A 44 -0.31 8.82 15.03
N LYS A 45 -1.03 9.45 15.97
CA LYS A 45 -0.77 10.80 16.45
C LYS A 45 0.55 10.82 17.21
N HIS A 46 0.81 9.75 17.96
CA HIS A 46 2.02 9.58 18.74
C HIS A 46 3.20 9.11 17.85
N GLY A 47 2.95 8.87 16.56
CA GLY A 47 4.00 8.60 15.59
C GLY A 47 4.24 7.11 15.58
N LEU A 48 3.34 6.38 14.95
CA LEU A 48 3.45 4.95 14.75
C LEU A 48 2.84 4.68 13.39
N TYR A 49 3.65 4.32 12.40
CA TYR A 49 3.15 3.98 11.07
C TYR A 49 2.23 2.77 11.23
N ASN A 50 1.26 2.62 10.34
CA ASN A 50 0.48 1.38 10.31
C ASN A 50 1.38 0.21 9.92
N LEU A 51 0.87 -1.01 10.10
CA LEU A 51 1.62 -2.23 9.91
C LEU A 51 1.21 -2.90 8.58
N LYS A 52 0.20 -2.36 7.88
CA LYS A 52 -0.16 -2.79 6.55
C LYS A 52 -0.80 -1.66 5.77
N GLN A 53 -0.57 -1.64 4.47
CA GLN A 53 -0.90 -0.56 3.55
C GLN A 53 -1.59 -1.17 2.33
N CYS A 54 -2.21 -0.37 1.48
CA CYS A 54 -2.78 -0.75 0.19
C CYS A 54 -2.56 0.40 -0.79
N LYS A 55 -2.61 0.09 -2.09
CA LYS A 55 -2.45 1.05 -3.17
C LYS A 55 -3.81 1.21 -3.82
N MET A 56 -4.21 2.44 -4.12
CA MET A 56 -5.48 2.76 -4.73
C MET A 56 -5.22 3.04 -6.21
N SER A 57 -6.15 2.61 -7.06
CA SER A 57 -6.11 2.92 -8.49
C SER A 57 -7.51 3.19 -9.03
N LEU A 58 -8.55 2.44 -8.62
CA LEU A 58 -9.89 2.62 -9.17
C LEU A 58 -10.43 3.99 -8.76
N ASN A 59 -10.79 4.16 -7.48
CA ASN A 59 -10.93 5.50 -6.91
C ASN A 59 -10.75 5.52 -5.38
N GLY A 60 -11.06 4.41 -4.69
CA GLY A 60 -10.96 4.30 -3.23
C GLY A 60 -10.77 2.86 -2.72
N GLN A 61 -10.70 1.87 -3.61
CA GLN A 61 -10.82 0.47 -3.27
C GLN A 61 -9.49 -0.05 -2.71
N ARG A 62 -9.51 -0.67 -1.52
CA ARG A 62 -8.41 -1.50 -1.05
C ARG A 62 -8.47 -2.80 -1.83
N GLY A 63 -7.40 -3.10 -2.58
CA GLY A 63 -7.31 -4.30 -3.41
C GLY A 63 -5.99 -5.00 -3.15
N GLU A 64 -4.91 -4.55 -3.80
CA GLU A 64 -3.58 -5.03 -3.48
C GLU A 64 -3.09 -4.25 -2.28
N CYS A 65 -2.58 -5.01 -1.33
CA CYS A 65 -2.23 -4.61 0.02
C CYS A 65 -1.00 -5.42 0.41
N TRP A 66 -0.24 -4.93 1.38
CA TRP A 66 0.98 -5.56 1.86
C TRP A 66 1.06 -5.23 3.34
N CYS A 67 1.97 -5.89 4.01
CA CYS A 67 2.35 -5.67 5.39
C CYS A 67 3.67 -4.90 5.34
N VAL A 68 4.07 -4.28 6.45
CA VAL A 68 5.39 -3.68 6.51
C VAL A 68 6.20 -4.49 7.51
N ASN A 69 7.37 -4.94 7.11
CA ASN A 69 8.35 -5.56 7.98
C ASN A 69 9.14 -4.45 8.70
N PRO A 70 9.78 -3.49 8.00
CA PRO A 70 10.34 -2.30 8.64
C PRO A 70 9.19 -1.38 9.06
N ASN A 71 9.49 -0.37 9.89
CA ASN A 71 8.47 0.48 10.48
C ASN A 71 7.92 1.44 9.45
N THR A 72 8.81 2.01 8.65
CA THR A 72 8.45 3.05 7.70
C THR A 72 7.84 2.39 6.45
N GLY A 73 7.91 1.06 6.30
CA GLY A 73 7.32 0.31 5.19
C GLY A 73 7.80 0.68 3.79
N LYS A 74 8.77 1.59 3.63
CA LYS A 74 9.10 2.21 2.34
C LYS A 74 9.99 1.30 1.48
N LEU A 75 9.83 -0.03 1.54
CA LEU A 75 10.65 -0.97 0.76
C LEU A 75 9.92 -2.30 0.56
N ILE A 76 8.63 -2.21 0.23
CA ILE A 76 7.81 -3.36 -0.12
C ILE A 76 6.81 -2.85 -1.15
N GLN A 77 6.77 -3.50 -2.30
CA GLN A 77 5.82 -3.26 -3.38
C GLN A 77 5.13 -4.56 -3.70
N GLY A 78 4.09 -4.90 -2.92
CA GLY A 78 3.13 -5.96 -3.22
C GLY A 78 3.74 -7.35 -3.48
N ALA A 79 4.98 -7.60 -3.02
CA ALA A 79 5.74 -8.80 -3.37
C ALA A 79 4.97 -10.10 -3.07
N PRO A 80 4.49 -10.39 -1.84
CA PRO A 80 3.60 -11.51 -1.64
C PRO A 80 2.23 -11.22 -2.25
N THR A 81 1.64 -12.19 -2.94
CA THR A 81 0.34 -12.03 -3.55
C THR A 81 -0.71 -12.06 -2.43
N ILE A 82 -1.57 -11.04 -2.39
CA ILE A 82 -2.54 -10.76 -1.33
C ILE A 82 -3.81 -10.28 -2.02
N ARG A 83 -5.00 -10.65 -1.54
CA ARG A 83 -6.28 -10.37 -2.19
C ARG A 83 -7.13 -9.35 -1.42
N GLY A 84 -6.50 -8.46 -0.66
CA GLY A 84 -7.16 -7.53 0.24
C GLY A 84 -6.50 -7.52 1.63
N ASP A 85 -6.45 -8.68 2.30
CA ASP A 85 -5.98 -8.78 3.68
C ASP A 85 -4.57 -9.39 3.65
N PRO A 86 -3.49 -8.64 3.98
CA PRO A 86 -2.11 -9.11 3.93
C PRO A 86 -1.80 -10.13 5.02
N GLU A 87 -2.12 -11.39 4.76
CA GLU A 87 -1.86 -12.58 5.58
C GLU A 87 -0.37 -12.95 5.60
N CYS A 88 0.53 -12.02 5.96
CA CYS A 88 1.93 -12.20 5.64
C CYS A 88 2.54 -13.14 6.68
N HIS A 89 3.24 -14.15 6.16
CA HIS A 89 3.66 -15.35 6.87
C HIS A 89 5.16 -15.55 6.67
N LEU A 90 5.78 -16.48 7.41
CA LEU A 90 7.23 -16.60 7.55
C LEU A 90 7.95 -16.79 6.21
N PHE A 91 7.35 -17.55 5.30
CA PHE A 91 7.87 -17.74 3.95
C PHE A 91 7.19 -16.70 3.05
N TYR A 92 7.51 -15.43 3.27
CA TYR A 92 6.99 -14.29 2.49
C TYR A 92 7.20 -14.47 0.99
N ASN A 93 8.25 -15.22 0.62
CA ASN A 93 8.52 -15.76 -0.70
C ASN A 93 8.73 -17.25 -0.47
N GLU A 94 8.10 -18.09 -1.29
CA GLU A 94 8.09 -19.54 -1.15
C GLU A 94 8.83 -20.16 -2.35
N GLN A 95 8.97 -21.47 -2.42
CA GLN A 95 9.33 -22.15 -3.66
C GLN A 95 8.05 -22.22 -4.47
N GLN A 96 8.07 -21.74 -5.70
CA GLN A 96 6.94 -21.79 -6.60
C GLN A 96 7.49 -21.85 -8.01
N GLU A 97 7.69 -23.06 -8.53
CA GLU A 97 8.09 -23.28 -9.91
C GLU A 97 6.94 -22.84 -10.82
N ALA A 98 6.87 -21.54 -11.13
CA ALA A 98 5.81 -20.89 -11.89
C ALA A 98 6.40 -19.76 -12.73
N ARG A 99 6.24 -19.83 -14.04
CA ARG A 99 6.71 -18.78 -14.95
C ARG A 99 5.90 -17.49 -14.81
N GLY A 100 4.68 -17.53 -14.26
CA GLY A 100 3.90 -16.34 -13.94
C GLY A 100 3.34 -15.71 -15.21
N VAL A 101 2.40 -16.40 -15.86
CA VAL A 101 1.83 -16.07 -17.16
C VAL A 101 1.11 -14.73 -17.07
N HIS A 102 1.67 -13.68 -17.67
CA HIS A 102 1.31 -12.29 -17.42
C HIS A 102 0.63 -11.68 -18.65
N THR A 103 -0.52 -12.24 -19.04
CA THR A 103 -1.22 -11.89 -20.27
C THR A 103 -2.18 -10.71 -20.06
N GLN A 104 -2.40 -9.89 -21.08
CA GLN A 104 -3.42 -8.85 -21.18
C GLN A 104 -3.96 -8.89 -22.63
N ARG A 105 -4.96 -8.07 -22.96
CA ARG A 105 -5.33 -7.68 -24.31
C ARG A 105 -5.79 -6.23 -24.26
N MET A 106 -5.79 -5.54 -25.40
CA MET A 106 -6.29 -4.17 -25.50
C MET A 106 -7.39 -4.08 -26.56
N GLN A 107 -7.91 -2.88 -26.80
CA GLN A 107 -9.18 -2.63 -27.47
C GLN A 107 -9.14 -2.86 -28.97
N GLY A 1 1.74 28.32 18.38
CA GLY A 1 1.20 27.51 19.49
C GLY A 1 1.89 26.16 19.45
N PRO A 2 1.16 25.03 19.51
CA PRO A 2 1.73 23.71 19.30
C PRO A 2 2.17 23.55 17.83
N PRO A 3 3.02 22.55 17.52
CA PRO A 3 3.54 22.36 16.16
C PRO A 3 2.43 21.89 15.18
N PRO A 4 2.68 22.01 13.86
CA PRO A 4 1.77 21.51 12.83
C PRO A 4 1.83 19.97 12.75
N ALA A 5 2.76 19.39 11.99
CA ALA A 5 3.00 17.96 11.90
C ALA A 5 4.13 17.57 12.86
N ARG A 6 3.78 17.10 14.07
CA ARG A 6 4.80 16.72 15.05
C ARG A 6 5.52 15.43 14.65
N THR A 7 4.79 14.35 14.41
CA THR A 7 5.37 13.11 13.93
C THR A 7 5.83 13.35 12.48
N PRO A 8 7.07 13.00 12.10
CA PRO A 8 7.52 13.25 10.73
C PRO A 8 6.71 12.45 9.70
N CYS A 9 6.09 11.33 10.08
CA CYS A 9 5.13 10.62 9.25
C CYS A 9 3.88 11.45 8.90
N GLN A 10 3.42 12.36 9.78
CA GLN A 10 2.41 13.34 9.37
C GLN A 10 3.01 14.26 8.31
N GLN A 11 4.24 14.74 8.54
CA GLN A 11 4.85 15.76 7.70
C GLN A 11 5.02 15.23 6.28
N GLU A 12 5.50 14.00 6.11
CA GLU A 12 5.67 13.39 4.79
C GLU A 12 4.32 13.17 4.12
N LEU A 13 3.30 12.71 4.87
CA LEU A 13 1.96 12.54 4.31
C LEU A 13 1.50 13.88 3.73
N ASP A 14 1.89 14.98 4.35
CA ASP A 14 1.52 16.33 3.93
C ASP A 14 2.28 16.74 2.66
N GLN A 15 3.50 16.24 2.43
CA GLN A 15 4.23 16.42 1.18
C GLN A 15 3.47 15.72 0.04
N VAL A 16 2.96 14.52 0.28
CA VAL A 16 2.18 13.79 -0.72
C VAL A 16 0.87 14.54 -0.96
N LEU A 17 0.25 15.06 0.09
CA LEU A 17 -1.03 15.75 0.03
C LEU A 17 -0.88 17.01 -0.83
N GLU A 18 0.20 17.76 -0.61
CA GLU A 18 0.58 18.89 -1.42
C GLU A 18 0.76 18.45 -2.88
N ARG A 19 1.50 17.37 -3.11
CA ARG A 19 1.73 16.82 -4.46
C ARG A 19 0.38 16.54 -5.14
N ILE A 20 -0.59 15.94 -4.44
CA ILE A 20 -1.91 15.62 -4.99
C ILE A 20 -2.64 16.90 -5.41
N SER A 21 -2.46 18.00 -4.68
CA SER A 21 -3.06 19.29 -4.99
C SER A 21 -2.38 20.00 -6.17
N THR A 22 -1.05 19.92 -6.26
CA THR A 22 -0.29 20.55 -7.32
C THR A 22 -0.46 19.78 -8.64
N MET A 23 -0.29 18.46 -8.62
CA MET A 23 -0.41 17.63 -9.82
C MET A 23 -1.88 17.58 -10.20
N ARG A 24 -2.31 18.46 -11.10
CA ARG A 24 -3.67 18.50 -11.62
C ARG A 24 -3.69 18.49 -13.15
N LEU A 25 -2.78 19.22 -13.78
CA LEU A 25 -2.80 19.49 -15.20
C LEU A 25 -2.71 18.16 -15.97
N PRO A 26 -3.20 18.09 -17.22
CA PRO A 26 -3.21 16.85 -17.98
C PRO A 26 -1.78 16.38 -18.25
N ASP A 27 -0.97 17.26 -18.83
CA ASP A 27 0.44 17.07 -19.11
C ASP A 27 1.15 18.37 -18.77
N GLU A 28 2.38 18.31 -18.27
CA GLU A 28 3.09 19.48 -17.78
C GLU A 28 4.60 19.25 -17.94
N ARG A 29 5.22 18.50 -17.02
CA ARG A 29 6.60 18.06 -17.09
C ARG A 29 6.70 16.61 -16.63
N GLY A 30 5.85 15.73 -17.17
CA GLY A 30 5.89 14.30 -16.96
C GLY A 30 5.03 13.66 -18.05
N PRO A 31 5.59 13.02 -19.08
CA PRO A 31 4.81 12.47 -20.19
C PRO A 31 4.13 11.17 -19.75
N LEU A 32 3.07 11.30 -18.95
CA LEU A 32 2.35 10.19 -18.34
C LEU A 32 1.71 9.28 -19.39
N GLU A 33 1.42 8.03 -19.01
CA GLU A 33 0.29 7.31 -19.57
C GLU A 33 -0.37 6.41 -18.53
N HIS A 34 0.42 5.55 -17.87
CA HIS A 34 -0.11 4.36 -17.21
C HIS A 34 0.69 3.98 -15.94
N LEU A 35 1.37 4.94 -15.33
CA LEU A 35 2.37 4.73 -14.29
C LEU A 35 2.01 5.48 -13.00
N TYR A 36 0.83 5.22 -12.45
CA TYR A 36 0.34 5.91 -11.26
C TYR A 36 -0.53 4.99 -10.39
N SER A 37 -0.81 5.43 -9.16
CA SER A 37 -1.82 4.92 -8.25
C SER A 37 -1.91 5.94 -7.11
N LEU A 38 -2.91 5.76 -6.23
CA LEU A 38 -3.01 6.45 -4.96
C LEU A 38 -2.38 5.56 -3.89
N HIS A 39 -1.52 6.12 -3.05
CA HIS A 39 -1.18 5.50 -1.77
C HIS A 39 -0.98 6.61 -0.74
N ILE A 40 -1.68 6.53 0.39
CA ILE A 40 -1.66 7.52 1.45
C ILE A 40 -0.96 6.88 2.65
N PRO A 41 0.30 7.26 2.97
CA PRO A 41 1.04 6.69 4.08
C PRO A 41 0.56 7.28 5.43
N ASN A 42 -0.63 6.88 5.85
CA ASN A 42 -1.21 7.23 7.14
C ASN A 42 -0.50 6.43 8.23
N CYS A 43 0.08 7.13 9.22
CA CYS A 43 0.62 6.55 10.43
C CYS A 43 -0.36 6.73 11.58
N ASP A 44 -0.30 5.85 12.58
CA ASP A 44 -1.13 5.96 13.78
C ASP A 44 -0.80 7.24 14.51
N LYS A 45 -1.72 7.77 15.31
CA LYS A 45 -1.45 8.97 16.12
C LYS A 45 -0.33 8.73 17.15
N HIS A 46 0.00 7.46 17.42
CA HIS A 46 1.12 7.05 18.27
C HIS A 46 2.47 7.31 17.60
N GLY A 47 2.52 7.65 16.31
CA GLY A 47 3.74 7.94 15.57
C GLY A 47 4.46 6.68 15.10
N LEU A 48 4.08 5.50 15.60
CA LEU A 48 4.35 4.26 14.88
C LEU A 48 3.64 4.34 13.52
N TYR A 49 4.33 3.88 12.49
CA TYR A 49 3.79 3.74 11.16
C TYR A 49 2.77 2.61 11.22
N ASN A 50 1.67 2.71 10.48
CA ASN A 50 0.66 1.66 10.48
C ASN A 50 1.30 0.35 10.02
N LEU A 51 1.01 -0.75 10.70
CA LEU A 51 1.43 -2.09 10.43
C LEU A 51 1.08 -2.50 9.00
N LYS A 52 0.02 -1.96 8.40
CA LYS A 52 -0.46 -2.31 7.07
C LYS A 52 -0.78 -1.06 6.25
N GLN A 53 -0.75 -1.20 4.92
CA GLN A 53 -1.29 -0.24 3.97
C GLN A 53 -1.93 -1.02 2.82
N CYS A 54 -2.60 -0.34 1.90
CA CYS A 54 -3.03 -0.81 0.59
C CYS A 54 -2.63 0.26 -0.44
N LYS A 55 -2.72 -0.07 -1.73
CA LYS A 55 -2.42 0.85 -2.82
C LYS A 55 -3.64 0.89 -3.72
N MET A 56 -4.34 2.03 -3.75
CA MET A 56 -5.67 2.10 -4.36
C MET A 56 -5.51 2.40 -5.85
N SER A 57 -6.39 1.79 -6.65
CA SER A 57 -6.37 1.98 -8.10
C SER A 57 -6.81 3.42 -8.41
N LEU A 58 -8.10 3.73 -8.27
CA LEU A 58 -8.71 5.01 -8.65
C LEU A 58 -10.22 5.04 -8.36
N ASN A 59 -10.93 3.93 -8.59
CA ASN A 59 -12.34 3.76 -8.23
C ASN A 59 -12.55 2.47 -7.42
N GLY A 60 -11.51 1.65 -7.24
CA GLY A 60 -11.51 0.54 -6.29
C GLY A 60 -11.32 -0.82 -6.94
N GLN A 61 -11.06 -0.87 -8.25
CA GLN A 61 -11.18 -2.09 -9.03
C GLN A 61 -10.20 -3.20 -8.59
N ARG A 62 -8.99 -2.83 -8.16
CA ARG A 62 -8.08 -3.69 -7.41
C ARG A 62 -7.22 -2.81 -6.51
N GLY A 63 -6.61 -3.38 -5.47
CA GLY A 63 -5.69 -2.66 -4.60
C GLY A 63 -5.25 -3.57 -3.48
N GLU A 64 -4.16 -4.32 -3.71
CA GLU A 64 -3.56 -5.20 -2.71
C GLU A 64 -3.04 -4.41 -1.51
N CYS A 65 -2.90 -5.12 -0.39
CA CYS A 65 -2.37 -4.64 0.88
C CYS A 65 -1.08 -5.37 1.19
N TRP A 66 -0.25 -4.78 2.04
CA TRP A 66 0.95 -5.41 2.58
C TRP A 66 1.10 -4.91 4.02
N CYS A 67 2.02 -5.55 4.73
CA CYS A 67 2.40 -5.27 6.10
C CYS A 67 3.73 -4.51 6.08
N VAL A 68 4.17 -3.91 7.19
CA VAL A 68 5.52 -3.35 7.25
C VAL A 68 6.35 -4.15 8.25
N ASN A 69 7.52 -4.63 7.81
CA ASN A 69 8.62 -4.98 8.70
C ASN A 69 9.28 -3.68 9.17
N PRO A 70 9.97 -2.90 8.29
CA PRO A 70 10.70 -1.73 8.73
C PRO A 70 9.76 -0.57 9.04
N ASN A 71 10.27 0.39 9.81
CA ASN A 71 9.49 1.49 10.38
C ASN A 71 8.89 2.39 9.31
N THR A 72 9.47 2.48 8.13
CA THR A 72 8.97 3.38 7.10
C THR A 72 8.12 2.61 6.08
N GLY A 73 8.02 1.28 6.20
CA GLY A 73 7.27 0.47 5.25
C GLY A 73 7.76 0.58 3.80
N LYS A 74 8.96 1.12 3.54
CA LYS A 74 9.41 1.42 2.18
C LYS A 74 9.93 0.17 1.43
N LEU A 75 9.64 -1.03 1.91
CA LEU A 75 9.94 -2.30 1.23
C LEU A 75 8.75 -2.74 0.34
N ILE A 76 7.92 -1.82 -0.13
CA ILE A 76 6.92 -2.10 -1.15
C ILE A 76 7.63 -2.59 -2.42
N GLN A 77 7.40 -3.84 -2.81
CA GLN A 77 8.00 -4.40 -4.03
C GLN A 77 6.97 -5.25 -4.75
N GLY A 78 6.11 -4.60 -5.53
CA GLY A 78 5.23 -5.25 -6.49
C GLY A 78 4.49 -6.45 -5.91
N ALA A 79 3.96 -6.33 -4.69
CA ALA A 79 3.11 -7.34 -4.05
C ALA A 79 2.09 -7.99 -5.03
N PRO A 80 1.69 -9.27 -4.79
CA PRO A 80 0.76 -9.99 -5.65
C PRO A 80 -0.68 -9.51 -5.42
N THR A 81 -1.66 -10.18 -6.04
CA THR A 81 -3.04 -9.84 -5.75
C THR A 81 -3.40 -10.41 -4.38
N ILE A 82 -4.31 -9.71 -3.71
CA ILE A 82 -4.76 -9.85 -2.34
C ILE A 82 -6.20 -9.36 -2.41
N ARG A 83 -7.17 -10.12 -1.87
CA ARG A 83 -8.57 -9.70 -1.89
C ARG A 83 -8.81 -8.51 -0.96
N GLY A 84 -7.97 -8.35 0.07
CA GLY A 84 -8.12 -7.35 1.11
C GLY A 84 -7.61 -7.83 2.46
N ASP A 85 -7.59 -9.14 2.73
CA ASP A 85 -6.78 -9.71 3.82
C ASP A 85 -5.40 -10.00 3.24
N PRO A 86 -4.33 -9.31 3.67
CA PRO A 86 -2.99 -9.57 3.17
C PRO A 86 -2.52 -10.94 3.66
N GLU A 87 -1.40 -11.39 3.12
CA GLU A 87 -0.64 -12.48 3.70
C GLU A 87 0.83 -12.09 3.67
N CYS A 88 1.40 -11.88 4.85
CA CYS A 88 2.83 -11.77 5.02
C CYS A 88 3.32 -12.96 5.83
N HIS A 89 4.33 -13.64 5.32
CA HIS A 89 5.11 -14.64 6.03
C HIS A 89 6.52 -14.66 5.42
N LEU A 90 7.35 -15.65 5.77
CA LEU A 90 8.77 -15.73 5.39
C LEU A 90 8.91 -16.97 4.53
N PHE A 91 8.78 -16.80 3.21
CA PHE A 91 8.50 -17.89 2.27
C PHE A 91 9.68 -18.10 1.31
N TYR A 92 10.90 -18.23 1.84
CA TYR A 92 12.15 -18.12 1.07
C TYR A 92 12.20 -18.91 -0.25
N ASN A 93 11.59 -20.09 -0.34
CA ASN A 93 11.57 -20.88 -1.57
C ASN A 93 10.16 -21.44 -1.77
N GLU A 94 9.22 -20.60 -2.18
CA GLU A 94 7.79 -20.92 -2.30
C GLU A 94 7.25 -20.29 -3.58
N GLN A 95 5.99 -20.57 -3.95
CA GLN A 95 5.35 -19.97 -5.12
C GLN A 95 3.86 -20.29 -5.11
N GLN A 96 3.51 -21.50 -5.53
CA GLN A 96 2.24 -21.87 -6.10
C GLN A 96 2.21 -23.39 -6.00
N GLU A 97 1.68 -23.96 -4.92
CA GLU A 97 1.68 -25.41 -4.78
C GLU A 97 0.67 -26.00 -5.77
N ALA A 98 1.06 -27.11 -6.40
CA ALA A 98 0.28 -27.77 -7.43
C ALA A 98 -1.05 -28.28 -6.87
N ARG A 99 -2.06 -28.40 -7.74
CA ARG A 99 -3.45 -28.60 -7.31
C ARG A 99 -3.99 -29.99 -7.64
N GLY A 100 -3.12 -30.96 -7.95
CA GLY A 100 -3.47 -32.37 -8.01
C GLY A 100 -4.45 -32.75 -9.11
N VAL A 101 -4.51 -32.00 -10.23
CA VAL A 101 -5.44 -32.27 -11.31
C VAL A 101 -4.69 -32.36 -12.65
N HIS A 102 -5.15 -33.25 -13.52
CA HIS A 102 -4.75 -33.37 -14.92
C HIS A 102 -5.92 -34.03 -15.65
N THR A 103 -6.06 -35.35 -15.54
CA THR A 103 -7.15 -36.13 -16.11
C THR A 103 -7.30 -37.40 -15.25
N GLN A 104 -8.31 -38.23 -15.54
CA GLN A 104 -8.50 -39.54 -14.91
C GLN A 104 -9.06 -40.49 -15.97
N ARG A 105 -8.82 -41.80 -15.79
CA ARG A 105 -9.43 -42.90 -16.53
C ARG A 105 -9.23 -44.16 -15.68
N MET A 106 -10.08 -45.18 -15.84
CA MET A 106 -9.68 -46.55 -15.56
C MET A 106 -8.76 -47.01 -16.70
N GLN A 107 -8.03 -48.12 -16.55
CA GLN A 107 -7.07 -48.55 -17.57
C GLN A 107 -7.81 -49.27 -18.69
N GLY A 1 6.81 28.04 10.31
CA GLY A 1 6.32 29.25 10.99
C GLY A 1 5.69 28.82 12.30
N PRO A 2 4.35 28.80 12.43
CA PRO A 2 3.70 27.88 13.36
C PRO A 2 4.13 26.45 12.98
N PRO A 3 4.08 25.47 13.92
CA PRO A 3 4.71 24.16 13.74
C PRO A 3 4.14 23.43 12.53
N PRO A 4 4.87 23.32 11.41
CA PRO A 4 4.30 22.85 10.14
C PRO A 4 4.05 21.34 10.19
N ALA A 5 4.93 20.63 10.90
CA ALA A 5 4.93 19.21 11.17
C ALA A 5 5.62 19.00 12.52
N ARG A 6 5.55 17.79 13.03
CA ARG A 6 6.44 17.27 14.06
C ARG A 6 6.94 15.92 13.61
N THR A 7 6.08 14.90 13.66
CA THR A 7 6.49 13.55 13.35
C THR A 7 6.67 13.40 11.82
N PRO A 8 7.79 12.79 11.38
CA PRO A 8 8.11 12.71 9.96
C PRO A 8 7.15 11.77 9.20
N CYS A 9 6.47 10.84 9.87
CA CYS A 9 5.38 10.08 9.30
C CYS A 9 4.29 11.01 8.77
N GLN A 10 3.81 11.94 9.60
CA GLN A 10 2.79 12.89 9.22
C GLN A 10 3.31 13.89 8.18
N GLN A 11 4.57 14.34 8.29
CA GLN A 11 5.14 15.27 7.33
C GLN A 11 5.15 14.66 5.92
N GLU A 12 5.49 13.39 5.82
CA GLU A 12 5.51 12.66 4.56
C GLU A 12 4.10 12.51 4.01
N LEU A 13 3.14 12.14 4.87
CA LEU A 13 1.72 12.06 4.52
C LEU A 13 1.25 13.40 3.95
N ASP A 14 1.81 14.52 4.45
CA ASP A 14 1.47 15.85 3.97
C ASP A 14 2.05 16.05 2.57
N GLN A 15 3.33 15.71 2.37
CA GLN A 15 3.95 15.87 1.07
C GLN A 15 3.26 15.05 -0.02
N VAL A 16 2.68 13.89 0.26
CA VAL A 16 1.90 13.17 -0.74
C VAL A 16 0.57 13.91 -0.97
N LEU A 17 -0.17 14.27 0.08
CA LEU A 17 -1.52 14.81 -0.08
C LEU A 17 -1.48 16.16 -0.80
N GLU A 18 -0.45 16.96 -0.55
CA GLU A 18 -0.16 18.19 -1.28
C GLU A 18 0.08 17.85 -2.75
N ARG A 19 0.97 16.89 -3.02
CA ARG A 19 1.35 16.52 -4.38
C ARG A 19 0.16 16.04 -5.19
N ILE A 20 -0.80 15.35 -4.57
CA ILE A 20 -1.99 14.86 -5.25
C ILE A 20 -2.84 16.04 -5.73
N SER A 21 -2.86 17.17 -5.01
CA SER A 21 -3.50 18.39 -5.50
C SER A 21 -2.66 19.05 -6.59
N THR A 22 -1.33 19.09 -6.48
CA THR A 22 -0.47 19.72 -7.47
C THR A 22 -0.54 18.96 -8.82
N MET A 23 -0.57 17.63 -8.78
CA MET A 23 -0.92 16.76 -9.88
C MET A 23 -2.37 17.02 -10.31
N ARG A 24 -2.56 18.03 -11.16
CA ARG A 24 -3.86 18.45 -11.70
C ARG A 24 -3.69 18.96 -13.12
N LEU A 25 -2.67 19.79 -13.33
CA LEU A 25 -2.24 20.19 -14.66
C LEU A 25 -1.88 18.92 -15.44
N PRO A 26 -2.01 18.93 -16.78
CA PRO A 26 -1.64 17.79 -17.61
C PRO A 26 -0.12 17.60 -17.67
N ASP A 27 0.65 18.69 -17.63
CA ASP A 27 2.05 18.74 -18.04
C ASP A 27 2.82 19.47 -16.95
N GLU A 28 3.30 18.71 -15.96
CA GLU A 28 3.97 19.21 -14.76
C GLU A 28 5.42 18.71 -14.73
N ARG A 29 5.64 17.39 -14.81
CA ARG A 29 6.95 16.76 -14.67
C ARG A 29 7.16 15.79 -15.83
N GLY A 30 7.47 16.32 -17.00
CA GLY A 30 7.58 15.52 -18.21
C GLY A 30 6.16 15.16 -18.68
N PRO A 31 5.98 14.05 -19.39
CA PRO A 31 4.64 13.58 -19.72
C PRO A 31 3.99 12.97 -18.48
N LEU A 32 2.68 12.84 -18.51
CA LEU A 32 1.91 12.11 -17.50
C LEU A 32 2.11 10.61 -17.68
N GLU A 33 1.88 9.84 -16.61
CA GLU A 33 2.01 8.39 -16.63
C GLU A 33 0.75 7.78 -17.27
N HIS A 34 0.90 6.78 -18.12
CA HIS A 34 -0.22 6.09 -18.74
C HIS A 34 -1.20 5.41 -17.75
N LEU A 35 -0.81 5.11 -16.52
CA LEU A 35 -1.60 4.47 -15.49
C LEU A 35 -0.85 4.75 -14.19
N TYR A 36 -1.48 5.36 -13.19
CA TYR A 36 -0.82 5.87 -12.00
C TYR A 36 -1.69 5.59 -10.78
N SER A 37 -1.07 5.63 -9.60
CA SER A 37 -1.72 5.28 -8.34
C SER A 37 -1.00 5.99 -7.20
N LEU A 38 -1.62 6.07 -6.03
CA LEU A 38 -1.16 6.86 -4.89
C LEU A 38 -1.38 6.11 -3.59
N HIS A 39 -0.59 6.45 -2.57
CA HIS A 39 -0.62 5.81 -1.27
C HIS A 39 -0.34 6.88 -0.23
N ILE A 40 -1.33 7.16 0.63
CA ILE A 40 -1.16 7.98 1.81
C ILE A 40 -1.05 7.04 3.02
N PRO A 41 0.14 6.85 3.62
CA PRO A 41 0.34 6.09 4.86
C PRO A 41 -0.10 6.92 6.08
N ASN A 42 -1.17 6.52 6.76
CA ASN A 42 -1.57 7.22 7.99
C ASN A 42 -0.63 6.87 9.13
N CYS A 43 -0.32 7.86 9.98
CA CYS A 43 0.39 7.66 11.25
C CYS A 43 -0.63 7.64 12.40
N ASP A 44 -0.38 6.86 13.44
CA ASP A 44 -1.13 6.92 14.69
C ASP A 44 -0.85 8.27 15.40
N LYS A 45 -1.70 8.69 16.34
CA LYS A 45 -1.46 9.93 17.07
C LYS A 45 -0.14 9.89 17.83
N HIS A 46 0.14 8.78 18.51
CA HIS A 46 1.35 8.61 19.30
C HIS A 46 2.58 8.23 18.47
N GLY A 47 2.48 8.38 17.14
CA GLY A 47 3.61 8.28 16.23
C GLY A 47 3.95 6.82 15.97
N LEU A 48 3.14 6.14 15.15
CA LEU A 48 3.42 4.79 14.69
C LEU A 48 2.86 4.66 13.27
N TYR A 49 3.70 4.27 12.32
CA TYR A 49 3.26 3.89 10.98
C TYR A 49 2.47 2.58 11.09
N ASN A 50 1.63 2.30 10.09
CA ASN A 50 0.75 1.14 10.09
C ASN A 50 1.52 -0.09 9.62
N LEU A 51 1.31 -1.23 10.29
CA LEU A 51 1.86 -2.55 10.03
C LEU A 51 1.38 -3.09 8.67
N LYS A 52 0.36 -2.48 8.06
CA LYS A 52 -0.10 -2.79 6.72
C LYS A 52 -0.52 -1.50 6.04
N GLN A 53 -0.43 -1.46 4.71
CA GLN A 53 -0.59 -0.25 3.94
C GLN A 53 -1.20 -0.65 2.59
N CYS A 54 -1.93 0.25 1.93
CA CYS A 54 -2.62 0.01 0.67
C CYS A 54 -2.41 1.19 -0.28
N LYS A 55 -2.38 0.91 -1.58
CA LYS A 55 -2.17 1.88 -2.66
C LYS A 55 -3.42 1.87 -3.52
N MET A 56 -4.04 3.02 -3.66
CA MET A 56 -5.30 3.24 -4.39
C MET A 56 -5.02 3.90 -5.74
N SER A 57 -5.99 3.78 -6.65
CA SER A 57 -6.01 4.53 -7.89
C SER A 57 -7.33 5.30 -7.95
N LEU A 58 -8.38 4.65 -8.43
CA LEU A 58 -9.68 5.26 -8.62
C LEU A 58 -10.44 5.21 -7.29
N ASN A 59 -11.17 6.27 -6.98
CA ASN A 59 -12.03 6.34 -5.82
C ASN A 59 -13.07 5.23 -5.96
N GLY A 60 -13.28 4.45 -4.90
CA GLY A 60 -14.23 3.34 -4.87
C GLY A 60 -13.72 2.04 -5.49
N GLN A 61 -12.59 2.04 -6.22
CA GLN A 61 -11.88 0.78 -6.47
C GLN A 61 -11.20 0.40 -5.16
N ARG A 62 -11.29 -0.87 -4.73
CA ARG A 62 -10.34 -1.40 -3.76
C ARG A 62 -8.93 -1.20 -4.32
N GLY A 63 -7.93 -1.10 -3.44
CA GLY A 63 -6.55 -0.85 -3.85
C GLY A 63 -5.66 -1.80 -3.08
N GLU A 64 -4.70 -2.39 -3.78
CA GLU A 64 -3.86 -3.49 -3.31
C GLU A 64 -3.05 -3.07 -2.08
N CYS A 65 -2.84 -4.02 -1.15
CA CYS A 65 -2.25 -3.80 0.15
C CYS A 65 -1.07 -4.75 0.37
N TRP A 66 -0.16 -4.38 1.28
CA TRP A 66 0.96 -5.18 1.75
C TRP A 66 1.03 -5.02 3.27
N CYS A 67 1.86 -5.82 3.92
CA CYS A 67 2.23 -5.71 5.32
C CYS A 67 3.63 -5.10 5.35
N VAL A 68 4.05 -4.47 6.44
CA VAL A 68 5.40 -3.92 6.53
C VAL A 68 6.21 -4.68 7.57
N ASN A 69 7.52 -4.49 7.54
CA ASN A 69 8.46 -5.25 8.36
C ASN A 69 9.58 -4.36 8.90
N PRO A 70 10.11 -3.39 8.11
CA PRO A 70 10.54 -2.12 8.68
C PRO A 70 9.35 -1.39 9.29
N ASN A 71 9.60 -0.38 10.13
CA ASN A 71 8.56 0.55 10.62
C ASN A 71 8.28 1.59 9.55
N THR A 72 9.19 1.75 8.59
CA THR A 72 9.21 2.83 7.64
C THR A 72 8.17 2.54 6.55
N GLY A 73 7.69 1.29 6.44
CA GLY A 73 6.75 0.85 5.42
C GLY A 73 7.21 1.06 3.98
N LYS A 74 8.46 1.48 3.75
CA LYS A 74 8.90 2.12 2.52
C LYS A 74 10.05 1.30 1.92
N LEU A 75 9.80 0.01 1.70
CA LEU A 75 10.78 -0.93 1.24
C LEU A 75 10.23 -1.51 -0.05
N ILE A 76 9.45 -2.58 0.05
CA ILE A 76 8.73 -3.24 -1.04
C ILE A 76 7.40 -3.73 -0.48
N GLN A 77 6.61 -4.40 -1.33
CA GLN A 77 5.49 -5.21 -0.89
C GLN A 77 5.95 -6.19 0.21
N GLY A 78 6.86 -7.14 -0.10
CA GLY A 78 7.18 -8.23 0.81
C GLY A 78 5.90 -9.02 1.14
N ALA A 79 5.04 -9.14 0.15
CA ALA A 79 3.73 -9.76 0.19
C ALA A 79 3.47 -10.39 -1.19
N PRO A 80 2.53 -11.34 -1.32
CA PRO A 80 2.15 -11.91 -2.60
C PRO A 80 1.33 -10.91 -3.42
N THR A 81 0.74 -11.35 -4.54
CA THR A 81 -0.17 -10.50 -5.29
C THR A 81 -1.49 -10.43 -4.52
N ILE A 82 -1.99 -9.22 -4.31
CA ILE A 82 -3.16 -8.91 -3.48
C ILE A 82 -4.11 -8.07 -4.35
N ARG A 83 -5.40 -8.01 -4.02
CA ARG A 83 -6.38 -7.20 -4.77
C ARG A 83 -6.76 -5.94 -4.00
N GLY A 84 -6.86 -6.06 -2.68
CA GLY A 84 -7.22 -4.98 -1.78
C GLY A 84 -7.62 -5.59 -0.45
N ASP A 85 -6.94 -6.67 -0.10
CA ASP A 85 -7.18 -7.53 1.02
C ASP A 85 -5.89 -7.41 1.83
N PRO A 86 -5.89 -6.54 2.86
CA PRO A 86 -4.77 -6.39 3.78
C PRO A 86 -4.82 -7.57 4.74
N GLU A 87 -4.21 -8.65 4.32
CA GLU A 87 -3.96 -9.82 5.13
C GLU A 87 -2.63 -10.37 4.65
N CYS A 88 -1.69 -10.52 5.57
CA CYS A 88 -0.47 -11.27 5.36
C CYS A 88 -0.47 -12.38 6.40
N HIS A 89 -0.17 -13.60 5.96
CA HIS A 89 0.05 -14.74 6.82
C HIS A 89 1.09 -15.61 6.11
N LEU A 90 0.68 -16.33 5.07
CA LEU A 90 1.56 -17.05 4.17
C LEU A 90 0.97 -16.94 2.76
N PHE A 91 1.63 -17.51 1.76
CA PHE A 91 1.26 -17.42 0.36
C PHE A 91 0.96 -18.80 -0.25
N TYR A 92 0.81 -19.83 0.58
CA TYR A 92 0.75 -21.22 0.17
C TYR A 92 -0.69 -21.56 -0.23
N ASN A 93 -1.25 -20.89 -1.24
CA ASN A 93 -2.66 -21.04 -1.56
C ASN A 93 -2.93 -20.99 -3.06
N GLU A 94 -2.79 -22.12 -3.74
CA GLU A 94 -3.10 -22.29 -5.15
C GLU A 94 -4.02 -23.51 -5.27
N GLN A 95 -5.17 -23.36 -5.94
CA GLN A 95 -6.00 -24.45 -6.44
C GLN A 95 -6.56 -24.01 -7.78
N GLN A 96 -6.90 -24.96 -8.67
CA GLN A 96 -7.67 -24.73 -9.89
C GLN A 96 -8.24 -26.06 -10.37
N GLU A 97 -9.25 -26.00 -11.24
CA GLU A 97 -9.78 -27.14 -12.00
C GLU A 97 -10.22 -26.58 -13.37
N ALA A 98 -10.61 -27.43 -14.32
CA ALA A 98 -11.30 -27.06 -15.54
C ALA A 98 -12.32 -28.17 -15.86
N ARG A 99 -13.61 -27.84 -15.83
CA ARG A 99 -14.71 -28.80 -15.97
C ARG A 99 -14.75 -29.51 -17.34
N GLY A 100 -14.04 -29.02 -18.36
CA GLY A 100 -14.04 -29.62 -19.69
C GLY A 100 -15.29 -29.20 -20.46
N VAL A 101 -15.13 -28.24 -21.37
CA VAL A 101 -16.13 -27.93 -22.39
C VAL A 101 -16.02 -28.93 -23.55
N HIS A 102 -16.97 -28.90 -24.48
CA HIS A 102 -16.87 -29.53 -25.80
C HIS A 102 -17.71 -28.70 -26.77
N THR A 103 -17.77 -29.11 -28.03
CA THR A 103 -18.63 -28.52 -29.06
C THR A 103 -19.15 -29.63 -29.97
N GLN A 104 -20.19 -29.32 -30.75
CA GLN A 104 -20.64 -30.12 -31.88
C GLN A 104 -20.96 -29.14 -33.01
N ARG A 105 -20.89 -29.62 -34.26
CA ARG A 105 -21.56 -29.07 -35.43
C ARG A 105 -22.18 -30.26 -36.16
N MET A 106 -23.06 -30.00 -37.12
CA MET A 106 -23.44 -31.00 -38.12
C MET A 106 -22.34 -30.98 -39.20
N GLN A 107 -22.72 -31.03 -40.48
CA GLN A 107 -21.82 -30.87 -41.61
C GLN A 107 -21.14 -29.51 -41.54
N GLY A 1 4.38 30.93 7.11
CA GLY A 1 5.15 30.94 8.36
C GLY A 1 6.03 29.71 8.43
N PRO A 2 6.83 29.57 9.49
CA PRO A 2 7.77 28.47 9.65
C PRO A 2 7.01 27.15 9.60
N PRO A 3 7.55 26.13 8.92
CA PRO A 3 6.78 24.96 8.51
C PRO A 3 6.34 24.13 9.70
N PRO A 4 5.25 23.36 9.56
CA PRO A 4 4.84 22.40 10.58
C PRO A 4 5.91 21.33 10.72
N ALA A 5 6.20 20.91 11.95
CA ALA A 5 7.16 19.85 12.23
C ALA A 5 6.91 19.26 13.62
N ARG A 6 6.32 18.05 13.68
CA ARG A 6 6.18 17.28 14.92
C ARG A 6 6.46 15.79 14.72
N THR A 7 5.99 15.21 13.60
CA THR A 7 5.68 13.79 13.57
C THR A 7 6.18 13.21 12.23
N PRO A 8 6.96 12.11 12.25
CA PRO A 8 7.60 11.59 11.05
C PRO A 8 6.57 11.11 10.02
N CYS A 9 5.51 10.43 10.44
CA CYS A 9 4.45 10.03 9.53
C CYS A 9 3.64 11.20 9.00
N GLN A 10 3.49 12.26 9.80
CA GLN A 10 2.64 13.39 9.42
C GLN A 10 3.31 14.10 8.26
N GLN A 11 4.61 14.41 8.36
CA GLN A 11 5.31 15.11 7.30
C GLN A 11 5.27 14.35 5.98
N GLU A 12 5.32 13.01 6.03
CA GLU A 12 5.31 12.19 4.83
C GLU A 12 3.94 12.21 4.16
N LEU A 13 2.87 12.13 4.95
CA LEU A 13 1.48 12.29 4.50
C LEU A 13 1.28 13.69 3.93
N ASP A 14 1.85 14.68 4.61
CA ASP A 14 1.76 16.10 4.28
C ASP A 14 2.38 16.34 2.90
N GLN A 15 3.57 15.78 2.67
CA GLN A 15 4.24 15.81 1.36
C GLN A 15 3.35 15.21 0.25
N VAL A 16 2.67 14.08 0.49
CA VAL A 16 1.75 13.48 -0.49
C VAL A 16 0.57 14.41 -0.72
N LEU A 17 -0.04 14.93 0.35
CA LEU A 17 -1.26 15.71 0.28
C LEU A 17 -0.98 17.00 -0.49
N GLU A 18 0.16 17.64 -0.21
CA GLU A 18 0.63 18.82 -0.90
C GLU A 18 0.74 18.50 -2.39
N ARG A 19 1.42 17.40 -2.74
CA ARG A 19 1.59 17.00 -4.13
C ARG A 19 0.24 16.81 -4.80
N ILE A 20 -0.72 16.16 -4.16
CA ILE A 20 -2.04 15.95 -4.75
C ILE A 20 -2.62 17.33 -5.10
N SER A 21 -2.61 18.29 -4.18
CA SER A 21 -3.11 19.64 -4.46
C SER A 21 -2.33 20.28 -5.63
N THR A 22 -1.01 20.10 -5.66
CA THR A 22 -0.16 20.64 -6.70
C THR A 22 -0.51 20.03 -8.07
N MET A 23 -0.62 18.70 -8.21
CA MET A 23 -0.98 18.09 -9.49
C MET A 23 -2.43 18.32 -9.94
N ARG A 24 -3.34 18.71 -9.04
CA ARG A 24 -4.73 19.04 -9.39
C ARG A 24 -4.80 20.36 -10.17
N LEU A 25 -4.59 20.28 -11.47
CA LEU A 25 -4.84 21.33 -12.45
C LEU A 25 -5.37 20.64 -13.70
N PRO A 26 -6.63 20.85 -14.11
CA PRO A 26 -7.16 20.27 -15.33
C PRO A 26 -6.51 20.94 -16.53
N ASP A 27 -5.64 20.23 -17.23
CA ASP A 27 -5.00 20.71 -18.45
C ASP A 27 -5.16 19.64 -19.53
N GLU A 28 -5.02 20.06 -20.78
CA GLU A 28 -4.97 19.24 -21.98
C GLU A 28 -3.75 19.77 -22.73
N ARG A 29 -2.57 19.39 -22.25
CA ARG A 29 -1.25 19.75 -22.79
C ARG A 29 -0.22 19.10 -21.87
N GLY A 30 -0.25 19.46 -20.59
CA GLY A 30 0.66 18.99 -19.57
C GLY A 30 0.47 17.49 -19.25
N PRO A 31 1.32 16.92 -18.38
CA PRO A 31 1.16 15.58 -17.85
C PRO A 31 0.03 15.54 -16.81
N LEU A 32 -0.16 14.38 -16.17
CA LEU A 32 -1.24 14.17 -15.20
C LEU A 32 -0.84 13.12 -14.17
N GLU A 33 -1.58 13.03 -13.07
CA GLU A 33 -1.58 11.92 -12.11
C GLU A 33 -3.03 11.64 -11.69
N HIS A 34 -3.74 10.83 -12.49
CA HIS A 34 -5.13 10.42 -12.23
C HIS A 34 -5.15 8.91 -12.42
N LEU A 35 -5.00 8.50 -13.68
CA LEU A 35 -4.79 7.15 -14.18
C LEU A 35 -3.31 6.79 -13.97
N TYR A 36 -2.85 6.97 -12.74
CA TYR A 36 -1.53 6.67 -12.20
C TYR A 36 -1.80 6.16 -10.79
N SER A 37 -1.00 5.20 -10.30
CA SER A 37 -1.30 4.53 -9.04
C SER A 37 -1.09 5.49 -7.85
N LEU A 38 -1.78 5.27 -6.72
CA LEU A 38 -1.85 6.22 -5.62
C LEU A 38 -1.92 5.46 -4.29
N HIS A 39 -1.22 5.97 -3.27
CA HIS A 39 -1.26 5.48 -1.90
C HIS A 39 -1.14 6.65 -0.91
N ILE A 40 -2.03 6.73 0.08
CA ILE A 40 -1.99 7.72 1.16
C ILE A 40 -1.44 7.04 2.41
N PRO A 41 -0.28 7.45 2.97
CA PRO A 41 0.26 6.84 4.17
C PRO A 41 -0.56 7.25 5.38
N ASN A 42 -1.17 6.29 6.08
CA ASN A 42 -1.90 6.56 7.31
C ASN A 42 -0.88 6.83 8.41
N CYS A 43 -0.96 8.04 8.98
CA CYS A 43 -0.07 8.46 10.06
C CYS A 43 -0.83 8.23 11.35
N ASP A 44 -0.25 7.42 12.24
CA ASP A 44 -0.89 7.00 13.46
C ASP A 44 -0.62 7.99 14.60
N LYS A 45 -1.44 7.92 15.65
CA LYS A 45 -1.29 8.69 16.88
C LYS A 45 0.10 8.51 17.48
N HIS A 46 0.69 7.31 17.39
CA HIS A 46 2.03 7.01 17.90
C HIS A 46 3.17 7.53 17.00
N GLY A 47 2.90 8.14 15.85
CA GLY A 47 3.91 8.63 14.91
C GLY A 47 4.54 7.50 14.08
N LEU A 48 4.45 6.26 14.56
CA LEU A 48 4.70 5.04 13.84
C LEU A 48 3.74 4.97 12.65
N TYR A 49 4.23 4.59 11.47
CA TYR A 49 3.39 4.42 10.29
C TYR A 49 2.61 3.10 10.42
N ASN A 50 1.41 3.03 9.83
CA ASN A 50 0.46 1.92 10.06
C ASN A 50 1.03 0.55 9.66
N LEU A 51 0.86 -0.45 10.53
CA LEU A 51 1.33 -1.82 10.39
C LEU A 51 0.90 -2.49 9.09
N LYS A 52 -0.17 -2.06 8.41
CA LYS A 52 -0.46 -2.49 7.05
C LYS A 52 -1.04 -1.36 6.23
N GLN A 53 -0.80 -1.34 4.93
CA GLN A 53 -1.24 -0.30 4.00
C GLN A 53 -1.56 -0.96 2.66
N CYS A 54 -2.41 -0.33 1.84
CA CYS A 54 -2.82 -0.80 0.53
C CYS A 54 -2.56 0.31 -0.50
N LYS A 55 -2.29 -0.07 -1.74
CA LYS A 55 -2.15 0.85 -2.87
C LYS A 55 -3.42 0.76 -3.69
N MET A 56 -3.86 1.87 -4.27
CA MET A 56 -5.00 1.93 -5.16
C MET A 56 -4.46 2.16 -6.57
N SER A 57 -5.13 1.62 -7.58
CA SER A 57 -5.00 2.10 -8.95
C SER A 57 -6.25 1.73 -9.73
N LEU A 58 -6.57 0.43 -9.77
CA LEU A 58 -7.65 -0.12 -10.58
C LEU A 58 -8.98 0.45 -10.10
N ASN A 59 -9.91 0.65 -11.02
CA ASN A 59 -11.31 0.94 -10.73
C ASN A 59 -11.87 -0.23 -9.92
N GLY A 60 -12.07 -0.04 -8.61
CA GLY A 60 -12.81 -0.93 -7.71
C GLY A 60 -12.59 -2.42 -7.94
N GLN A 61 -11.35 -2.87 -8.13
CA GLN A 61 -11.06 -4.28 -8.42
C GLN A 61 -10.52 -5.04 -7.21
N ARG A 62 -9.52 -4.53 -6.49
CA ARG A 62 -8.71 -5.30 -5.53
C ARG A 62 -8.22 -4.42 -4.39
N GLY A 63 -7.78 -5.05 -3.30
CA GLY A 63 -7.09 -4.41 -2.18
C GLY A 63 -5.84 -5.23 -1.88
N GLU A 64 -4.78 -5.07 -2.65
CA GLU A 64 -3.46 -5.57 -2.26
C GLU A 64 -2.95 -4.62 -1.19
N CYS A 65 -2.64 -5.19 -0.03
CA CYS A 65 -1.96 -4.51 1.05
C CYS A 65 -0.57 -5.12 1.21
N TRP A 66 0.26 -4.50 2.03
CA TRP A 66 1.45 -5.10 2.58
C TRP A 66 1.39 -4.83 4.08
N CYS A 67 2.19 -5.52 4.86
CA CYS A 67 2.45 -5.14 6.25
C CYS A 67 3.81 -4.49 6.31
N VAL A 68 4.12 -3.79 7.40
CA VAL A 68 5.46 -3.25 7.62
C VAL A 68 6.05 -3.93 8.85
N ASN A 69 7.36 -3.79 9.09
CA ASN A 69 7.93 -4.02 10.41
C ASN A 69 7.96 -2.67 11.10
N PRO A 70 7.77 -2.61 12.43
CA PRO A 70 7.93 -1.37 13.19
C PRO A 70 9.39 -0.87 13.18
N ASN A 71 10.30 -1.64 12.58
CA ASN A 71 11.71 -1.31 12.45
C ASN A 71 11.91 -0.05 11.62
N THR A 72 11.10 0.13 10.58
CA THR A 72 11.03 1.36 9.81
C THR A 72 9.61 1.91 9.89
N GLY A 73 8.61 1.01 9.85
CA GLY A 73 7.21 1.25 9.55
C GLY A 73 6.95 1.70 8.11
N LYS A 74 7.99 1.91 7.30
CA LYS A 74 7.81 2.23 5.88
C LYS A 74 7.61 0.94 5.11
N LEU A 75 7.19 1.06 3.86
CA LEU A 75 6.91 -0.06 2.96
C LEU A 75 8.05 -1.07 3.02
N ILE A 76 7.76 -2.24 3.57
CA ILE A 76 8.58 -3.41 3.39
C ILE A 76 8.38 -3.92 1.96
N GLN A 77 9.14 -4.96 1.61
CA GLN A 77 9.03 -5.68 0.35
C GLN A 77 9.26 -7.20 0.53
N GLY A 78 9.67 -7.66 1.72
CA GLY A 78 10.10 -9.04 1.95
C GLY A 78 8.97 -10.04 2.18
N ALA A 79 7.71 -9.60 2.25
CA ALA A 79 6.56 -10.49 2.36
C ALA A 79 6.24 -11.22 1.03
N PRO A 80 5.28 -12.17 1.02
CA PRO A 80 4.53 -12.52 -0.19
C PRO A 80 3.71 -11.32 -0.71
N THR A 81 2.95 -11.50 -1.79
CA THR A 81 1.91 -10.55 -2.21
C THR A 81 0.56 -11.00 -1.61
N ILE A 82 -0.47 -10.16 -1.75
CA ILE A 82 -1.70 -10.24 -0.98
C ILE A 82 -2.89 -10.18 -1.94
N ARG A 83 -3.62 -11.29 -2.12
CA ARG A 83 -4.76 -11.37 -3.04
C ARG A 83 -6.13 -11.33 -2.38
N GLY A 84 -6.19 -10.88 -1.13
CA GLY A 84 -7.46 -10.73 -0.45
C GLY A 84 -7.23 -10.31 0.97
N ASP A 85 -6.38 -11.03 1.69
CA ASP A 85 -6.23 -10.85 3.14
C ASP A 85 -4.79 -10.48 3.50
N PRO A 86 -4.55 -9.42 4.32
CA PRO A 86 -3.23 -8.91 4.74
C PRO A 86 -2.42 -9.87 5.64
N GLU A 87 -2.45 -11.15 5.34
CA GLU A 87 -1.95 -12.29 6.09
C GLU A 87 -0.43 -12.47 5.87
N CYS A 88 0.36 -11.51 6.35
CA CYS A 88 1.81 -11.69 6.43
C CYS A 88 2.13 -12.45 7.73
N HIS A 89 3.01 -13.45 7.65
CA HIS A 89 3.69 -14.02 8.80
C HIS A 89 5.09 -14.43 8.38
N LEU A 90 5.25 -15.28 7.37
CA LEU A 90 6.55 -15.78 6.91
C LEU A 90 6.47 -16.03 5.40
N PHE A 91 7.57 -16.48 4.80
CA PHE A 91 7.72 -16.66 3.35
C PHE A 91 8.17 -18.08 2.97
N TYR A 92 8.20 -19.01 3.93
CA TYR A 92 8.83 -20.31 3.79
C TYR A 92 7.89 -21.31 3.12
N ASN A 93 7.81 -21.28 1.78
CA ASN A 93 7.03 -22.25 1.01
C ASN A 93 7.61 -22.41 -0.40
N GLU A 94 8.72 -23.15 -0.51
CA GLU A 94 9.12 -23.76 -1.77
C GLU A 94 8.74 -25.25 -1.69
N GLN A 95 9.67 -26.19 -1.48
CA GLN A 95 9.37 -27.63 -1.63
C GLN A 95 9.87 -28.45 -0.43
N GLN A 96 8.98 -29.26 0.14
CA GLN A 96 9.23 -30.09 1.31
C GLN A 96 9.49 -31.52 0.83
N GLU A 97 10.72 -31.80 0.39
CA GLU A 97 11.09 -33.02 -0.32
C GLU A 97 10.88 -34.29 0.51
N ALA A 98 10.59 -35.39 -0.18
CA ALA A 98 10.68 -36.73 0.38
C ALA A 98 12.16 -37.04 0.65
N ARG A 99 12.54 -37.16 1.93
CA ARG A 99 13.90 -37.31 2.48
C ARG A 99 14.81 -38.40 1.89
N GLY A 100 14.38 -39.19 0.91
CA GLY A 100 15.10 -40.33 0.39
C GLY A 100 14.72 -41.61 1.15
N VAL A 101 14.31 -42.63 0.40
CA VAL A 101 14.09 -44.00 0.88
C VAL A 101 14.58 -45.05 -0.15
N HIS A 102 14.96 -44.59 -1.35
CA HIS A 102 15.24 -45.39 -2.54
C HIS A 102 16.68 -45.95 -2.51
N THR A 103 17.06 -46.71 -1.48
CA THR A 103 18.35 -47.39 -1.46
C THR A 103 18.27 -48.64 -0.59
N GLN A 104 19.24 -49.54 -0.74
CA GLN A 104 19.50 -50.67 0.13
C GLN A 104 20.97 -51.05 -0.07
N ARG A 105 21.74 -51.26 1.01
CA ARG A 105 23.00 -52.00 0.93
C ARG A 105 23.45 -52.36 2.35
N MET A 106 24.42 -53.24 2.42
CA MET A 106 25.32 -53.50 3.53
C MET A 106 26.66 -53.92 2.87
N GLN A 107 27.71 -54.06 3.64
CA GLN A 107 28.99 -54.63 3.26
C GLN A 107 29.40 -55.53 4.41
N GLY A 1 -2.55 27.25 6.69
CA GLY A 1 -1.49 28.22 7.00
C GLY A 1 -0.52 27.57 7.98
N PRO A 2 0.80 27.69 7.76
CA PRO A 2 1.79 26.68 8.14
C PRO A 2 1.75 26.25 9.62
N PRO A 3 1.15 25.09 9.94
CA PRO A 3 1.35 24.46 11.24
C PRO A 3 2.75 23.83 11.29
N PRO A 4 3.42 23.77 12.45
CA PRO A 4 4.69 23.07 12.57
C PRO A 4 4.50 21.56 12.40
N ALA A 5 5.50 20.86 11.87
CA ALA A 5 5.52 19.40 11.84
C ALA A 5 5.76 18.86 13.26
N ARG A 6 5.42 17.58 13.53
CA ARG A 6 5.75 16.95 14.81
C ARG A 6 6.29 15.55 14.62
N THR A 7 5.50 14.61 14.11
CA THR A 7 6.00 13.31 13.71
C THR A 7 6.45 13.42 12.24
N PRO A 8 7.50 12.70 11.80
CA PRO A 8 8.00 12.80 10.44
C PRO A 8 7.06 12.09 9.47
N CYS A 9 6.43 10.98 9.88
CA CYS A 9 5.44 10.30 9.06
C CYS A 9 4.22 11.18 8.76
N GLN A 10 3.85 12.07 9.69
CA GLN A 10 2.82 13.08 9.49
C GLN A 10 3.29 14.07 8.43
N GLN A 11 4.53 14.57 8.55
CA GLN A 11 5.13 15.46 7.57
C GLN A 11 5.13 14.82 6.17
N GLU A 12 5.48 13.53 6.06
CA GLU A 12 5.48 12.77 4.82
C GLU A 12 4.07 12.71 4.25
N LEU A 13 3.07 12.35 5.06
CA LEU A 13 1.67 12.27 4.62
C LEU A 13 1.26 13.60 4.01
N ASP A 14 1.68 14.71 4.62
CA ASP A 14 1.37 16.04 4.10
C ASP A 14 2.18 16.37 2.85
N GLN A 15 3.38 15.82 2.65
CA GLN A 15 4.09 15.93 1.39
C GLN A 15 3.24 15.29 0.28
N VAL A 16 2.66 14.12 0.53
CA VAL A 16 1.79 13.46 -0.44
C VAL A 16 0.52 14.28 -0.66
N LEU A 17 -0.12 14.76 0.40
CA LEU A 17 -1.41 15.42 0.31
C LEU A 17 -1.26 16.70 -0.52
N GLU A 18 -0.23 17.49 -0.21
CA GLU A 18 0.06 18.69 -0.98
C GLU A 18 0.57 18.35 -2.39
N ARG A 19 1.23 17.21 -2.61
CA ARG A 19 1.59 16.75 -3.96
C ARG A 19 0.34 16.51 -4.78
N ILE A 20 -0.62 15.74 -4.25
CA ILE A 20 -1.88 15.45 -4.92
C ILE A 20 -2.59 16.77 -5.20
N SER A 21 -2.58 17.70 -4.25
CA SER A 21 -3.20 19.00 -4.41
C SER A 21 -2.54 19.80 -5.55
N THR A 22 -1.21 19.75 -5.62
CA THR A 22 -0.41 20.47 -6.61
C THR A 22 -0.66 19.90 -8.01
N MET A 23 -0.56 18.57 -8.17
CA MET A 23 -0.67 17.88 -9.45
C MET A 23 -2.12 17.47 -9.77
N ARG A 24 -3.10 18.19 -9.21
CA ARG A 24 -4.50 18.06 -9.55
C ARG A 24 -5.11 19.46 -9.51
N LEU A 25 -4.61 20.37 -10.35
CA LEU A 25 -5.17 21.71 -10.51
C LEU A 25 -4.94 22.19 -11.94
N PRO A 26 -3.71 22.54 -12.37
CA PRO A 26 -3.46 23.14 -13.68
C PRO A 26 -3.60 22.17 -14.85
N ASP A 27 -3.90 20.90 -14.55
CA ASP A 27 -3.89 19.71 -15.40
C ASP A 27 -5.08 19.70 -16.36
N GLU A 28 -5.52 20.87 -16.86
CA GLU A 28 -6.75 21.11 -17.59
C GLU A 28 -6.95 20.11 -18.73
N ARG A 29 -6.16 20.23 -19.80
CA ARG A 29 -6.15 19.33 -20.95
C ARG A 29 -4.70 19.12 -21.34
N GLY A 30 -4.07 18.12 -20.73
CA GLY A 30 -2.68 17.77 -20.96
C GLY A 30 -2.39 16.50 -20.17
N PRO A 31 -1.68 16.59 -19.03
CA PRO A 31 -1.33 15.42 -18.25
C PRO A 31 -2.59 14.82 -17.61
N LEU A 32 -2.56 13.51 -17.36
CA LEU A 32 -3.58 12.80 -16.62
C LEU A 32 -2.90 12.01 -15.51
N GLU A 33 -3.60 11.92 -14.39
CA GLU A 33 -3.37 11.01 -13.27
C GLU A 33 -4.77 10.57 -12.83
N HIS A 34 -5.57 9.99 -13.73
CA HIS A 34 -6.78 9.29 -13.31
C HIS A 34 -6.40 8.02 -12.54
N LEU A 35 -7.40 7.27 -12.09
CA LEU A 35 -7.26 6.32 -11.01
C LEU A 35 -6.51 5.05 -11.43
N TYR A 36 -5.18 5.07 -11.26
CA TYR A 36 -4.23 4.03 -11.70
C TYR A 36 -3.13 3.74 -10.67
N SER A 37 -2.81 4.71 -9.82
CA SER A 37 -1.69 4.66 -8.88
C SER A 37 -1.93 5.65 -7.75
N LEU A 38 -2.78 5.32 -6.79
CA LEU A 38 -2.96 6.13 -5.58
C LEU A 38 -2.57 5.30 -4.37
N HIS A 39 -1.50 5.70 -3.69
CA HIS A 39 -1.14 5.29 -2.34
C HIS A 39 -0.75 6.55 -1.59
N ILE A 40 -1.22 6.68 -0.35
CA ILE A 40 -0.88 7.72 0.62
C ILE A 40 -0.57 6.97 1.93
N PRO A 41 0.48 7.33 2.68
CA PRO A 41 0.79 6.67 3.95
C PRO A 41 -0.26 7.07 5.00
N ASN A 42 -0.49 6.22 5.99
CA ASN A 42 -1.12 6.56 7.25
C ASN A 42 -0.08 6.35 8.34
N CYS A 43 -0.04 7.16 9.39
CA CYS A 43 0.61 6.78 10.64
C CYS A 43 -0.26 7.25 11.80
N ASP A 44 -0.14 6.57 12.94
CA ASP A 44 -0.89 6.96 14.12
C ASP A 44 -0.51 8.37 14.54
N LYS A 45 -1.42 9.07 15.21
CA LYS A 45 -1.09 10.36 15.82
C LYS A 45 -0.06 10.17 16.92
N HIS A 46 0.02 8.97 17.49
CA HIS A 46 1.05 8.56 18.44
C HIS A 46 2.42 8.37 17.77
N GLY A 47 2.48 8.14 16.46
CA GLY A 47 3.71 7.89 15.71
C GLY A 47 3.99 6.39 15.53
N LEU A 48 2.95 5.55 15.66
CA LEU A 48 3.00 4.13 15.36
C LEU A 48 2.94 3.97 13.84
N TYR A 49 3.97 3.34 13.26
CA TYR A 49 4.16 3.08 11.83
C TYR A 49 4.32 1.55 11.65
N ASN A 50 3.43 0.77 12.27
CA ASN A 50 3.37 -0.70 12.23
C ASN A 50 2.22 -1.20 11.36
N LEU A 51 1.64 -0.30 10.57
CA LEU A 51 0.32 -0.46 10.00
C LEU A 51 0.43 -1.12 8.62
N LYS A 52 -0.72 -1.38 8.02
CA LYS A 52 -0.84 -1.94 6.70
C LYS A 52 -1.29 -0.84 5.77
N GLN A 53 -0.87 -0.91 4.52
CA GLN A 53 -1.10 0.08 3.49
C GLN A 53 -1.62 -0.71 2.29
N CYS A 54 -2.38 -0.06 1.40
CA CYS A 54 -2.83 -0.62 0.14
C CYS A 54 -2.57 0.38 -0.96
N LYS A 55 -2.66 -0.05 -2.22
CA LYS A 55 -2.65 0.83 -3.38
C LYS A 55 -4.00 0.70 -4.06
N MET A 56 -4.44 1.78 -4.69
CA MET A 56 -5.59 1.83 -5.54
C MET A 56 -5.08 1.92 -6.97
N SER A 57 -5.67 1.11 -7.83
CA SER A 57 -5.59 1.24 -9.28
C SER A 57 -7.02 1.04 -9.77
N LEU A 58 -7.46 -0.20 -10.03
CA LEU A 58 -8.78 -0.58 -10.57
C LEU A 58 -9.89 0.37 -10.13
N ASN A 59 -10.18 0.40 -8.84
CA ASN A 59 -10.95 1.41 -8.15
C ASN A 59 -10.50 1.34 -6.68
N GLY A 60 -11.04 2.20 -5.82
CA GLY A 60 -10.91 2.04 -4.38
C GLY A 60 -11.96 1.03 -3.95
N GLN A 61 -11.60 -0.25 -3.95
CA GLN A 61 -12.47 -1.35 -3.55
C GLN A 61 -11.70 -2.20 -2.53
N ARG A 62 -10.68 -2.94 -2.98
CA ARG A 62 -9.86 -3.84 -2.18
C ARG A 62 -8.39 -3.66 -2.59
N GLY A 63 -8.04 -4.00 -3.83
CA GLY A 63 -6.68 -3.82 -4.36
C GLY A 63 -5.65 -4.70 -3.65
N GLU A 64 -4.37 -4.45 -3.93
CA GLU A 64 -3.28 -5.08 -3.20
C GLU A 64 -2.98 -4.27 -1.94
N CYS A 65 -2.59 -4.97 -0.87
CA CYS A 65 -2.25 -4.43 0.44
C CYS A 65 -1.02 -5.16 0.98
N TRP A 66 -0.23 -4.49 1.81
CA TRP A 66 0.98 -5.00 2.46
C TRP A 66 1.05 -4.46 3.88
N CYS A 67 1.97 -4.99 4.69
CA CYS A 67 2.20 -4.69 6.10
C CYS A 67 3.59 -4.08 6.22
N VAL A 68 3.76 -2.95 6.92
CA VAL A 68 5.08 -2.40 7.20
C VAL A 68 5.26 -2.37 8.72
N ASN A 69 6.36 -2.94 9.19
CA ASN A 69 6.92 -2.63 10.49
C ASN A 69 7.54 -1.23 10.43
N PRO A 70 7.73 -0.56 11.58
CA PRO A 70 8.45 0.70 11.64
C PRO A 70 9.95 0.55 11.42
N ASN A 71 10.43 -0.69 11.21
CA ASN A 71 11.84 -1.05 11.20
C ASN A 71 12.62 -0.30 10.11
N THR A 72 11.97 0.03 8.99
CA THR A 72 12.53 0.99 8.03
C THR A 72 11.59 2.18 7.85
N GLY A 73 10.28 1.99 8.01
CA GLY A 73 9.30 3.05 7.87
C GLY A 73 8.88 3.26 6.41
N LYS A 74 8.86 2.22 5.59
CA LYS A 74 8.51 2.33 4.17
C LYS A 74 7.92 1.02 3.68
N LEU A 75 7.20 1.05 2.56
CA LEU A 75 6.78 -0.09 1.75
C LEU A 75 7.91 -1.09 1.60
N ILE A 76 7.65 -2.32 1.98
CA ILE A 76 8.50 -3.49 1.82
C ILE A 76 7.87 -4.48 0.84
N GLN A 77 8.22 -4.34 -0.44
CA GLN A 77 7.87 -5.22 -1.56
C GLN A 77 8.50 -6.62 -1.45
N GLY A 78 8.68 -7.16 -0.24
CA GLY A 78 9.45 -8.38 -0.02
C GLY A 78 8.89 -9.57 -0.77
N ALA A 79 7.57 -9.63 -0.96
CA ALA A 79 6.89 -10.66 -1.75
C ALA A 79 6.27 -10.04 -3.02
N PRO A 80 5.85 -10.83 -4.02
CA PRO A 80 5.43 -10.29 -5.32
C PRO A 80 3.95 -9.89 -5.37
N THR A 81 3.05 -10.80 -4.99
CA THR A 81 1.61 -10.55 -4.91
C THR A 81 1.10 -11.19 -3.61
N ILE A 82 0.04 -10.62 -3.01
CA ILE A 82 -0.55 -11.03 -1.74
C ILE A 82 -2.04 -11.23 -1.99
N ARG A 83 -2.66 -12.16 -1.25
CA ARG A 83 -4.10 -12.48 -1.33
C ARG A 83 -5.04 -11.36 -0.85
N GLY A 84 -4.57 -10.13 -0.68
CA GLY A 84 -5.36 -9.00 -0.19
C GLY A 84 -5.46 -8.96 1.32
N ASP A 85 -4.93 -9.98 2.00
CA ASP A 85 -4.81 -10.08 3.45
C ASP A 85 -3.33 -10.22 3.75
N PRO A 86 -2.62 -9.14 4.12
CA PRO A 86 -1.18 -9.15 4.25
C PRO A 86 -0.75 -9.62 5.63
N GLU A 87 -1.09 -10.86 6.01
CA GLU A 87 -0.56 -11.47 7.23
C GLU A 87 0.97 -11.42 7.16
N CYS A 88 1.58 -10.70 8.09
CA CYS A 88 3.01 -10.55 8.30
C CYS A 88 3.34 -11.27 9.60
N HIS A 89 4.35 -12.13 9.58
CA HIS A 89 4.76 -12.92 10.74
C HIS A 89 6.19 -13.41 10.57
N LEU A 90 6.44 -14.31 9.61
CA LEU A 90 7.76 -14.85 9.26
C LEU A 90 7.92 -14.82 7.76
N PHE A 91 9.15 -15.07 7.28
CA PHE A 91 9.57 -14.78 5.91
C PHE A 91 10.58 -15.83 5.41
N TYR A 92 10.57 -17.05 5.95
CA TYR A 92 11.55 -18.09 5.62
C TYR A 92 10.95 -19.25 4.83
N ASN A 93 9.64 -19.37 4.79
CA ASN A 93 8.84 -20.45 4.20
C ASN A 93 7.39 -20.08 4.43
N GLU A 94 6.45 -20.87 3.93
CA GLU A 94 5.08 -20.87 4.43
C GLU A 94 4.76 -22.34 4.67
N GLN A 95 4.31 -23.05 3.65
CA GLN A 95 4.30 -24.51 3.61
C GLN A 95 4.64 -24.94 2.19
N GLN A 96 5.04 -26.20 2.03
CA GLN A 96 5.03 -26.85 0.75
C GLN A 96 3.73 -27.65 0.64
N GLU A 97 3.02 -27.44 -0.45
CA GLU A 97 1.90 -28.23 -0.93
C GLU A 97 2.26 -28.71 -2.34
N ALA A 98 1.45 -29.60 -2.92
CA ALA A 98 1.57 -30.06 -4.28
C ALA A 98 0.19 -30.01 -4.92
N ARG A 99 0.01 -29.19 -5.95
CA ARG A 99 -1.28 -28.90 -6.58
C ARG A 99 -2.04 -30.15 -7.05
N GLY A 100 -1.32 -31.22 -7.37
CA GLY A 100 -1.87 -32.43 -7.99
C GLY A 100 -1.47 -32.45 -9.46
N VAL A 101 -0.27 -32.93 -9.76
CA VAL A 101 0.18 -33.12 -11.14
C VAL A 101 -0.44 -34.40 -11.71
N HIS A 102 -1.74 -34.37 -12.00
CA HIS A 102 -2.44 -35.50 -12.58
C HIS A 102 -3.36 -34.95 -13.66
N THR A 103 -3.23 -35.48 -14.88
CA THR A 103 -4.08 -35.13 -16.00
C THR A 103 -4.60 -36.42 -16.66
N GLN A 104 -5.61 -36.31 -17.52
CA GLN A 104 -6.23 -37.42 -18.23
C GLN A 104 -6.85 -36.87 -19.52
N ARG A 105 -7.23 -37.76 -20.44
CA ARG A 105 -8.11 -37.50 -21.58
C ARG A 105 -8.89 -38.78 -21.84
N MET A 106 -9.97 -38.70 -22.61
CA MET A 106 -10.74 -39.87 -23.05
C MET A 106 -10.20 -40.29 -24.42
N GLN A 107 -11.02 -40.95 -25.25
CA GLN A 107 -10.82 -40.93 -26.69
C GLN A 107 -11.08 -39.49 -27.17
N GLY A 1 -9.88 21.16 12.54
CA GLY A 1 -9.77 20.93 11.09
C GLY A 1 -8.79 19.80 10.81
N PRO A 2 -7.68 20.05 10.09
CA PRO A 2 -6.66 19.04 9.86
C PRO A 2 -6.17 18.45 11.20
N PRO A 3 -5.79 17.16 11.24
CA PRO A 3 -5.39 16.48 12.46
C PRO A 3 -4.03 17.01 12.94
N PRO A 4 -3.66 16.80 14.21
CA PRO A 4 -2.39 17.29 14.72
C PRO A 4 -1.21 16.51 14.15
N ALA A 5 -0.64 17.09 13.10
CA ALA A 5 0.50 16.57 12.35
C ALA A 5 1.75 16.76 13.19
N ARG A 6 2.00 15.84 14.13
CA ARG A 6 3.11 15.94 15.09
C ARG A 6 4.03 14.73 15.02
N THR A 7 4.24 14.21 13.82
CA THR A 7 5.17 13.12 13.54
C THR A 7 5.87 13.42 12.20
N PRO A 8 7.07 12.85 11.92
CA PRO A 8 7.72 13.06 10.63
C PRO A 8 6.88 12.44 9.51
N CYS A 9 6.31 11.25 9.74
CA CYS A 9 5.39 10.62 8.81
C CYS A 9 4.19 11.51 8.46
N GLN A 10 3.72 12.34 9.39
CA GLN A 10 2.64 13.28 9.11
C GLN A 10 3.12 14.34 8.14
N GLN A 11 4.34 14.88 8.32
CA GLN A 11 4.90 15.86 7.40
C GLN A 11 5.14 15.25 6.01
N GLU A 12 5.46 13.96 5.93
CA GLU A 12 5.60 13.26 4.67
C GLU A 12 4.25 13.04 4.01
N LEU A 13 3.25 12.56 4.75
CA LEU A 13 1.88 12.39 4.29
C LEU A 13 1.36 13.71 3.74
N ASP A 14 1.70 14.81 4.42
CA ASP A 14 1.28 16.17 4.07
C ASP A 14 1.93 16.58 2.74
N GLN A 15 3.20 16.20 2.52
CA GLN A 15 3.86 16.33 1.23
C GLN A 15 3.10 15.56 0.15
N VAL A 16 2.69 14.30 0.37
CA VAL A 16 1.93 13.54 -0.63
C VAL A 16 0.62 14.27 -0.94
N LEU A 17 -0.11 14.71 0.09
CA LEU A 17 -1.45 15.25 -0.09
C LEU A 17 -1.37 16.56 -0.86
N GLU A 18 -0.45 17.44 -0.47
CA GLU A 18 -0.25 18.69 -1.19
C GLU A 18 0.15 18.38 -2.62
N ARG A 19 1.06 17.41 -2.83
CA ARG A 19 1.49 17.05 -4.17
C ARG A 19 0.35 16.56 -5.05
N ILE A 20 -0.63 15.84 -4.52
CA ILE A 20 -1.77 15.38 -5.32
C ILE A 20 -2.59 16.58 -5.82
N SER A 21 -2.72 17.65 -5.02
CA SER A 21 -3.39 18.88 -5.47
C SER A 21 -2.48 19.69 -6.40
N THR A 22 -1.20 19.82 -6.06
CA THR A 22 -0.24 20.65 -6.78
C THR A 22 0.03 20.05 -8.18
N MET A 23 0.18 18.73 -8.32
CA MET A 23 0.26 18.02 -9.60
C MET A 23 -1.13 17.57 -10.09
N ARG A 24 -2.14 18.43 -10.02
CA ARG A 24 -3.46 18.25 -10.67
C ARG A 24 -3.34 18.46 -12.20
N LEU A 25 -2.68 17.55 -12.88
CA LEU A 25 -2.56 17.60 -14.34
C LEU A 25 -3.96 17.36 -14.94
N PRO A 26 -4.54 18.32 -15.69
CA PRO A 26 -5.91 18.21 -16.19
C PRO A 26 -5.99 17.24 -17.37
N ASP A 27 -5.41 17.57 -18.53
CA ASP A 27 -5.32 16.72 -19.72
C ASP A 27 -4.22 17.27 -20.63
N GLU A 28 -4.39 18.49 -21.14
CA GLU A 28 -3.51 19.18 -22.10
C GLU A 28 -2.04 19.16 -21.67
N ARG A 29 -1.83 19.25 -20.36
CA ARG A 29 -0.58 19.56 -19.68
C ARG A 29 0.40 18.38 -19.71
N GLY A 30 -0.03 17.23 -20.20
CA GLY A 30 0.69 15.97 -20.19
C GLY A 30 -0.38 14.86 -20.17
N PRO A 31 -1.00 14.53 -21.31
CA PRO A 31 -2.09 13.57 -21.39
C PRO A 31 -1.51 12.16 -21.21
N LEU A 32 -1.53 11.68 -19.98
CA LEU A 32 -0.96 10.41 -19.53
C LEU A 32 -1.92 9.88 -18.48
N GLU A 33 -2.24 8.59 -18.52
CA GLU A 33 -3.32 7.99 -17.71
C GLU A 33 -2.97 6.54 -17.32
N HIS A 34 -1.67 6.25 -17.21
CA HIS A 34 -1.13 4.90 -17.12
C HIS A 34 -0.24 4.74 -15.87
N LEU A 35 0.97 5.31 -15.89
CA LEU A 35 1.92 5.37 -14.78
C LEU A 35 1.37 6.26 -13.67
N TYR A 36 0.61 5.67 -12.75
CA TYR A 36 -0.08 6.33 -11.66
C TYR A 36 -0.06 5.35 -10.50
N SER A 37 0.06 5.86 -9.27
CA SER A 37 0.16 5.04 -8.08
C SER A 37 -0.15 5.91 -6.87
N LEU A 38 -1.29 5.68 -6.20
CA LEU A 38 -1.63 6.36 -4.95
C LEU A 38 -1.21 5.45 -3.81
N HIS A 39 -0.25 5.90 -2.99
CA HIS A 39 0.03 5.33 -1.69
C HIS A 39 -0.06 6.46 -0.66
N ILE A 40 -0.80 6.21 0.42
CA ILE A 40 -1.19 7.16 1.44
C ILE A 40 -0.89 6.49 2.80
N PRO A 41 0.24 6.78 3.48
CA PRO A 41 0.58 6.19 4.76
C PRO A 41 -0.19 6.84 5.92
N ASN A 42 -1.00 6.06 6.65
CA ASN A 42 -1.48 6.46 7.97
C ASN A 42 -0.38 6.22 8.99
N CYS A 43 -0.19 7.16 9.92
CA CYS A 43 0.57 7.03 11.15
C CYS A 43 -0.33 7.56 12.27
N ASP A 44 -0.47 6.79 13.34
CA ASP A 44 -1.38 7.16 14.44
C ASP A 44 -0.76 8.32 15.23
N LYS A 45 -1.52 8.93 16.14
CA LYS A 45 -1.02 10.07 16.93
C LYS A 45 0.04 9.68 17.95
N HIS A 46 0.03 8.42 18.37
CA HIS A 46 1.02 7.76 19.20
C HIS A 46 1.86 6.78 18.38
N GLY A 47 1.42 6.49 17.16
CA GLY A 47 2.05 5.59 16.23
C GLY A 47 3.03 6.37 15.38
N LEU A 48 3.76 5.65 14.55
CA LEU A 48 4.89 6.19 13.80
C LEU A 48 4.69 5.96 12.32
N TYR A 49 4.18 4.78 11.96
CA TYR A 49 3.82 4.34 10.62
C TYR A 49 3.06 3.02 10.74
N ASN A 50 1.95 2.83 10.02
CA ASN A 50 1.17 1.59 10.12
C ASN A 50 1.98 0.35 9.72
N LEU A 51 1.59 -0.82 10.25
CA LEU A 51 2.14 -2.14 10.04
C LEU A 51 1.58 -2.79 8.77
N LYS A 52 0.58 -2.20 8.14
CA LYS A 52 0.01 -2.61 6.86
C LYS A 52 -0.28 -1.36 6.04
N GLN A 53 -0.34 -1.48 4.72
CA GLN A 53 -0.62 -0.36 3.82
C GLN A 53 -1.36 -0.92 2.62
N CYS A 54 -2.10 -0.05 1.91
CA CYS A 54 -2.72 -0.36 0.63
C CYS A 54 -2.15 0.55 -0.45
N LYS A 55 -2.47 0.23 -1.71
CA LYS A 55 -2.20 1.05 -2.89
C LYS A 55 -3.49 1.17 -3.67
N MET A 56 -3.66 2.24 -4.44
CA MET A 56 -4.80 2.40 -5.33
C MET A 56 -4.29 2.86 -6.70
N SER A 57 -4.55 2.05 -7.72
CA SER A 57 -4.62 2.43 -9.12
C SER A 57 -5.68 1.50 -9.73
N LEU A 58 -6.90 2.02 -9.85
CA LEU A 58 -8.11 1.36 -10.34
C LEU A 58 -9.22 2.42 -10.26
N ASN A 59 -9.92 2.48 -9.14
CA ASN A 59 -11.02 3.38 -8.83
C ASN A 59 -10.90 3.76 -7.35
N GLY A 60 -11.50 4.87 -6.93
CA GLY A 60 -11.38 5.45 -5.59
C GLY A 60 -12.13 4.71 -4.48
N GLN A 61 -11.90 3.40 -4.37
CA GLN A 61 -12.30 2.55 -3.24
C GLN A 61 -11.03 1.88 -2.69
N ARG A 62 -11.16 0.89 -1.78
CA ARG A 62 -10.04 0.06 -1.36
C ARG A 62 -9.39 -0.56 -2.60
N GLY A 63 -8.07 -0.70 -2.57
CA GLY A 63 -7.29 -1.59 -3.40
C GLY A 63 -6.58 -2.58 -2.48
N GLU A 64 -5.67 -3.38 -3.04
CA GLU A 64 -4.95 -4.41 -2.29
C GLU A 64 -4.10 -3.77 -1.19
N CYS A 65 -3.93 -4.51 -0.07
CA CYS A 65 -3.03 -4.18 1.02
C CYS A 65 -1.89 -5.21 1.13
N TRP A 66 -0.93 -4.94 2.00
CA TRP A 66 0.12 -5.86 2.40
C TRP A 66 0.63 -5.39 3.77
N CYS A 67 1.47 -6.19 4.44
CA CYS A 67 2.04 -5.84 5.73
C CYS A 67 3.48 -5.38 5.54
N VAL A 68 4.01 -4.57 6.46
CA VAL A 68 5.35 -4.01 6.33
C VAL A 68 6.24 -4.60 7.41
N ASN A 69 7.52 -4.79 7.11
CA ASN A 69 8.52 -5.14 8.10
C ASN A 69 9.23 -3.90 8.66
N PRO A 70 9.72 -2.95 7.84
CA PRO A 70 10.38 -1.74 8.36
C PRO A 70 9.35 -0.70 8.80
N ASN A 71 9.71 0.16 9.74
CA ASN A 71 8.88 1.29 10.20
C ASN A 71 8.73 2.37 9.13
N THR A 72 9.50 2.29 8.06
CA THR A 72 9.38 3.19 6.91
C THR A 72 8.19 2.75 6.04
N GLY A 73 7.53 1.64 6.43
CA GLY A 73 6.31 1.10 5.88
C GLY A 73 6.37 0.98 4.37
N LYS A 74 7.39 0.27 3.90
CA LYS A 74 7.62 -0.03 2.49
C LYS A 74 7.62 -1.54 2.30
N LEU A 75 7.00 -2.02 1.22
CA LEU A 75 6.95 -3.43 0.83
C LEU A 75 8.36 -3.97 0.77
N ILE A 76 8.68 -4.99 1.58
CA ILE A 76 10.02 -5.59 1.60
C ILE A 76 10.03 -6.86 0.76
N GLN A 77 9.31 -7.90 1.19
CA GLN A 77 9.22 -9.19 0.49
C GLN A 77 8.01 -9.93 1.02
N GLY A 78 8.00 -10.27 2.32
CA GLY A 78 6.96 -11.08 2.95
C GLY A 78 5.60 -10.39 3.02
N ALA A 79 5.52 -9.11 2.63
CA ALA A 79 4.30 -8.43 2.18
C ALA A 79 3.52 -9.37 1.23
N PRO A 80 2.41 -9.98 1.66
CA PRO A 80 1.68 -10.91 0.81
C PRO A 80 0.86 -10.17 -0.24
N THR A 81 0.16 -10.93 -1.08
CA THR A 81 -1.04 -10.46 -1.76
C THR A 81 -2.13 -10.44 -0.68
N ILE A 82 -2.97 -9.40 -0.65
CA ILE A 82 -4.21 -9.39 0.10
C ILE A 82 -5.32 -9.22 -0.92
N ARG A 83 -6.33 -10.07 -0.80
CA ARG A 83 -7.58 -9.94 -1.52
C ARG A 83 -8.68 -10.18 -0.52
N GLY A 84 -9.11 -9.13 0.19
CA GLY A 84 -10.40 -9.09 0.87
C GLY A 84 -10.23 -8.72 2.33
N ASP A 85 -9.45 -9.50 3.08
CA ASP A 85 -9.18 -9.25 4.51
C ASP A 85 -7.67 -9.10 4.70
N PRO A 86 -7.13 -7.86 4.86
CA PRO A 86 -5.75 -7.63 5.25
C PRO A 86 -5.46 -8.26 6.61
N GLU A 87 -4.94 -9.49 6.56
CA GLU A 87 -4.64 -10.38 7.67
C GLU A 87 -3.45 -11.23 7.21
N CYS A 88 -2.22 -10.70 7.29
CA CYS A 88 -1.01 -11.43 6.88
C CYS A 88 -0.59 -12.33 8.04
N HIS A 89 -0.13 -13.56 7.78
CA HIS A 89 0.18 -14.50 8.84
C HIS A 89 1.41 -15.37 8.49
N LEU A 90 2.04 -15.95 9.53
CA LEU A 90 3.09 -16.95 9.39
C LEU A 90 2.89 -18.18 10.29
N PHE A 91 1.92 -18.19 11.21
CA PHE A 91 1.69 -19.35 12.09
C PHE A 91 0.87 -20.47 11.43
N TYR A 92 0.44 -20.28 10.18
CA TYR A 92 -0.30 -21.25 9.40
C TYR A 92 0.62 -22.42 9.04
N ASN A 93 0.50 -23.50 9.81
CA ASN A 93 0.74 -24.89 9.43
C ASN A 93 -0.22 -25.77 10.23
N GLU A 94 -0.54 -26.97 9.74
CA GLU A 94 -1.33 -27.95 10.49
C GLU A 94 -1.06 -29.36 9.97
N GLN A 95 -1.78 -29.83 8.93
CA GLN A 95 -1.66 -31.20 8.44
C GLN A 95 -0.27 -31.45 7.85
N GLN A 96 0.30 -32.61 8.18
CA GLN A 96 1.64 -33.03 7.80
C GLN A 96 1.62 -34.29 6.91
N GLU A 97 0.52 -35.03 6.90
CA GLU A 97 0.29 -36.23 6.08
C GLU A 97 -1.25 -36.40 6.00
N ALA A 98 -1.73 -37.32 5.18
CA ALA A 98 -3.14 -37.63 4.98
C ALA A 98 -3.24 -39.08 4.51
N ARG A 99 -2.94 -40.02 5.42
CA ARG A 99 -2.62 -41.41 5.11
C ARG A 99 -3.86 -42.23 4.72
N GLY A 100 -4.43 -41.97 3.56
CA GLY A 100 -5.60 -42.66 3.02
C GLY A 100 -6.81 -41.75 3.09
N VAL A 101 -6.90 -40.80 2.17
CA VAL A 101 -8.07 -39.92 2.02
C VAL A 101 -9.22 -40.77 1.46
N HIS A 102 -10.01 -41.39 2.34
CA HIS A 102 -11.21 -42.14 2.00
C HIS A 102 -12.26 -41.17 1.44
N THR A 103 -12.25 -40.94 0.13
CA THR A 103 -13.17 -40.02 -0.53
C THR A 103 -14.58 -40.61 -0.49
N GLN A 104 -15.42 -40.06 0.38
CA GLN A 104 -16.87 -40.26 0.39
C GLN A 104 -17.49 -38.86 0.25
N ARG A 105 -18.81 -38.73 0.28
CA ARG A 105 -19.49 -37.43 0.36
C ARG A 105 -20.42 -37.46 1.56
N MET A 106 -21.49 -38.24 1.48
CA MET A 106 -22.24 -38.73 2.62
C MET A 106 -22.43 -40.23 2.38
N GLN A 107 -22.91 -40.95 3.38
CA GLN A 107 -23.28 -42.35 3.36
C GLN A 107 -24.40 -42.47 4.40
N GLY A 1 -3.31 29.45 11.91
CA GLY A 1 -2.51 28.89 10.83
C GLY A 1 -2.56 27.37 10.85
N PRO A 2 -1.79 26.70 9.97
CA PRO A 2 -1.55 25.27 10.06
C PRO A 2 -0.80 24.92 11.36
N PRO A 3 -0.82 23.66 11.82
CA PRO A 3 -0.08 23.23 12.99
C PRO A 3 1.42 23.16 12.68
N PRO A 4 2.31 23.17 13.69
CA PRO A 4 3.73 23.01 13.45
C PRO A 4 4.04 21.54 13.16
N ALA A 5 5.12 21.28 12.43
CA ALA A 5 5.66 19.94 12.27
C ALA A 5 6.12 19.43 13.64
N ARG A 6 5.71 18.21 14.02
CA ARG A 6 6.10 17.60 15.30
C ARG A 6 6.72 16.21 15.17
N THR A 7 6.52 15.51 14.04
CA THR A 7 6.79 14.09 13.89
C THR A 7 7.06 13.82 12.39
N PRO A 8 8.07 13.02 12.01
CA PRO A 8 8.49 12.91 10.62
C PRO A 8 7.41 12.27 9.75
N CYS A 9 6.72 11.24 10.24
CA CYS A 9 5.67 10.58 9.50
C CYS A 9 4.52 11.53 9.12
N GLN A 10 4.24 12.54 9.98
CA GLN A 10 3.24 13.54 9.67
C GLN A 10 3.69 14.25 8.39
N GLN A 11 4.95 14.70 8.35
CA GLN A 11 5.50 15.47 7.25
C GLN A 11 5.52 14.63 5.96
N GLU A 12 5.80 13.33 6.07
CA GLU A 12 5.75 12.44 4.92
C GLU A 12 4.34 12.36 4.34
N LEU A 13 3.34 12.10 5.18
CA LEU A 13 1.94 11.97 4.77
C LEU A 13 1.47 13.30 4.17
N ASP A 14 1.83 14.37 4.86
CA ASP A 14 1.35 15.72 4.61
C ASP A 14 1.87 16.21 3.25
N GLN A 15 3.10 15.83 2.87
CA GLN A 15 3.67 16.14 1.57
C GLN A 15 2.90 15.46 0.44
N VAL A 16 2.56 14.17 0.57
CA VAL A 16 1.81 13.45 -0.46
C VAL A 16 0.45 14.14 -0.65
N LEU A 17 -0.17 14.53 0.46
CA LEU A 17 -1.50 15.11 0.48
C LEU A 17 -1.50 16.45 -0.23
N GLU A 18 -0.52 17.30 0.07
CA GLU A 18 -0.34 18.61 -0.57
C GLU A 18 0.08 18.44 -2.04
N ARG A 19 0.79 17.35 -2.36
CA ARG A 19 1.11 17.02 -3.74
C ARG A 19 -0.15 16.67 -4.53
N ILE A 20 -1.10 15.92 -3.95
CA ILE A 20 -2.41 15.73 -4.58
C ILE A 20 -3.13 17.08 -4.70
N SER A 21 -2.93 18.02 -3.78
CA SER A 21 -3.54 19.34 -3.90
C SER A 21 -2.95 20.10 -5.10
N THR A 22 -1.64 20.01 -5.28
CA THR A 22 -0.94 20.72 -6.34
C THR A 22 -1.28 20.09 -7.70
N MET A 23 -1.18 18.76 -7.82
CA MET A 23 -1.32 18.04 -9.08
C MET A 23 -2.61 17.23 -9.08
N ARG A 24 -3.70 17.79 -9.62
CA ARG A 24 -5.01 17.13 -9.70
C ARG A 24 -5.99 17.80 -10.70
N LEU A 25 -5.51 18.52 -11.72
CA LEU A 25 -6.36 19.34 -12.58
C LEU A 25 -6.15 18.90 -14.03
N PRO A 26 -7.22 18.61 -14.80
CA PRO A 26 -7.11 17.89 -16.05
C PRO A 26 -6.44 18.75 -17.13
N ASP A 27 -5.17 18.46 -17.40
CA ASP A 27 -4.46 18.89 -18.60
C ASP A 27 -4.40 17.71 -19.54
N GLU A 28 -3.85 17.90 -20.74
CA GLU A 28 -3.87 16.89 -21.77
C GLU A 28 -2.66 15.95 -21.66
N ARG A 29 -1.58 16.42 -21.00
CA ARG A 29 -0.31 15.71 -20.89
C ARG A 29 0.50 16.28 -19.69
N GLY A 30 -0.19 16.71 -18.64
CA GLY A 30 0.37 17.42 -17.52
C GLY A 30 0.59 16.48 -16.34
N PRO A 31 -0.23 16.54 -15.28
CA PRO A 31 -0.04 15.81 -14.04
C PRO A 31 -0.43 14.33 -14.18
N LEU A 32 -0.29 13.57 -13.10
CA LEU A 32 -1.10 12.37 -12.91
C LEU A 32 -2.57 12.78 -12.88
N GLU A 33 -3.46 11.83 -13.12
CA GLU A 33 -4.89 12.10 -13.28
C GLU A 33 -5.65 11.21 -12.29
N HIS A 34 -6.03 9.99 -12.67
CA HIS A 34 -6.81 9.06 -11.83
C HIS A 34 -6.13 7.69 -11.80
N LEU A 35 -6.02 7.03 -12.97
CA LEU A 35 -5.59 5.63 -13.14
C LEU A 35 -4.09 5.39 -12.85
N TYR A 36 -3.44 6.36 -12.22
CA TYR A 36 -2.05 6.36 -11.83
C TYR A 36 -1.87 5.72 -10.44
N SER A 37 -0.63 5.62 -9.99
CA SER A 37 -0.23 5.02 -8.73
C SER A 37 -0.67 5.92 -7.57
N LEU A 38 -1.83 5.68 -6.94
CA LEU A 38 -2.26 6.40 -5.74
C LEU A 38 -1.83 5.57 -4.53
N HIS A 39 -1.05 6.17 -3.63
CA HIS A 39 -0.66 5.57 -2.36
C HIS A 39 -0.69 6.66 -1.28
N ILE A 40 -1.47 6.42 -0.22
CA ILE A 40 -1.76 7.35 0.85
C ILE A 40 -1.19 6.72 2.15
N PRO A 41 0.00 7.12 2.60
CA PRO A 41 0.72 6.46 3.67
C PRO A 41 0.28 6.99 5.05
N ASN A 42 -0.64 6.27 5.71
CA ASN A 42 -1.24 6.69 6.97
C ASN A 42 -0.23 6.57 8.11
N CYS A 43 -0.24 7.52 9.04
CA CYS A 43 0.48 7.44 10.30
C CYS A 43 -0.45 7.87 11.43
N ASP A 44 -0.21 7.34 12.62
CA ASP A 44 -0.96 7.64 13.83
C ASP A 44 -0.56 9.02 14.35
N LYS A 45 -1.42 9.62 15.18
CA LYS A 45 -1.05 10.80 15.97
C LYS A 45 0.14 10.54 16.90
N HIS A 46 0.47 9.27 17.14
CA HIS A 46 1.53 8.82 18.02
C HIS A 46 2.87 8.72 17.29
N GLY A 47 2.87 8.77 15.95
CA GLY A 47 4.04 8.52 15.12
C GLY A 47 4.27 7.05 14.81
N LEU A 48 3.41 6.15 15.31
CA LEU A 48 3.54 4.72 15.10
C LEU A 48 3.24 4.41 13.64
N TYR A 49 4.02 3.49 13.05
CA TYR A 49 4.10 3.29 11.61
C TYR A 49 4.13 1.79 11.30
N ASN A 50 3.07 1.08 11.71
CA ASN A 50 3.04 -0.37 11.85
C ASN A 50 1.66 -0.96 11.48
N LEU A 51 0.97 -0.34 10.52
CA LEU A 51 -0.31 -0.80 9.99
C LEU A 51 -0.07 -1.64 8.74
N LYS A 52 -0.97 -1.52 7.77
CA LYS A 52 -1.05 -2.21 6.51
C LYS A 52 -1.48 -1.15 5.52
N GLN A 53 -0.97 -1.18 4.30
CA GLN A 53 -1.23 -0.19 3.25
C GLN A 53 -1.57 -0.95 1.98
N CYS A 54 -2.03 -0.24 0.94
CA CYS A 54 -2.47 -0.81 -0.32
C CYS A 54 -2.01 0.04 -1.49
N LYS A 55 -1.90 -0.56 -2.69
CA LYS A 55 -1.53 0.14 -3.91
C LYS A 55 -2.83 0.31 -4.70
N MET A 56 -3.31 1.55 -4.85
CA MET A 56 -4.48 1.85 -5.67
C MET A 56 -3.99 2.12 -7.09
N SER A 57 -4.78 1.67 -8.08
CA SER A 57 -4.61 2.01 -9.48
C SER A 57 -5.98 1.89 -10.16
N LEU A 58 -6.66 0.74 -10.00
CA LEU A 58 -7.99 0.48 -10.53
C LEU A 58 -8.98 1.45 -9.91
N ASN A 59 -9.26 1.27 -8.62
CA ASN A 59 -10.24 2.05 -7.88
C ASN A 59 -9.63 2.44 -6.54
N GLY A 60 -10.07 3.57 -6.01
CA GLY A 60 -9.62 4.15 -4.76
C GLY A 60 -10.28 3.47 -3.56
N GLN A 61 -10.45 2.16 -3.61
CA GLN A 61 -11.09 1.35 -2.59
C GLN A 61 -9.98 0.53 -1.94
N ARG A 62 -10.09 -0.81 -1.90
CA ARG A 62 -8.98 -1.70 -1.54
C ARG A 62 -8.45 -2.31 -2.85
N GLY A 63 -7.49 -3.23 -2.77
CA GLY A 63 -6.71 -3.71 -3.90
C GLY A 63 -5.65 -4.65 -3.37
N GLU A 64 -4.47 -4.67 -3.98
CA GLU A 64 -3.33 -5.32 -3.34
C GLU A 64 -2.97 -4.53 -2.07
N CYS A 65 -2.76 -5.23 -0.95
CA CYS A 65 -2.37 -4.63 0.33
C CYS A 65 -1.26 -5.46 0.99
N TRP A 66 -0.47 -4.87 1.88
CA TRP A 66 0.61 -5.57 2.59
C TRP A 66 0.78 -4.96 3.98
N CYS A 67 1.29 -5.75 4.93
CA CYS A 67 1.44 -5.40 6.34
C CYS A 67 2.90 -5.06 6.62
N VAL A 68 3.13 -4.25 7.64
CA VAL A 68 4.46 -3.81 8.04
C VAL A 68 4.57 -3.83 9.56
N ASN A 69 5.74 -4.21 10.07
CA ASN A 69 6.16 -3.92 11.44
C ASN A 69 6.94 -2.61 11.46
N PRO A 70 8.09 -2.47 10.77
CA PRO A 70 8.90 -1.26 10.82
C PRO A 70 8.37 -0.17 9.88
N ASN A 71 8.85 1.06 10.10
CA ASN A 71 8.44 2.29 9.45
C ASN A 71 8.80 2.23 7.97
N THR A 72 9.95 1.64 7.64
CA THR A 72 10.48 1.53 6.29
C THR A 72 9.90 0.31 5.56
N GLY A 73 9.18 -0.58 6.29
CA GLY A 73 8.57 -1.78 5.73
C GLY A 73 7.61 -1.47 4.59
N LYS A 74 7.23 -0.21 4.40
CA LYS A 74 6.38 0.30 3.33
C LYS A 74 6.82 -0.10 1.90
N LEU A 75 7.97 -0.77 1.71
CA LEU A 75 8.47 -1.26 0.43
C LEU A 75 8.49 -2.80 0.32
N ILE A 76 8.06 -3.56 1.33
CA ILE A 76 8.39 -4.96 1.64
C ILE A 76 9.37 -5.59 0.64
N GLN A 77 8.90 -6.20 -0.44
CA GLN A 77 9.74 -7.06 -1.28
C GLN A 77 9.31 -7.15 -2.73
N GLY A 78 8.39 -6.29 -3.18
CA GLY A 78 7.81 -6.45 -4.51
C GLY A 78 7.00 -7.74 -4.59
N ALA A 79 6.31 -8.05 -3.49
CA ALA A 79 5.47 -9.22 -3.31
C ALA A 79 4.42 -9.35 -4.44
N PRO A 80 3.83 -10.55 -4.63
CA PRO A 80 2.75 -10.78 -5.60
C PRO A 80 1.53 -9.89 -5.37
N THR A 81 0.57 -9.96 -6.30
CA THR A 81 -0.72 -9.35 -6.08
C THR A 81 -1.50 -10.22 -5.08
N ILE A 82 -2.57 -9.68 -4.51
CA ILE A 82 -3.23 -10.21 -3.33
C ILE A 82 -4.70 -10.41 -3.65
N ARG A 83 -5.24 -11.55 -3.21
CA ARG A 83 -6.64 -11.93 -3.39
C ARG A 83 -7.49 -11.31 -2.28
N GLY A 84 -7.24 -10.05 -1.93
CA GLY A 84 -8.09 -9.29 -1.03
C GLY A 84 -7.69 -9.49 0.43
N ASP A 85 -7.32 -10.71 0.85
CA ASP A 85 -6.82 -10.98 2.18
C ASP A 85 -5.29 -11.00 2.15
N PRO A 86 -4.59 -9.96 2.63
CA PRO A 86 -3.14 -9.85 2.52
C PRO A 86 -2.45 -10.79 3.49
N GLU A 87 -2.24 -12.04 3.05
CA GLU A 87 -1.64 -13.17 3.75
C GLU A 87 -0.12 -12.99 3.95
N CYS A 88 0.30 -11.86 4.51
CA CYS A 88 1.68 -11.51 4.85
C CYS A 88 1.92 -11.81 6.33
N HIS A 89 3.06 -12.40 6.64
CA HIS A 89 3.66 -12.63 7.96
C HIS A 89 4.98 -13.38 7.74
N LEU A 90 4.91 -14.69 7.50
CA LEU A 90 6.07 -15.55 7.27
C LEU A 90 5.73 -16.56 6.16
N PHE A 91 6.50 -16.52 5.07
CA PHE A 91 6.26 -17.06 3.73
C PHE A 91 5.67 -18.47 3.62
N TYR A 92 5.92 -19.31 4.63
CA TYR A 92 5.54 -20.73 4.71
C TYR A 92 4.03 -20.93 4.56
N ASN A 93 3.25 -19.89 4.84
CA ASN A 93 1.80 -19.87 4.84
C ASN A 93 1.25 -20.02 3.42
N GLU A 94 0.85 -21.23 3.04
CA GLU A 94 0.23 -21.49 1.75
C GLU A 94 -1.10 -22.24 1.87
N GLN A 95 -1.49 -22.72 3.07
CA GLN A 95 -2.62 -23.62 3.27
C GLN A 95 -3.28 -23.37 4.63
N GLN A 96 -4.41 -22.64 4.65
CA GLN A 96 -5.08 -22.23 5.88
C GLN A 96 -6.57 -22.59 5.90
N GLU A 97 -7.13 -23.12 4.81
CA GLU A 97 -8.57 -23.31 4.65
C GLU A 97 -9.11 -24.34 5.66
N ALA A 98 -10.37 -24.17 6.07
CA ALA A 98 -11.16 -25.17 6.75
C ALA A 98 -12.45 -25.38 5.98
N ARG A 99 -12.56 -26.49 5.24
CA ARG A 99 -13.68 -26.81 4.35
C ARG A 99 -15.06 -26.94 5.04
N GLY A 100 -15.17 -26.76 6.35
CA GLY A 100 -16.44 -26.70 7.08
C GLY A 100 -17.22 -28.00 7.00
N VAL A 101 -16.66 -29.09 7.55
CA VAL A 101 -17.35 -30.38 7.63
C VAL A 101 -18.40 -30.35 8.74
N HIS A 102 -19.59 -29.82 8.46
CA HIS A 102 -20.79 -30.01 9.26
C HIS A 102 -21.92 -30.31 8.28
N THR A 103 -22.74 -31.32 8.57
CA THR A 103 -23.95 -31.60 7.81
C THR A 103 -24.93 -32.31 8.75
N GLN A 104 -24.71 -33.61 8.99
CA GLN A 104 -25.55 -34.40 9.87
C GLN A 104 -25.29 -34.00 11.32
N ARG A 105 -26.29 -34.20 12.19
CA ARG A 105 -26.12 -34.40 13.63
C ARG A 105 -27.08 -35.53 14.02
N MET A 106 -27.07 -35.94 15.28
CA MET A 106 -28.12 -36.74 15.90
C MET A 106 -28.53 -36.01 17.17
N GLN A 107 -29.00 -36.74 18.19
CA GLN A 107 -29.25 -36.28 19.54
C GLN A 107 -27.97 -35.78 20.18
N GLY A 1 -2.43 28.86 8.41
CA GLY A 1 -1.30 27.96 8.14
C GLY A 1 -1.80 26.53 8.03
N PRO A 2 -1.00 25.61 7.46
CA PRO A 2 -1.29 24.19 7.55
C PRO A 2 -1.18 23.75 9.03
N PRO A 3 -1.75 22.60 9.39
CA PRO A 3 -1.56 22.02 10.72
C PRO A 3 -0.08 21.69 10.93
N PRO A 4 0.50 21.99 12.10
CA PRO A 4 1.90 21.65 12.36
C PRO A 4 2.05 20.13 12.41
N ALA A 5 2.99 19.61 11.65
CA ALA A 5 3.50 18.26 11.85
C ALA A 5 4.65 18.32 12.85
N ARG A 6 5.07 17.15 13.33
CA ARG A 6 6.46 16.93 13.75
C ARG A 6 6.93 15.50 13.57
N THR A 7 6.03 14.55 13.28
CA THR A 7 6.44 13.16 13.09
C THR A 7 6.92 12.96 11.65
N PRO A 8 7.91 12.08 11.43
CA PRO A 8 8.44 11.83 10.09
C PRO A 8 7.41 11.09 9.24
N CYS A 9 6.64 10.18 9.85
CA CYS A 9 5.57 9.49 9.16
C CYS A 9 4.54 10.50 8.63
N GLN A 10 4.18 11.52 9.42
CA GLN A 10 3.30 12.56 8.94
C GLN A 10 3.96 13.29 7.78
N GLN A 11 5.26 13.59 7.81
CA GLN A 11 5.90 14.25 6.68
C GLN A 11 5.78 13.44 5.38
N GLU A 12 5.74 12.10 5.45
CA GLU A 12 5.55 11.29 4.25
C GLU A 12 4.14 11.51 3.70
N LEU A 13 3.12 11.41 4.57
CA LEU A 13 1.73 11.67 4.24
C LEU A 13 1.58 13.10 3.71
N ASP A 14 2.28 14.03 4.34
CA ASP A 14 2.15 15.47 4.16
C ASP A 14 2.72 15.91 2.82
N GLN A 15 3.75 15.22 2.33
CA GLN A 15 4.28 15.39 0.98
C GLN A 15 3.21 14.98 -0.04
N VAL A 16 2.56 13.82 0.13
CA VAL A 16 1.51 13.38 -0.77
C VAL A 16 0.34 14.36 -0.70
N LEU A 17 -0.01 14.84 0.49
CA LEU A 17 -1.12 15.75 0.70
C LEU A 17 -0.88 17.05 -0.05
N GLU A 18 0.33 17.61 0.04
CA GLU A 18 0.68 18.87 -0.59
C GLU A 18 0.56 18.73 -2.11
N ARG A 19 1.20 17.71 -2.69
CA ARG A 19 1.18 17.53 -4.15
C ARG A 19 -0.22 17.18 -4.66
N ILE A 20 -0.98 16.35 -3.93
CA ILE A 20 -2.30 15.92 -4.38
C ILE A 20 -3.25 17.11 -4.52
N SER A 21 -3.13 18.17 -3.72
CA SER A 21 -3.96 19.37 -3.92
C SER A 21 -3.77 20.00 -5.31
N THR A 22 -2.66 19.74 -6.00
CA THR A 22 -2.40 20.12 -7.39
C THR A 22 -2.64 18.96 -8.39
N MET A 23 -2.81 17.70 -7.96
CA MET A 23 -3.25 16.62 -8.85
C MET A 23 -4.75 16.82 -9.07
N ARG A 24 -5.10 17.55 -10.13
CA ARG A 24 -6.48 17.87 -10.46
C ARG A 24 -6.95 16.93 -11.56
N LEU A 25 -6.52 17.18 -12.79
CA LEU A 25 -6.83 16.34 -13.93
C LEU A 25 -5.70 16.51 -14.96
N PRO A 26 -4.65 15.68 -14.93
CA PRO A 26 -3.60 15.74 -15.92
C PRO A 26 -4.12 15.29 -17.28
N ASP A 27 -3.88 16.11 -18.30
CA ASP A 27 -3.99 15.74 -19.71
C ASP A 27 -3.07 16.63 -20.54
N GLU A 28 -3.19 17.96 -20.41
CA GLU A 28 -2.47 18.93 -21.25
C GLU A 28 -0.98 18.59 -21.34
N ARG A 29 -0.36 18.30 -20.19
CA ARG A 29 1.08 18.14 -20.11
C ARG A 29 1.58 17.03 -21.03
N GLY A 30 0.82 15.96 -21.20
CA GLY A 30 1.21 14.80 -21.99
C GLY A 30 0.55 13.53 -21.44
N PRO A 31 0.85 12.35 -22.00
CA PRO A 31 0.36 11.09 -21.49
C PRO A 31 1.03 10.75 -20.15
N LEU A 32 0.47 9.78 -19.43
CA LEU A 32 1.02 9.28 -18.17
C LEU A 32 0.98 7.76 -18.18
N GLU A 33 2.16 7.15 -18.24
CA GLU A 33 2.38 5.71 -18.12
C GLU A 33 3.78 5.55 -17.53
N HIS A 34 3.99 6.00 -16.29
CA HIS A 34 5.16 5.62 -15.49
C HIS A 34 4.91 5.77 -13.98
N LEU A 35 4.14 6.76 -13.54
CA LEU A 35 3.78 6.98 -12.14
C LEU A 35 2.32 7.42 -12.05
N TYR A 36 1.50 6.60 -11.41
CA TYR A 36 0.07 6.79 -11.21
C TYR A 36 -0.33 5.83 -10.10
N SER A 37 -0.63 6.36 -8.91
CA SER A 37 -1.20 5.61 -7.80
C SER A 37 -1.58 6.58 -6.68
N LEU A 38 -2.31 6.11 -5.67
CA LEU A 38 -2.55 6.82 -4.42
C LEU A 38 -2.13 5.90 -3.29
N HIS A 39 -0.99 6.22 -2.68
CA HIS A 39 -0.52 5.63 -1.44
C HIS A 39 -0.34 6.80 -0.47
N ILE A 40 -1.18 6.89 0.56
CA ILE A 40 -0.99 7.80 1.68
C ILE A 40 -0.91 6.89 2.92
N PRO A 41 0.21 6.86 3.65
CA PRO A 41 0.35 6.06 4.86
C PRO A 41 -0.30 6.79 6.05
N ASN A 42 -1.45 6.31 6.53
CA ASN A 42 -2.14 6.95 7.64
C ASN A 42 -1.38 6.65 8.94
N CYS A 43 -0.65 7.63 9.46
CA CYS A 43 0.10 7.49 10.71
C CYS A 43 -0.74 8.08 11.84
N ASP A 44 -0.61 7.53 13.05
CA ASP A 44 -1.31 8.07 14.21
C ASP A 44 -0.65 9.37 14.67
N LYS A 45 -1.37 10.17 15.45
CA LYS A 45 -0.83 11.40 16.06
C LYS A 45 0.43 11.13 16.85
N HIS A 46 0.34 10.08 17.64
CA HIS A 46 1.39 9.57 18.52
C HIS A 46 2.57 9.01 17.71
N GLY A 47 2.41 8.80 16.40
CA GLY A 47 3.46 8.37 15.50
C GLY A 47 3.35 6.89 15.13
N LEU A 48 2.32 6.16 15.57
CA LEU A 48 2.20 4.75 15.26
C LEU A 48 1.95 4.58 13.76
N TYR A 49 2.94 4.01 13.06
CA TYR A 49 2.84 3.76 11.64
C TYR A 49 1.94 2.55 11.37
N ASN A 50 1.46 2.44 10.14
CA ASN A 50 0.42 1.51 9.72
C ASN A 50 1.00 0.17 9.30
N LEU A 51 0.77 -0.84 10.15
CA LEU A 51 1.25 -2.22 10.09
C LEU A 51 0.89 -2.94 8.80
N LYS A 52 -0.14 -2.49 8.08
CA LYS A 52 -0.32 -2.84 6.67
C LYS A 52 -0.77 -1.60 5.94
N GLN A 53 -0.36 -1.47 4.67
CA GLN A 53 -0.60 -0.32 3.84
C GLN A 53 -1.08 -0.85 2.49
N CYS A 54 -1.66 0.00 1.65
CA CYS A 54 -2.18 -0.32 0.33
C CYS A 54 -1.80 0.79 -0.65
N LYS A 55 -1.89 0.50 -1.95
CA LYS A 55 -1.62 1.45 -3.02
C LYS A 55 -2.76 1.33 -4.02
N MET A 56 -3.58 2.36 -4.13
CA MET A 56 -4.71 2.42 -5.05
C MET A 56 -4.23 2.89 -6.42
N SER A 57 -4.99 2.59 -7.47
CA SER A 57 -4.90 3.20 -8.80
C SER A 57 -6.32 3.25 -9.39
N LEU A 58 -7.08 2.16 -9.30
CA LEU A 58 -8.45 2.10 -9.80
C LEU A 58 -9.37 3.00 -8.96
N ASN A 59 -10.59 3.23 -9.45
CA ASN A 59 -11.54 4.15 -8.83
C ASN A 59 -11.83 3.76 -7.37
N GLY A 60 -12.02 2.46 -7.13
CA GLY A 60 -12.16 1.90 -5.79
C GLY A 60 -12.47 0.42 -5.94
N GLN A 61 -11.58 -0.29 -6.62
CA GLN A 61 -11.58 -1.73 -6.80
C GLN A 61 -10.60 -2.33 -5.79
N ARG A 62 -10.51 -3.67 -5.75
CA ARG A 62 -9.42 -4.37 -5.09
C ARG A 62 -8.09 -3.80 -5.57
N GLY A 63 -7.25 -3.33 -4.66
CA GLY A 63 -5.87 -2.94 -4.91
C GLY A 63 -4.97 -3.72 -3.96
N GLU A 64 -3.70 -3.89 -4.33
CA GLU A 64 -2.78 -4.66 -3.49
C GLU A 64 -2.45 -3.88 -2.20
N CYS A 65 -2.28 -4.64 -1.12
CA CYS A 65 -1.80 -4.18 0.18
C CYS A 65 -0.65 -5.08 0.61
N TRP A 66 0.18 -4.61 1.55
CA TRP A 66 1.32 -5.32 2.10
C TRP A 66 1.40 -5.03 3.60
N CYS A 67 2.19 -5.81 4.33
CA CYS A 67 2.41 -5.66 5.76
C CYS A 67 3.78 -5.01 5.97
N VAL A 68 4.01 -4.29 7.09
CA VAL A 68 5.32 -3.70 7.35
C VAL A 68 5.98 -4.34 8.57
N ASN A 69 7.26 -4.67 8.42
CA ASN A 69 8.17 -5.10 9.49
C ASN A 69 8.84 -3.90 10.18
N PRO A 70 9.44 -2.90 9.48
CA PRO A 70 10.02 -1.74 10.14
C PRO A 70 8.93 -0.75 10.55
N ASN A 71 9.24 0.10 11.55
CA ASN A 71 8.36 1.15 12.04
C ASN A 71 8.21 2.28 11.03
N THR A 72 9.07 2.34 10.02
CA THR A 72 9.04 3.33 8.93
C THR A 72 8.32 2.76 7.70
N GLY A 73 7.92 1.48 7.74
CA GLY A 73 7.27 0.75 6.66
C GLY A 73 7.81 1.11 5.28
N LYS A 74 9.14 1.03 5.13
CA LYS A 74 9.79 1.27 3.87
C LYS A 74 9.65 -0.01 3.07
N LEU A 75 8.61 -0.04 2.23
CA LEU A 75 8.19 -1.19 1.42
C LEU A 75 9.40 -1.94 0.89
N ILE A 76 9.57 -3.21 1.31
CA ILE A 76 10.69 -4.04 0.88
C ILE A 76 10.84 -3.96 -0.64
N GLN A 77 9.83 -4.41 -1.39
CA GLN A 77 9.83 -4.24 -2.84
C GLN A 77 8.46 -4.50 -3.47
N GLY A 78 7.64 -5.36 -2.86
CA GLY A 78 6.36 -5.74 -3.41
C GLY A 78 6.49 -6.35 -4.80
N ALA A 79 7.53 -7.17 -5.01
CA ALA A 79 7.61 -8.07 -6.16
C ALA A 79 6.29 -8.87 -6.38
N PRO A 80 5.77 -9.63 -5.40
CA PRO A 80 4.46 -10.28 -5.53
C PRO A 80 3.32 -9.24 -5.46
N THR A 81 2.92 -8.68 -6.60
CA THR A 81 1.72 -7.86 -6.79
C THR A 81 0.52 -8.81 -6.76
N ILE A 82 -0.35 -8.69 -5.74
CA ILE A 82 -1.54 -9.51 -5.58
C ILE A 82 -2.70 -8.53 -5.48
N ARG A 83 -3.41 -8.30 -6.59
CA ARG A 83 -4.57 -7.41 -6.60
C ARG A 83 -5.80 -8.22 -6.22
N GLY A 84 -5.87 -8.70 -5.00
CA GLY A 84 -7.06 -9.42 -4.55
C GLY A 84 -7.04 -9.79 -3.09
N ASP A 85 -5.87 -10.11 -2.55
CA ASP A 85 -5.75 -10.60 -1.18
C ASP A 85 -4.82 -9.67 -0.41
N PRO A 86 -5.34 -8.72 0.37
CA PRO A 86 -4.57 -7.65 1.02
C PRO A 86 -3.67 -8.09 2.19
N GLU A 87 -3.47 -9.39 2.43
CA GLU A 87 -2.49 -9.88 3.38
C GLU A 87 -1.09 -9.91 2.76
N CYS A 88 -0.13 -10.51 3.45
CA CYS A 88 1.24 -10.74 3.02
C CYS A 88 1.56 -12.22 3.23
N HIS A 89 2.70 -12.67 2.69
CA HIS A 89 3.20 -14.03 2.91
C HIS A 89 3.38 -14.27 4.41
N LEU A 90 2.55 -15.14 4.97
CA LEU A 90 2.52 -15.52 6.39
C LEU A 90 2.94 -16.99 6.55
N PHE A 91 2.98 -17.44 7.80
CA PHE A 91 3.59 -18.69 8.24
C PHE A 91 2.55 -19.72 8.67
N TYR A 92 1.30 -19.58 8.23
CA TYR A 92 0.18 -20.44 8.58
C TYR A 92 -0.70 -20.51 7.35
N ASN A 93 -1.02 -21.71 6.89
CA ASN A 93 -1.80 -21.94 5.67
C ASN A 93 -2.50 -23.31 5.72
N GLU A 94 -3.49 -23.48 4.85
CA GLU A 94 -4.14 -24.76 4.57
C GLU A 94 -4.70 -24.66 3.16
N GLN A 95 -4.46 -25.65 2.31
CA GLN A 95 -5.05 -25.70 0.97
C GLN A 95 -6.29 -26.59 1.08
N GLN A 96 -7.46 -26.08 0.70
CA GLN A 96 -8.71 -26.82 0.73
C GLN A 96 -9.51 -26.47 -0.55
N GLU A 97 -10.59 -27.21 -0.79
CA GLU A 97 -11.46 -27.07 -1.96
C GLU A 97 -12.18 -25.73 -1.93
N ALA A 98 -12.70 -25.28 -3.06
CA ALA A 98 -13.45 -24.04 -3.19
C ALA A 98 -14.49 -24.18 -4.29
N ARG A 99 -15.78 -24.12 -3.95
CA ARG A 99 -16.85 -23.95 -4.93
C ARG A 99 -17.97 -23.17 -4.24
N GLY A 100 -18.20 -21.91 -4.62
CA GLY A 100 -19.33 -21.14 -4.14
C GLY A 100 -19.08 -19.64 -4.18
N VAL A 101 -17.97 -19.17 -3.57
CA VAL A 101 -17.66 -17.74 -3.54
C VAL A 101 -17.50 -17.25 -4.99
N HIS A 102 -18.18 -16.15 -5.31
CA HIS A 102 -18.27 -15.56 -6.64
C HIS A 102 -18.42 -14.07 -6.41
N THR A 103 -17.30 -13.35 -6.45
CA THR A 103 -17.23 -11.96 -6.07
C THR A 103 -18.06 -11.12 -7.06
N GLN A 104 -19.08 -10.41 -6.56
CA GLN A 104 -19.94 -9.49 -7.31
C GLN A 104 -20.06 -8.18 -6.50
N ARG A 105 -20.40 -7.07 -7.16
CA ARG A 105 -20.52 -5.74 -6.55
C ARG A 105 -21.78 -5.05 -7.06
N MET A 106 -22.40 -4.20 -6.24
CA MET A 106 -23.66 -3.53 -6.56
C MET A 106 -23.65 -2.13 -5.96
N GLN A 107 -24.80 -1.44 -5.97
CA GLN A 107 -25.04 -0.20 -5.23
C GLN A 107 -24.84 -0.46 -3.75
N GLY A 1 -1.67 28.73 16.79
CA GLY A 1 -1.44 28.78 15.34
C GLY A 1 -1.31 27.36 14.83
N PRO A 2 -0.62 27.13 13.70
CA PRO A 2 -0.16 25.79 13.38
C PRO A 2 0.80 25.34 14.48
N PRO A 3 0.72 24.09 14.98
CA PRO A 3 1.80 23.51 15.74
C PRO A 3 2.93 23.06 14.80
N PRO A 4 4.16 22.90 15.31
CA PRO A 4 5.24 22.27 14.55
C PRO A 4 4.93 20.79 14.34
N ALA A 5 5.54 20.19 13.31
CA ALA A 5 5.43 18.76 13.06
C ALA A 5 6.10 17.97 14.18
N ARG A 6 5.74 16.68 14.31
CA ARG A 6 6.18 15.84 15.42
C ARG A 6 6.40 14.37 15.07
N THR A 7 5.90 13.90 13.93
CA THR A 7 6.25 12.60 13.38
C THR A 7 6.71 12.79 11.93
N PRO A 8 7.67 11.99 11.44
CA PRO A 8 8.05 11.98 10.03
C PRO A 8 6.91 11.51 9.11
N CYS A 9 5.90 10.81 9.64
CA CYS A 9 4.69 10.51 8.89
C CYS A 9 3.94 11.77 8.50
N GLN A 10 3.89 12.77 9.39
CA GLN A 10 3.15 13.99 9.16
C GLN A 10 3.71 14.66 7.91
N GLN A 11 5.03 14.81 7.86
CA GLN A 11 5.75 15.38 6.73
C GLN A 11 5.45 14.63 5.44
N GLU A 12 5.46 13.29 5.47
CA GLU A 12 5.28 12.47 4.28
C GLU A 12 3.86 12.54 3.75
N LEU A 13 2.86 12.38 4.62
CA LEU A 13 1.47 12.49 4.24
C LEU A 13 1.23 13.88 3.67
N ASP A 14 1.76 14.90 4.35
CA ASP A 14 1.57 16.31 3.97
C ASP A 14 2.10 16.56 2.56
N GLN A 15 3.24 15.96 2.20
CA GLN A 15 3.87 16.15 0.90
C GLN A 15 3.04 15.57 -0.24
N VAL A 16 2.56 14.34 -0.11
CA VAL A 16 1.76 13.73 -1.19
C VAL A 16 0.44 14.48 -1.31
N LEU A 17 -0.11 14.90 -0.18
CA LEU A 17 -1.37 15.60 -0.10
C LEU A 17 -1.24 16.98 -0.76
N GLU A 18 -0.17 17.71 -0.46
CA GLU A 18 0.16 18.96 -1.14
C GLU A 18 0.31 18.69 -2.64
N ARG A 19 1.06 17.65 -3.03
CA ARG A 19 1.28 17.29 -4.43
C ARG A 19 -0.07 17.10 -5.11
N ILE A 20 -0.98 16.32 -4.54
CA ILE A 20 -2.30 16.08 -5.12
C ILE A 20 -3.06 17.40 -5.34
N SER A 21 -2.98 18.33 -4.38
CA SER A 21 -3.63 19.63 -4.49
C SER A 21 -2.94 20.53 -5.53
N THR A 22 -1.65 20.35 -5.76
CA THR A 22 -0.83 21.20 -6.61
C THR A 22 -0.73 20.66 -8.04
N MET A 23 -0.89 19.36 -8.30
CA MET A 23 -1.22 18.89 -9.65
C MET A 23 -2.66 19.25 -10.01
N ARG A 24 -3.03 19.09 -11.28
CA ARG A 24 -4.40 19.02 -11.75
C ARG A 24 -4.60 17.65 -12.37
N LEU A 25 -5.63 16.93 -11.95
CA LEU A 25 -6.06 15.66 -12.53
C LEU A 25 -6.42 15.91 -14.01
N PRO A 26 -5.80 15.23 -15.00
CA PRO A 26 -6.18 15.36 -16.41
C PRO A 26 -7.50 14.62 -16.66
N ASP A 27 -8.58 15.35 -16.90
CA ASP A 27 -9.89 14.77 -17.24
C ASP A 27 -10.69 15.76 -18.10
N GLU A 28 -10.46 17.07 -17.96
CA GLU A 28 -11.03 18.07 -18.87
C GLU A 28 -10.53 17.85 -20.30
N ARG A 29 -9.22 17.63 -20.51
CA ARG A 29 -8.65 17.45 -21.84
C ARG A 29 -7.45 16.51 -21.80
N GLY A 30 -7.67 15.22 -21.99
CA GLY A 30 -6.64 14.27 -22.37
C GLY A 30 -6.75 13.00 -21.54
N PRO A 31 -7.67 12.08 -21.86
CA PRO A 31 -8.00 10.92 -21.04
C PRO A 31 -6.82 9.94 -21.02
N LEU A 32 -6.29 9.64 -19.84
CA LEU A 32 -5.14 8.76 -19.65
C LEU A 32 -5.49 7.73 -18.58
N GLU A 33 -6.25 6.70 -18.95
CA GLU A 33 -6.49 5.52 -18.10
C GLU A 33 -5.23 4.64 -18.00
N HIS A 34 -4.10 5.21 -17.55
CA HIS A 34 -2.88 4.42 -17.34
C HIS A 34 -1.94 4.98 -16.26
N LEU A 35 -1.93 6.29 -15.98
CA LEU A 35 -0.89 6.91 -15.15
C LEU A 35 -1.41 7.14 -13.73
N TYR A 36 -1.57 6.06 -12.97
CA TYR A 36 -2.17 6.08 -11.65
C TYR A 36 -1.40 5.15 -10.73
N SER A 37 -0.68 5.71 -9.76
CA SER A 37 -0.02 5.01 -8.68
C SER A 37 0.16 6.03 -7.56
N LEU A 38 -0.56 5.88 -6.44
CA LEU A 38 -0.33 6.67 -5.23
C LEU A 38 -0.50 5.76 -4.00
N HIS A 39 0.08 6.18 -2.88
CA HIS A 39 0.02 5.56 -1.57
C HIS A 39 -0.01 6.69 -0.54
N ILE A 40 -0.86 6.56 0.49
CA ILE A 40 -0.91 7.46 1.64
C ILE A 40 -0.85 6.57 2.89
N PRO A 41 0.13 6.76 3.78
CA PRO A 41 0.14 6.17 5.11
C PRO A 41 -0.70 7.05 6.05
N ASN A 42 -1.69 6.49 6.74
CA ASN A 42 -2.34 7.22 7.83
C ASN A 42 -1.36 7.25 9.00
N CYS A 43 -1.30 8.37 9.73
CA CYS A 43 -0.34 8.58 10.79
C CYS A 43 -1.01 8.24 12.11
N ASP A 44 -0.53 7.18 12.75
CA ASP A 44 -1.03 6.73 14.05
C ASP A 44 -0.79 7.86 15.07
N LYS A 45 -1.52 7.88 16.20
CA LYS A 45 -1.13 8.72 17.34
C LYS A 45 0.28 8.37 17.78
N HIS A 46 0.64 7.08 17.71
CA HIS A 46 1.96 6.60 18.05
C HIS A 46 2.99 7.14 17.05
N GLY A 47 2.59 7.53 15.84
CA GLY A 47 3.38 8.31 14.89
C GLY A 47 3.94 7.47 13.75
N LEU A 48 4.20 6.18 14.01
CA LEU A 48 4.61 5.19 13.00
C LEU A 48 3.47 4.89 12.03
N TYR A 49 3.78 4.21 10.93
CA TYR A 49 2.79 3.80 9.94
C TYR A 49 2.13 2.49 10.39
N ASN A 50 0.94 2.21 9.87
CA ASN A 50 0.14 1.07 10.30
C ASN A 50 0.82 -0.25 9.91
N LEU A 51 0.76 -1.23 10.81
CA LEU A 51 1.22 -2.61 10.66
C LEU A 51 0.72 -3.31 9.40
N LYS A 52 -0.33 -2.83 8.74
CA LYS A 52 -0.63 -3.16 7.35
C LYS A 52 -1.00 -1.92 6.59
N GLN A 53 -0.59 -1.82 5.33
CA GLN A 53 -0.83 -0.69 4.46
C GLN A 53 -1.31 -1.22 3.10
N CYS A 54 -1.74 -0.33 2.21
CA CYS A 54 -2.27 -0.66 0.88
C CYS A 54 -1.88 0.44 -0.12
N LYS A 55 -2.03 0.15 -1.42
CA LYS A 55 -1.73 1.08 -2.52
C LYS A 55 -3.02 1.41 -3.27
N MET A 56 -3.09 2.58 -3.90
CA MET A 56 -4.24 3.09 -4.62
C MET A 56 -3.90 3.22 -6.11
N SER A 57 -4.95 3.22 -6.94
CA SER A 57 -4.87 3.43 -8.37
C SER A 57 -6.17 4.10 -8.87
N LEU A 58 -7.34 3.53 -8.56
CA LEU A 58 -8.64 4.10 -8.93
C LEU A 58 -9.69 3.79 -7.86
N ASN A 59 -10.82 4.50 -7.89
CA ASN A 59 -12.00 4.16 -7.09
C ASN A 59 -12.56 2.81 -7.55
N GLY A 60 -13.43 2.18 -6.73
CA GLY A 60 -13.98 0.86 -6.99
C GLY A 60 -12.95 -0.21 -6.67
N GLN A 61 -11.88 -0.27 -7.47
CA GLN A 61 -10.80 -1.25 -7.38
C GLN A 61 -10.30 -1.36 -5.93
N ARG A 62 -10.27 -2.58 -5.39
CA ARG A 62 -9.94 -2.85 -3.99
C ARG A 62 -8.52 -2.47 -3.60
N GLY A 63 -7.61 -2.25 -4.55
CA GLY A 63 -6.19 -2.15 -4.27
C GLY A 63 -5.64 -3.50 -3.81
N GLU A 64 -4.35 -3.56 -3.46
CA GLU A 64 -3.73 -4.64 -2.69
C GLU A 64 -3.05 -4.07 -1.44
N CYS A 65 -2.80 -4.92 -0.45
CA CYS A 65 -2.30 -4.56 0.88
C CYS A 65 -1.10 -5.46 1.25
N TRP A 66 -0.38 -5.12 2.31
CA TRP A 66 0.77 -5.87 2.85
C TRP A 66 0.92 -5.52 4.32
N CYS A 67 1.75 -6.25 5.06
CA CYS A 67 2.06 -5.99 6.46
C CYS A 67 3.45 -5.35 6.59
N VAL A 68 3.79 -4.76 7.74
CA VAL A 68 5.13 -4.22 8.00
C VAL A 68 5.67 -4.76 9.34
N ASN A 69 6.90 -5.29 9.35
CA ASN A 69 7.63 -5.55 10.60
C ASN A 69 8.10 -4.22 11.23
N PRO A 70 8.92 -3.39 10.56
CA PRO A 70 9.42 -2.14 11.14
C PRO A 70 8.39 -1.02 11.02
N ASN A 71 8.75 0.13 11.60
CA ASN A 71 7.85 1.27 11.80
C ASN A 71 7.69 2.05 10.50
N THR A 72 8.79 2.19 9.76
CA THR A 72 8.86 2.86 8.47
C THR A 72 8.34 1.93 7.37
N GLY A 73 8.29 0.60 7.60
CA GLY A 73 7.67 -0.37 6.71
C GLY A 73 8.21 -0.47 5.29
N LYS A 74 9.34 0.18 4.96
CA LYS A 74 9.74 0.52 3.58
C LYS A 74 10.12 -0.64 2.65
N LEU A 75 9.81 -1.89 3.02
CA LEU A 75 10.41 -3.09 2.42
C LEU A 75 9.38 -4.06 1.82
N ILE A 76 8.08 -3.80 1.95
CA ILE A 76 7.05 -4.53 1.21
C ILE A 76 6.17 -3.46 0.54
N GLN A 77 5.51 -3.80 -0.55
CA GLN A 77 4.73 -2.88 -1.38
C GLN A 77 3.54 -3.59 -2.05
N GLY A 78 3.01 -4.64 -1.43
CA GLY A 78 2.08 -5.55 -2.09
C GLY A 78 2.85 -6.55 -2.95
N ALA A 79 4.03 -6.96 -2.47
CA ALA A 79 4.83 -8.01 -3.07
C ALA A 79 4.06 -9.35 -3.15
N PRO A 80 3.56 -9.93 -2.04
CA PRO A 80 2.76 -11.16 -2.13
C PRO A 80 1.46 -10.90 -2.89
N THR A 81 0.89 -11.96 -3.45
CA THR A 81 -0.46 -11.97 -3.98
C THR A 81 -1.39 -12.01 -2.77
N ILE A 82 -2.12 -10.92 -2.55
CA ILE A 82 -3.04 -10.73 -1.43
C ILE A 82 -4.43 -10.49 -2.01
N ARG A 83 -5.46 -10.85 -1.24
CA ARG A 83 -6.87 -10.79 -1.62
C ARG A 83 -7.63 -10.05 -0.52
N GLY A 84 -7.18 -8.82 -0.22
CA GLY A 84 -7.79 -7.92 0.71
C GLY A 84 -7.08 -8.01 2.05
N ASP A 85 -7.31 -9.09 2.80
CA ASP A 85 -6.68 -9.35 4.09
C ASP A 85 -5.21 -9.68 3.84
N PRO A 86 -4.23 -8.84 4.24
CA PRO A 86 -2.83 -9.17 4.09
C PRO A 86 -2.42 -10.22 5.13
N GLU A 87 -2.70 -11.48 4.83
CA GLU A 87 -1.98 -12.60 5.41
C GLU A 87 -0.49 -12.35 5.17
N CYS A 88 0.31 -12.47 6.22
CA CYS A 88 1.74 -12.66 6.09
C CYS A 88 2.14 -13.59 7.22
N HIS A 89 3.14 -14.42 6.97
CA HIS A 89 3.67 -15.35 7.94
C HIS A 89 5.15 -15.50 7.66
N LEU A 90 5.92 -15.92 8.66
CA LEU A 90 7.27 -16.41 8.46
C LEU A 90 7.12 -17.89 8.17
N PHE A 91 6.70 -18.21 6.94
CA PHE A 91 6.67 -19.57 6.43
C PHE A 91 8.14 -19.99 6.21
N TYR A 92 8.87 -20.32 7.28
CA TYR A 92 10.33 -20.52 7.24
C TYR A 92 10.66 -21.67 6.30
N ASN A 93 10.00 -22.79 6.55
CA ASN A 93 10.14 -24.08 5.90
C ASN A 93 8.71 -24.59 5.70
N GLU A 94 8.49 -25.55 4.83
CA GLU A 94 7.20 -26.22 4.72
C GLU A 94 7.43 -27.69 4.37
N GLN A 95 6.38 -28.49 4.30
CA GLN A 95 6.47 -29.94 4.19
C GLN A 95 5.36 -30.44 3.27
N GLN A 96 5.66 -31.49 2.52
CA GLN A 96 4.74 -32.09 1.55
C GLN A 96 4.69 -33.60 1.79
N GLU A 97 3.63 -34.26 1.35
CA GLU A 97 3.49 -35.70 1.34
C GLU A 97 2.54 -36.06 0.19
N ALA A 98 2.48 -37.33 -0.18
CA ALA A 98 1.66 -37.86 -1.26
C ALA A 98 0.95 -39.11 -0.71
N ARG A 99 -0.33 -38.94 -0.37
CA ARG A 99 -1.26 -39.75 0.44
C ARG A 99 -1.39 -41.25 0.06
N GLY A 100 -0.56 -41.81 -0.82
CA GLY A 100 -0.51 -43.24 -1.06
C GLY A 100 -1.68 -43.66 -1.94
N VAL A 101 -1.48 -43.64 -3.26
CA VAL A 101 -2.36 -44.41 -4.14
C VAL A 101 -2.20 -45.89 -3.75
N HIS A 102 -3.31 -46.63 -3.71
CA HIS A 102 -3.31 -48.05 -3.39
C HIS A 102 -4.42 -48.71 -4.21
N THR A 103 -4.20 -49.96 -4.61
CA THR A 103 -5.17 -50.78 -5.34
C THR A 103 -4.83 -52.25 -5.03
N GLN A 104 -5.63 -53.18 -5.57
CA GLN A 104 -5.42 -54.62 -5.44
C GLN A 104 -5.97 -55.31 -6.69
N ARG A 105 -5.96 -56.64 -6.69
CA ARG A 105 -6.79 -57.46 -7.57
C ARG A 105 -7.45 -58.53 -6.67
N MET A 106 -8.18 -59.47 -7.26
CA MET A 106 -8.68 -60.68 -6.64
C MET A 106 -8.43 -61.79 -7.66
N GLN A 107 -9.35 -62.75 -7.80
CA GLN A 107 -9.41 -63.68 -8.92
C GLN A 107 -9.48 -62.89 -10.22
N GLY A 1 3.69 30.33 5.75
CA GLY A 1 4.58 29.73 6.75
C GLY A 1 4.44 28.22 6.72
N PRO A 2 5.49 27.47 7.10
CA PRO A 2 5.45 26.01 7.08
C PRO A 2 4.47 25.49 8.15
N PRO A 3 4.02 24.22 8.03
CA PRO A 3 3.25 23.57 9.08
C PRO A 3 4.18 23.15 10.23
N PRO A 4 3.69 23.05 11.48
CA PRO A 4 4.46 22.50 12.60
C PRO A 4 4.66 21.00 12.46
N ALA A 5 5.83 20.65 11.95
CA ALA A 5 6.26 19.29 11.65
C ALA A 5 6.94 18.70 12.88
N ARG A 6 6.43 17.57 13.36
CA ARG A 6 6.78 16.97 14.66
C ARG A 6 7.26 15.53 14.57
N THR A 7 6.73 14.74 13.63
CA THR A 7 7.05 13.33 13.48
C THR A 7 7.59 13.11 12.06
N PRO A 8 8.20 11.96 11.75
CA PRO A 8 8.72 11.72 10.42
C PRO A 8 7.58 11.36 9.47
N CYS A 9 6.61 10.55 9.91
CA CYS A 9 5.46 10.20 9.10
C CYS A 9 4.58 11.41 8.79
N GLN A 10 4.48 12.41 9.68
CA GLN A 10 3.70 13.61 9.37
C GLN A 10 4.25 14.24 8.09
N GLN A 11 5.57 14.46 8.01
CA GLN A 11 6.17 15.15 6.87
C GLN A 11 5.97 14.32 5.59
N GLU A 12 6.09 13.00 5.73
CA GLU A 12 6.02 12.04 4.63
C GLU A 12 4.62 11.98 4.02
N LEU A 13 3.59 11.97 4.88
CA LEU A 13 2.17 12.04 4.51
C LEU A 13 1.85 13.42 3.96
N ASP A 14 2.45 14.48 4.52
CA ASP A 14 2.05 15.87 4.25
C ASP A 14 2.21 16.14 2.76
N GLN A 15 3.33 15.67 2.22
CA GLN A 15 3.70 15.76 0.81
C GLN A 15 2.78 14.97 -0.11
N VAL A 16 2.15 13.88 0.34
CA VAL A 16 1.18 13.15 -0.49
C VAL A 16 -0.13 13.94 -0.52
N LEU A 17 -0.55 14.43 0.66
CA LEU A 17 -1.72 15.26 0.82
C LEU A 17 -1.58 16.50 -0.08
N GLU A 18 -0.41 17.12 -0.09
CA GLU A 18 -0.09 18.27 -0.94
C GLU A 18 -0.26 17.91 -2.41
N ARG A 19 0.29 16.76 -2.83
CA ARG A 19 0.26 16.31 -4.22
C ARG A 19 -1.18 16.26 -4.73
N ILE A 20 -2.11 15.72 -3.94
CA ILE A 20 -3.49 15.53 -4.37
C ILE A 20 -4.16 16.87 -4.74
N SER A 21 -3.85 17.96 -4.03
CA SER A 21 -4.27 19.30 -4.43
C SER A 21 -3.44 19.88 -5.58
N THR A 22 -2.14 19.53 -5.65
CA THR A 22 -1.22 20.07 -6.65
C THR A 22 -1.54 19.49 -8.04
N MET A 23 -2.05 18.26 -8.13
CA MET A 23 -2.66 17.67 -9.33
C MET A 23 -3.94 18.44 -9.71
N ARG A 24 -3.74 19.66 -10.21
CA ARG A 24 -4.79 20.51 -10.73
C ARG A 24 -5.22 19.99 -12.08
N LEU A 25 -4.25 19.66 -12.93
CA LEU A 25 -4.54 19.05 -14.23
C LEU A 25 -5.27 17.71 -14.05
N PRO A 26 -6.08 17.31 -15.05
CA PRO A 26 -6.67 15.98 -15.14
C PRO A 26 -5.62 14.95 -15.56
N ASP A 27 -4.80 14.57 -14.59
CA ASP A 27 -3.80 13.50 -14.68
C ASP A 27 -4.55 12.18 -14.91
N GLU A 28 -5.44 11.80 -13.99
CA GLU A 28 -6.12 10.50 -14.02
C GLU A 28 -6.99 10.31 -15.26
N ARG A 29 -7.53 11.39 -15.81
CA ARG A 29 -8.36 11.33 -17.02
C ARG A 29 -7.48 11.07 -18.25
N GLY A 30 -6.23 11.53 -18.23
CA GLY A 30 -5.34 11.50 -19.37
C GLY A 30 -4.74 10.12 -19.60
N PRO A 31 -3.78 10.01 -20.54
CA PRO A 31 -2.85 8.89 -20.58
C PRO A 31 -1.94 8.96 -19.36
N LEU A 32 -1.53 7.83 -18.79
CA LEU A 32 -0.41 7.81 -17.85
C LEU A 32 0.25 6.42 -17.82
N GLU A 33 1.58 6.41 -17.91
CA GLU A 33 2.45 5.25 -17.71
C GLU A 33 3.79 5.72 -17.15
N HIS A 34 3.76 6.48 -16.04
CA HIS A 34 4.99 6.70 -15.26
C HIS A 34 4.76 7.02 -13.78
N LEU A 35 3.68 7.74 -13.43
CA LEU A 35 3.44 8.26 -12.09
C LEU A 35 1.94 8.23 -11.87
N TYR A 36 1.47 7.43 -10.91
CA TYR A 36 0.06 7.16 -10.62
C TYR A 36 -0.15 6.31 -9.36
N SER A 37 0.83 5.48 -9.00
CA SER A 37 0.82 4.47 -7.95
C SER A 37 0.94 5.18 -6.60
N LEU A 38 -0.18 5.66 -6.05
CA LEU A 38 -0.19 6.52 -4.86
C LEU A 38 -0.42 5.67 -3.60
N HIS A 39 0.11 6.08 -2.46
CA HIS A 39 -0.15 5.56 -1.14
C HIS A 39 -0.12 6.74 -0.17
N ILE A 40 -1.06 6.84 0.78
CA ILE A 40 -1.04 7.81 1.87
C ILE A 40 -0.73 7.02 3.17
N PRO A 41 0.48 7.07 3.73
CA PRO A 41 0.80 6.39 4.98
C PRO A 41 0.20 7.16 6.16
N ASN A 42 -1.04 6.84 6.56
CA ASN A 42 -1.61 7.38 7.79
C ASN A 42 -0.92 6.68 8.96
N CYS A 43 -0.63 7.50 9.98
CA CYS A 43 0.02 7.17 11.22
C CYS A 43 -0.69 7.94 12.32
N ASP A 44 -0.62 7.44 13.55
CA ASP A 44 -1.22 8.02 14.75
C ASP A 44 -0.64 9.43 15.03
N LYS A 45 -1.18 10.17 16.00
CA LYS A 45 -0.56 11.40 16.51
C LYS A 45 0.88 11.15 16.94
N HIS A 46 1.15 10.00 17.55
CA HIS A 46 2.50 9.62 17.95
C HIS A 46 3.34 9.21 16.75
N GLY A 47 2.69 8.75 15.67
CA GLY A 47 3.36 8.25 14.48
C GLY A 47 3.42 6.74 14.44
N LEU A 48 2.53 6.03 15.15
CA LEU A 48 2.38 4.58 15.01
C LEU A 48 1.98 4.31 13.56
N TYR A 49 2.91 3.80 12.75
CA TYR A 49 2.73 3.54 11.33
C TYR A 49 1.78 2.35 11.17
N ASN A 50 0.93 2.35 10.14
CA ASN A 50 -0.05 1.29 9.97
C ASN A 50 0.63 -0.03 9.61
N LEU A 51 0.17 -1.11 10.23
CA LEU A 51 0.65 -2.47 10.10
C LEU A 51 0.36 -3.04 8.72
N LYS A 52 -0.54 -2.43 7.94
CA LYS A 52 -0.71 -2.75 6.53
C LYS A 52 -0.98 -1.47 5.75
N GLN A 53 -0.54 -1.42 4.49
CA GLN A 53 -0.69 -0.28 3.60
C GLN A 53 -1.14 -0.83 2.24
N CYS A 54 -1.61 0.05 1.36
CA CYS A 54 -2.21 -0.30 0.08
C CYS A 54 -1.84 0.75 -0.97
N LYS A 55 -1.90 0.39 -2.25
CA LYS A 55 -1.42 1.21 -3.37
C LYS A 55 -2.59 1.50 -4.30
N MET A 56 -3.01 2.76 -4.38
CA MET A 56 -4.05 3.24 -5.27
C MET A 56 -3.44 3.37 -6.67
N SER A 57 -3.95 2.60 -7.64
CA SER A 57 -3.71 2.83 -9.06
C SER A 57 -5.00 2.57 -9.82
N LEU A 58 -5.37 1.29 -9.95
CA LEU A 58 -6.57 0.81 -10.64
C LEU A 58 -7.81 1.43 -10.00
N ASN A 59 -8.85 1.68 -10.79
CA ASN A 59 -9.93 2.58 -10.40
C ASN A 59 -10.61 2.10 -9.12
N GLY A 60 -10.98 0.82 -9.08
CA GLY A 60 -11.45 0.15 -7.87
C GLY A 60 -11.72 -1.29 -8.21
N GLN A 61 -10.67 -2.06 -8.53
CA GLN A 61 -10.78 -3.36 -9.19
C GLN A 61 -10.02 -4.47 -8.45
N ARG A 62 -8.79 -4.22 -8.00
CA ARG A 62 -8.05 -5.11 -7.10
C ARG A 62 -7.82 -4.35 -5.79
N GLY A 63 -7.14 -4.97 -4.84
CA GLY A 63 -6.72 -4.37 -3.58
C GLY A 63 -5.29 -4.79 -3.35
N GLU A 64 -4.35 -4.12 -4.01
CA GLU A 64 -2.94 -4.35 -3.75
C GLU A 64 -2.62 -3.69 -2.40
N CYS A 65 -2.22 -4.52 -1.44
CA CYS A 65 -1.85 -4.15 -0.08
C CYS A 65 -0.70 -5.06 0.37
N TRP A 66 0.00 -4.71 1.45
CA TRP A 66 1.02 -5.51 2.09
C TRP A 66 0.90 -5.22 3.59
N CYS A 67 1.40 -6.13 4.44
CA CYS A 67 1.50 -5.89 5.87
C CYS A 67 2.96 -5.56 6.14
N VAL A 68 3.30 -5.02 7.32
CA VAL A 68 4.69 -4.57 7.54
C VAL A 68 5.37 -5.46 8.58
N ASN A 69 6.70 -5.46 8.55
CA ASN A 69 7.57 -5.94 9.61
C ASN A 69 8.23 -4.71 10.25
N PRO A 70 9.05 -3.93 9.50
CA PRO A 70 9.63 -2.69 10.02
C PRO A 70 8.55 -1.72 10.48
N ASN A 71 8.85 -1.02 11.58
CA ASN A 71 8.00 0.02 12.18
C ASN A 71 7.80 1.21 11.24
N THR A 72 8.67 1.35 10.23
CA THR A 72 8.62 2.38 9.22
C THR A 72 7.85 1.87 7.99
N GLY A 73 7.52 0.58 7.90
CA GLY A 73 6.85 -0.03 6.74
C GLY A 73 7.55 0.20 5.40
N LYS A 74 8.81 0.66 5.38
CA LYS A 74 9.48 1.13 4.17
C LYS A 74 10.55 0.13 3.71
N LEU A 75 10.25 -1.17 3.76
CA LEU A 75 11.06 -2.22 3.14
C LEU A 75 10.08 -3.30 2.64
N ILE A 76 9.21 -2.93 1.70
CA ILE A 76 8.21 -3.88 1.19
C ILE A 76 8.92 -5.09 0.57
N GLN A 77 8.53 -6.30 0.97
CA GLN A 77 9.14 -7.53 0.49
C GLN A 77 8.51 -7.96 -0.84
N GLY A 78 8.89 -7.28 -1.91
CA GLY A 78 8.73 -7.68 -3.32
C GLY A 78 7.36 -8.25 -3.67
N ALA A 79 6.30 -7.78 -3.03
CA ALA A 79 4.94 -8.26 -3.25
C ALA A 79 4.56 -8.06 -4.73
N PRO A 80 4.32 -9.12 -5.51
CA PRO A 80 4.04 -9.03 -6.94
C PRO A 80 2.58 -8.64 -7.21
N THR A 81 1.63 -9.36 -6.61
CA THR A 81 0.28 -8.91 -6.33
C THR A 81 -0.02 -9.35 -4.90
N ILE A 82 -1.16 -8.92 -4.36
CA ILE A 82 -1.79 -9.49 -3.17
C ILE A 82 -3.28 -9.53 -3.46
N ARG A 83 -3.94 -10.63 -3.12
CA ARG A 83 -5.38 -10.77 -3.25
C ARG A 83 -6.06 -10.10 -2.06
N GLY A 84 -5.95 -8.78 -1.93
CA GLY A 84 -6.70 -7.98 -0.97
C GLY A 84 -6.10 -8.05 0.43
N ASP A 85 -6.23 -9.19 1.08
CA ASP A 85 -5.64 -9.48 2.39
C ASP A 85 -4.21 -9.94 2.14
N PRO A 86 -3.18 -9.18 2.56
CA PRO A 86 -1.80 -9.67 2.59
C PRO A 86 -1.72 -10.74 3.67
N GLU A 87 -1.81 -11.99 3.24
CA GLU A 87 -1.74 -13.15 4.11
C GLU A 87 -0.28 -13.39 4.48
N CYS A 88 0.27 -12.53 5.35
CA CYS A 88 1.68 -12.57 5.73
C CYS A 88 1.87 -13.41 7.00
N HIS A 89 2.92 -14.22 7.04
CA HIS A 89 3.53 -14.84 8.21
C HIS A 89 4.71 -15.68 7.72
N LEU A 90 4.52 -16.95 7.33
CA LEU A 90 5.62 -17.88 7.05
C LEU A 90 5.31 -18.87 5.92
N PHE A 91 4.13 -19.51 5.94
CA PHE A 91 3.71 -20.62 5.07
C PHE A 91 2.73 -20.15 3.99
N TYR A 92 2.81 -18.88 3.59
CA TYR A 92 1.85 -18.12 2.79
C TYR A 92 1.76 -18.54 1.30
N ASN A 93 1.66 -19.84 1.02
CA ASN A 93 2.01 -20.47 -0.25
C ASN A 93 1.02 -20.23 -1.40
N GLU A 94 0.98 -19.02 -1.96
CA GLU A 94 -0.06 -18.64 -2.92
C GLU A 94 0.17 -19.22 -4.33
N GLN A 95 1.42 -19.35 -4.76
CA GLN A 95 1.73 -19.89 -6.10
C GLN A 95 1.28 -21.34 -6.17
N GLN A 96 0.33 -21.63 -7.07
CA GLN A 96 -0.27 -22.95 -7.25
C GLN A 96 -0.68 -23.05 -8.71
N GLU A 97 -1.74 -22.34 -9.10
CA GLU A 97 -2.38 -22.43 -10.40
C GLU A 97 -2.62 -21.00 -10.89
N ALA A 98 -1.90 -20.60 -11.94
CA ALA A 98 -2.12 -19.34 -12.63
C ALA A 98 -3.48 -19.40 -13.30
N ARG A 99 -4.44 -18.60 -12.80
CA ARG A 99 -5.71 -18.36 -13.49
C ARG A 99 -5.41 -17.75 -14.85
N GLY A 100 -4.64 -16.67 -14.88
CA GLY A 100 -4.05 -16.18 -16.10
C GLY A 100 -3.09 -15.05 -15.80
N VAL A 101 -2.11 -14.84 -16.68
CA VAL A 101 -1.07 -13.83 -16.55
C VAL A 101 -0.78 -13.28 -17.95
N HIS A 102 -0.39 -12.01 -18.02
CA HIS A 102 0.10 -11.41 -19.26
C HIS A 102 1.49 -11.95 -19.56
N THR A 103 1.83 -12.08 -20.84
CA THR A 103 3.17 -12.24 -21.36
C THR A 103 3.21 -11.57 -22.74
N GLN A 104 3.50 -10.27 -22.79
CA GLN A 104 3.89 -9.59 -24.02
C GLN A 104 4.95 -8.54 -23.66
N ARG A 105 5.91 -8.31 -24.56
CA ARG A 105 6.89 -7.24 -24.39
C ARG A 105 6.23 -5.88 -24.60
N MET A 106 5.63 -5.36 -23.53
CA MET A 106 5.29 -3.96 -23.37
C MET A 106 6.58 -3.13 -23.22
N GLN A 107 6.45 -1.84 -22.93
CA GLN A 107 7.56 -0.90 -22.82
C GLN A 107 7.65 -0.53 -21.36
N GLY A 1 1.73 30.27 7.38
CA GLY A 1 2.09 30.07 8.79
C GLY A 1 1.83 28.62 9.09
N PRO A 2 2.83 27.75 8.91
CA PRO A 2 2.60 26.34 8.60
C PRO A 2 2.25 25.49 9.83
N PRO A 3 1.68 24.30 9.62
CA PRO A 3 1.51 23.30 10.67
C PRO A 3 2.84 22.55 10.93
N PRO A 4 3.18 22.22 12.18
CA PRO A 4 4.44 21.55 12.52
C PRO A 4 4.39 20.03 12.30
N ALA A 5 5.49 19.48 11.77
CA ALA A 5 5.67 18.06 11.50
C ALA A 5 6.72 17.47 12.43
N ARG A 6 6.31 16.90 13.57
CA ARG A 6 7.25 16.20 14.46
C ARG A 6 7.63 14.84 13.90
N THR A 7 6.67 13.96 13.63
CA THR A 7 6.98 12.62 13.13
C THR A 7 7.46 12.72 11.67
N PRO A 8 8.53 12.04 11.26
CA PRO A 8 8.96 12.01 9.87
C PRO A 8 7.92 11.35 8.96
N CYS A 9 7.13 10.38 9.46
CA CYS A 9 5.95 9.85 8.78
C CYS A 9 5.02 10.99 8.35
N GLN A 10 4.67 11.86 9.30
CA GLN A 10 3.77 12.97 9.09
C GLN A 10 4.42 13.92 8.09
N GLN A 11 5.72 14.23 8.26
CA GLN A 11 6.44 15.14 7.37
C GLN A 11 6.43 14.64 5.92
N GLU A 12 6.41 13.32 5.67
CA GLU A 12 6.20 12.80 4.32
C GLU A 12 4.74 12.94 3.90
N LEU A 13 3.81 12.48 4.74
CA LEU A 13 2.37 12.44 4.43
C LEU A 13 1.88 13.83 4.06
N ASP A 14 2.40 14.85 4.75
CA ASP A 14 1.98 16.23 4.58
C ASP A 14 2.40 16.74 3.20
N GLN A 15 3.58 16.32 2.72
CA GLN A 15 4.03 16.59 1.35
C GLN A 15 3.17 15.85 0.32
N VAL A 16 2.74 14.61 0.60
CA VAL A 16 1.84 13.88 -0.30
C VAL A 16 0.57 14.71 -0.45
N LEU A 17 -0.02 15.10 0.67
CA LEU A 17 -1.31 15.76 0.69
C LEU A 17 -1.21 17.12 0.00
N GLU A 18 -0.17 17.89 0.31
CA GLU A 18 0.07 19.18 -0.34
C GLU A 18 0.27 19.01 -1.85
N ARG A 19 0.94 17.93 -2.32
CA ARG A 19 1.06 17.67 -3.76
C ARG A 19 -0.31 17.34 -4.36
N ILE A 20 -1.09 16.46 -3.73
CA ILE A 20 -2.42 16.10 -4.20
C ILE A 20 -3.29 17.36 -4.28
N SER A 21 -3.11 18.31 -3.37
CA SER A 21 -3.79 19.60 -3.35
C SER A 21 -3.31 20.49 -4.52
N THR A 22 -2.02 20.44 -4.87
CA THR A 22 -1.45 21.18 -6.00
C THR A 22 -1.90 20.59 -7.35
N MET A 23 -2.09 19.28 -7.45
CA MET A 23 -2.45 18.61 -8.69
C MET A 23 -3.95 18.73 -8.91
N ARG A 24 -4.33 19.60 -9.85
CA ARG A 24 -5.72 19.80 -10.23
C ARG A 24 -6.22 18.55 -10.92
N LEU A 25 -7.22 17.88 -10.33
CA LEU A 25 -7.87 16.70 -10.88
C LEU A 25 -8.23 16.84 -12.36
N PRO A 26 -8.85 17.94 -12.83
CA PRO A 26 -9.02 18.17 -14.25
C PRO A 26 -7.70 18.65 -14.87
N ASP A 27 -6.87 17.69 -15.25
CA ASP A 27 -5.80 17.93 -16.23
C ASP A 27 -6.49 18.05 -17.59
N GLU A 28 -6.85 19.28 -17.95
CA GLU A 28 -7.54 19.58 -19.21
C GLU A 28 -6.60 19.31 -20.40
N ARG A 29 -5.28 19.50 -20.21
CA ARG A 29 -4.17 19.13 -21.08
C ARG A 29 -2.91 19.35 -20.23
N GLY A 30 -2.42 18.32 -19.55
CA GLY A 30 -1.45 18.47 -18.47
C GLY A 30 -0.80 17.11 -18.16
N PRO A 31 -0.46 16.82 -16.90
CA PRO A 31 -0.05 15.50 -16.47
C PRO A 31 -1.28 14.61 -16.24
N LEU A 32 -1.46 13.58 -17.08
CA LEU A 32 -2.37 12.48 -16.77
C LEU A 32 -1.90 11.83 -15.47
N GLU A 33 -2.83 11.43 -14.60
CA GLU A 33 -2.54 11.01 -13.23
C GLU A 33 -3.51 9.88 -12.84
N HIS A 34 -3.42 8.71 -13.50
CA HIS A 34 -4.40 7.63 -13.32
C HIS A 34 -3.77 6.24 -13.31
N LEU A 35 -2.79 5.98 -14.19
CA LEU A 35 -2.17 4.67 -14.27
C LEU A 35 -1.19 4.49 -13.12
N TYR A 36 -0.47 5.56 -12.75
CA TYR A 36 0.41 5.63 -11.61
C TYR A 36 -0.39 5.27 -10.35
N SER A 37 0.01 4.18 -9.69
CA SER A 37 -0.66 3.67 -8.52
C SER A 37 -0.42 4.57 -7.31
N LEU A 38 -1.50 4.90 -6.60
CA LEU A 38 -1.47 5.82 -5.47
C LEU A 38 -1.31 4.98 -4.19
N HIS A 39 -0.61 5.54 -3.22
CA HIS A 39 -0.59 5.06 -1.84
C HIS A 39 -0.47 6.31 -0.98
N ILE A 40 -1.53 6.64 -0.23
CA ILE A 40 -1.43 7.57 0.89
C ILE A 40 -0.92 6.73 2.08
N PRO A 41 0.22 7.07 2.72
CA PRO A 41 0.67 6.36 3.91
C PRO A 41 -0.30 6.61 5.07
N ASN A 42 -0.47 5.63 5.95
CA ASN A 42 -1.33 5.72 7.13
C ASN A 42 -0.49 5.66 8.40
N CYS A 43 -0.50 6.75 9.16
CA CYS A 43 0.04 6.83 10.51
C CYS A 43 -1.07 7.05 11.53
N ASP A 44 -0.85 6.61 12.77
CA ASP A 44 -1.73 6.94 13.88
C ASP A 44 -1.69 8.42 14.24
N LYS A 45 -2.52 8.84 15.20
CA LYS A 45 -2.66 10.27 15.56
C LYS A 45 -1.33 10.86 16.00
N HIS A 46 -0.59 10.16 16.87
CA HIS A 46 0.69 10.67 17.34
C HIS A 46 1.82 10.27 16.38
N GLY A 47 1.54 9.48 15.35
CA GLY A 47 2.49 9.18 14.30
C GLY A 47 3.23 7.90 14.64
N LEU A 48 2.72 6.78 14.12
CA LEU A 48 3.31 5.46 14.08
C LEU A 48 2.79 4.84 12.79
N TYR A 49 3.66 4.27 11.95
CA TYR A 49 3.25 3.58 10.73
C TYR A 49 2.33 2.41 11.12
N ASN A 50 1.13 2.37 10.54
CA ASN A 50 0.29 1.16 10.58
C ASN A 50 1.06 0.03 9.93
N LEU A 51 1.06 -1.16 10.55
CA LEU A 51 1.86 -2.29 10.11
C LEU A 51 1.28 -2.96 8.87
N LYS A 52 0.17 -2.46 8.32
CA LYS A 52 -0.43 -2.90 7.08
C LYS A 52 -0.71 -1.66 6.27
N GLN A 53 -0.42 -1.67 4.97
CA GLN A 53 -0.70 -0.57 4.07
C GLN A 53 -1.17 -1.18 2.75
N CYS A 54 -1.91 -0.41 1.95
CA CYS A 54 -2.45 -0.83 0.66
C CYS A 54 -1.97 0.08 -0.47
N LYS A 55 -2.05 -0.41 -1.71
CA LYS A 55 -1.87 0.36 -2.92
C LYS A 55 -3.24 0.45 -3.59
N MET A 56 -3.50 1.56 -4.29
CA MET A 56 -4.82 1.94 -4.74
C MET A 56 -4.72 2.36 -6.21
N SER A 57 -5.50 1.70 -7.08
CA SER A 57 -5.70 2.14 -8.45
C SER A 57 -7.16 1.85 -8.85
N LEU A 58 -7.45 0.65 -9.36
CA LEU A 58 -8.70 0.26 -10.04
C LEU A 58 -9.90 0.73 -9.18
N ASN A 59 -10.57 1.81 -9.59
CA ASN A 59 -11.36 2.62 -8.68
C ASN A 59 -12.53 1.82 -8.12
N GLY A 60 -12.75 1.90 -6.81
CA GLY A 60 -13.82 1.20 -6.11
C GLY A 60 -13.48 -0.27 -5.85
N GLN A 61 -12.55 -0.89 -6.58
CA GLN A 61 -12.09 -2.25 -6.31
C GLN A 61 -11.21 -2.21 -5.07
N ARG A 62 -11.35 -3.20 -4.17
CA ARG A 62 -10.51 -3.27 -2.97
C ARG A 62 -9.06 -3.47 -3.41
N GLY A 63 -8.22 -2.47 -3.20
CA GLY A 63 -6.81 -2.58 -3.58
C GLY A 63 -6.08 -3.52 -2.63
N GLU A 64 -4.91 -3.99 -3.06
CA GLU A 64 -4.13 -4.97 -2.34
C GLU A 64 -3.31 -4.32 -1.23
N CYS A 65 -3.05 -5.07 -0.14
CA CYS A 65 -2.26 -4.68 1.01
C CYS A 65 -1.08 -5.62 1.22
N TRP A 66 -0.09 -5.15 1.99
CA TRP A 66 1.00 -5.95 2.55
C TRP A 66 0.99 -5.69 4.05
N CYS A 67 1.76 -6.47 4.80
CA CYS A 67 2.15 -6.13 6.15
C CYS A 67 3.61 -5.64 6.07
N VAL A 68 4.06 -4.89 7.08
CA VAL A 68 5.40 -4.34 7.12
C VAL A 68 6.13 -5.03 8.27
N ASN A 69 7.35 -5.50 8.03
CA ASN A 69 8.16 -6.11 9.08
C ASN A 69 8.95 -4.99 9.77
N PRO A 70 9.80 -4.19 9.09
CA PRO A 70 10.44 -3.02 9.70
C PRO A 70 9.50 -1.82 9.87
N ASN A 71 10.04 -0.72 10.38
CA ASN A 71 9.30 0.45 10.94
C ASN A 71 8.99 1.50 9.87
N THR A 72 9.61 1.33 8.70
CA THR A 72 9.60 2.27 7.59
C THR A 72 8.57 1.87 6.52
N GLY A 73 8.24 0.58 6.44
CA GLY A 73 7.37 -0.01 5.42
C GLY A 73 7.86 0.14 3.98
N LYS A 74 9.09 0.61 3.77
CA LYS A 74 9.47 1.09 2.43
C LYS A 74 9.89 -0.01 1.45
N LEU A 75 9.95 -1.28 1.85
CA LEU A 75 10.79 -2.28 1.19
C LEU A 75 9.97 -3.24 0.32
N ILE A 76 8.77 -2.86 -0.08
CA ILE A 76 7.80 -3.73 -0.73
C ILE A 76 8.38 -4.44 -1.96
N GLN A 77 8.14 -5.74 -2.09
CA GLN A 77 8.46 -6.48 -3.30
C GLN A 77 7.29 -6.46 -4.28
N GLY A 78 6.89 -5.24 -4.68
CA GLY A 78 5.83 -4.88 -5.64
C GLY A 78 4.71 -5.93 -5.75
N ALA A 79 4.21 -6.36 -4.59
CA ALA A 79 3.46 -7.59 -4.41
C ALA A 79 2.19 -7.64 -5.30
N PRO A 80 1.73 -8.84 -5.70
CA PRO A 80 0.62 -8.98 -6.65
C PRO A 80 -0.70 -8.50 -6.04
N THR A 81 -1.73 -8.34 -6.87
CA THR A 81 -3.03 -7.93 -6.37
C THR A 81 -3.62 -9.13 -5.62
N ILE A 82 -4.25 -8.81 -4.50
CA ILE A 82 -4.85 -9.70 -3.54
C ILE A 82 -6.20 -9.04 -3.22
N ARG A 83 -7.17 -9.84 -2.74
CA ARG A 83 -8.51 -9.39 -2.36
C ARG A 83 -8.54 -8.18 -1.43
N GLY A 84 -7.43 -7.86 -0.74
CA GLY A 84 -7.30 -6.81 0.25
C GLY A 84 -6.98 -7.38 1.63
N ASP A 85 -7.03 -8.70 1.78
CA ASP A 85 -6.69 -9.43 3.00
C ASP A 85 -5.35 -10.12 2.75
N PRO A 86 -4.21 -9.54 3.21
CA PRO A 86 -2.94 -10.27 3.28
C PRO A 86 -2.97 -11.31 4.40
N GLU A 87 -1.94 -12.17 4.38
CA GLU A 87 -1.75 -13.32 5.23
C GLU A 87 -0.32 -13.25 5.75
N CYS A 88 -0.17 -12.69 6.96
CA CYS A 88 1.10 -12.58 7.63
C CYS A 88 0.99 -13.23 9.00
N HIS A 89 1.93 -14.11 9.30
CA HIS A 89 2.20 -14.69 10.60
C HIS A 89 3.71 -14.94 10.66
N LEU A 90 4.24 -15.20 11.86
CA LEU A 90 5.69 -15.35 12.03
C LEU A 90 6.14 -16.69 11.44
N PHE A 91 5.43 -17.76 11.82
CA PHE A 91 5.57 -19.09 11.27
C PHE A 91 5.12 -19.08 9.80
N TYR A 92 6.01 -18.75 8.87
CA TYR A 92 5.66 -18.71 7.44
C TYR A 92 6.87 -19.10 6.58
N ASN A 93 7.04 -20.41 6.37
CA ASN A 93 8.05 -20.99 5.50
C ASN A 93 7.32 -21.82 4.45
N GLU A 94 7.42 -21.43 3.17
CA GLU A 94 6.81 -22.16 2.06
C GLU A 94 7.35 -23.59 2.09
N GLN A 95 6.51 -24.58 1.78
CA GLN A 95 6.95 -25.96 1.76
C GLN A 95 7.84 -26.18 0.54
N GLN A 96 8.86 -27.03 0.69
CA GLN A 96 9.76 -27.44 -0.37
C GLN A 96 8.89 -27.90 -1.55
N GLU A 97 9.07 -27.25 -2.70
CA GLU A 97 8.16 -27.40 -3.83
C GLU A 97 8.32 -28.79 -4.44
N ALA A 98 7.43 -29.13 -5.38
CA ALA A 98 7.49 -30.38 -6.14
C ALA A 98 8.90 -30.55 -6.72
N ARG A 99 9.61 -31.56 -6.22
CA ARG A 99 11.01 -31.81 -6.53
C ARG A 99 11.19 -32.53 -7.89
N GLY A 100 10.09 -32.93 -8.52
CA GLY A 100 10.02 -33.40 -9.89
C GLY A 100 8.81 -32.71 -10.52
N VAL A 101 9.04 -31.98 -11.61
CA VAL A 101 8.05 -31.17 -12.32
C VAL A 101 8.39 -31.19 -13.81
N HIS A 102 7.49 -30.67 -14.65
CA HIS A 102 7.85 -30.30 -16.02
C HIS A 102 8.90 -29.18 -15.96
N THR A 103 9.76 -29.12 -16.98
CA THR A 103 10.77 -28.09 -17.11
C THR A 103 10.11 -26.71 -17.28
N GLN A 104 10.40 -25.79 -16.36
CA GLN A 104 10.37 -24.35 -16.57
C GLN A 104 11.67 -23.79 -15.99
N ARG A 105 12.15 -22.68 -16.55
CA ARG A 105 13.20 -21.80 -16.02
C ARG A 105 13.37 -20.69 -17.05
N MET A 106 13.62 -19.47 -16.62
CA MET A 106 13.99 -18.35 -17.49
C MET A 106 14.39 -17.21 -16.57
N GLN A 107 15.69 -17.01 -16.37
CA GLN A 107 16.17 -15.85 -15.64
C GLN A 107 15.99 -14.66 -16.58
N GLY A 1 -11.03 17.16 6.54
CA GLY A 1 -9.84 16.32 6.76
C GLY A 1 -9.67 15.98 8.23
N PRO A 2 -8.60 15.23 8.59
CA PRO A 2 -8.15 15.08 9.98
C PRO A 2 -7.49 16.39 10.44
N PRO A 3 -7.13 16.55 11.73
CA PRO A 3 -6.19 17.60 12.11
C PRO A 3 -4.77 17.21 11.65
N PRO A 4 -3.82 18.15 11.62
CA PRO A 4 -2.42 17.79 11.59
C PRO A 4 -2.02 17.14 12.92
N ALA A 5 -0.96 16.33 12.91
CA ALA A 5 -0.32 15.77 14.09
C ALA A 5 1.17 15.74 13.77
N ARG A 6 1.96 16.55 14.47
CA ARG A 6 3.40 16.68 14.32
C ARG A 6 4.07 15.32 14.54
N THR A 7 4.34 14.57 13.47
CA THR A 7 5.07 13.32 13.50
C THR A 7 5.95 13.26 12.25
N PRO A 8 6.99 12.41 12.18
CA PRO A 8 7.80 12.31 10.98
C PRO A 8 7.04 11.57 9.88
N CYS A 9 6.13 10.65 10.23
CA CYS A 9 5.23 10.02 9.30
C CYS A 9 4.27 11.05 8.72
N GLN A 10 3.78 12.00 9.50
CA GLN A 10 2.96 13.09 8.97
C GLN A 10 3.81 13.95 8.04
N GLN A 11 5.02 14.38 8.42
CA GLN A 11 5.84 15.17 7.51
C GLN A 11 6.09 14.44 6.19
N GLU A 12 6.24 13.12 6.22
CA GLU A 12 6.45 12.30 5.03
C GLU A 12 5.17 12.19 4.20
N LEU A 13 4.05 11.84 4.83
CA LEU A 13 2.77 11.62 4.16
C LEU A 13 2.23 12.93 3.60
N ASP A 14 2.51 14.03 4.27
CA ASP A 14 1.95 15.34 3.94
C ASP A 14 2.60 15.87 2.66
N GLN A 15 3.86 15.50 2.40
CA GLN A 15 4.52 15.81 1.13
C GLN A 15 3.73 15.20 -0.02
N VAL A 16 3.23 13.97 0.16
CA VAL A 16 2.49 13.25 -0.85
C VAL A 16 1.07 13.85 -0.97
N LEU A 17 0.41 14.19 0.14
CA LEU A 17 -0.93 14.75 0.07
C LEU A 17 -0.90 16.10 -0.65
N GLU A 18 0.13 16.90 -0.39
CA GLU A 18 0.34 18.18 -1.04
C GLU A 18 0.48 17.98 -2.55
N ARG A 19 1.37 17.07 -2.98
CA ARG A 19 1.68 16.91 -4.40
C ARG A 19 0.58 16.21 -5.17
N ILE A 20 -0.18 15.32 -4.54
CA ILE A 20 -1.33 14.64 -5.15
C ILE A 20 -2.40 15.65 -5.53
N SER A 21 -2.79 16.54 -4.61
CA SER A 21 -3.82 17.54 -4.90
C SER A 21 -3.29 18.69 -5.77
N THR A 22 -1.98 18.93 -5.80
CA THR A 22 -1.34 19.83 -6.75
C THR A 22 -1.34 19.24 -8.16
N MET A 23 -1.20 17.92 -8.32
CA MET A 23 -1.34 17.29 -9.63
C MET A 23 -2.75 17.56 -10.19
N ARG A 24 -2.85 17.71 -11.51
CA ARG A 24 -4.07 18.13 -12.20
C ARG A 24 -4.04 17.55 -13.62
N LEU A 25 -4.54 16.32 -13.81
CA LEU A 25 -4.63 15.68 -15.13
C LEU A 25 -6.10 15.34 -15.42
N PRO A 26 -6.87 16.21 -16.09
CA PRO A 26 -8.10 15.81 -16.74
C PRO A 26 -7.83 14.90 -17.94
N ASP A 27 -6.85 15.23 -18.80
CA ASP A 27 -6.88 14.79 -20.19
C ASP A 27 -5.55 14.28 -20.74
N GLU A 28 -4.41 14.80 -20.27
CA GLU A 28 -3.16 14.76 -21.01
C GLU A 28 -2.66 13.34 -21.28
N ARG A 29 -2.59 12.52 -20.23
CA ARG A 29 -1.95 11.21 -20.24
C ARG A 29 -2.71 10.30 -19.29
N GLY A 30 -3.96 10.00 -19.61
CA GLY A 30 -4.83 9.18 -18.79
C GLY A 30 -5.32 7.96 -19.55
N PRO A 31 -4.47 6.94 -19.81
CA PRO A 31 -4.86 5.74 -20.52
C PRO A 31 -5.67 4.78 -19.63
N LEU A 32 -5.62 4.95 -18.31
CA LEU A 32 -6.50 4.25 -17.37
C LEU A 32 -7.69 5.15 -17.10
N GLU A 33 -7.45 6.34 -16.55
CA GLU A 33 -8.47 7.35 -16.28
C GLU A 33 -7.76 8.68 -15.98
N HIS A 34 -8.50 9.66 -15.47
CA HIS A 34 -8.02 11.00 -15.11
C HIS A 34 -7.15 10.98 -13.84
N LEU A 35 -7.73 10.79 -12.65
CA LEU A 35 -7.01 10.54 -11.39
C LEU A 35 -7.38 9.13 -10.95
N TYR A 36 -6.42 8.40 -10.41
CA TYR A 36 -6.60 7.01 -10.01
C TYR A 36 -5.60 6.70 -8.90
N SER A 37 -4.33 6.63 -9.24
CA SER A 37 -3.23 6.28 -8.35
C SER A 37 -3.11 7.25 -7.17
N LEU A 38 -3.47 6.83 -5.95
CA LEU A 38 -3.28 7.56 -4.70
C LEU A 38 -2.79 6.60 -3.62
N HIS A 39 -1.86 7.01 -2.75
CA HIS A 39 -1.63 6.37 -1.46
C HIS A 39 -1.27 7.42 -0.42
N ILE A 40 -2.07 7.48 0.64
CA ILE A 40 -1.82 8.22 1.86
C ILE A 40 -2.02 7.23 3.02
N PRO A 41 -0.96 6.80 3.72
CA PRO A 41 -1.13 6.01 4.94
C PRO A 41 -1.69 6.90 6.05
N ASN A 42 -2.43 6.30 6.98
CA ASN A 42 -2.74 6.94 8.26
C ASN A 42 -1.59 6.64 9.22
N CYS A 43 -1.27 7.58 10.11
CA CYS A 43 -0.29 7.39 11.17
C CYS A 43 -0.92 7.85 12.48
N ASP A 44 -0.96 7.00 13.50
CA ASP A 44 -1.53 7.37 14.79
C ASP A 44 -0.65 8.49 15.41
N LYS A 45 -1.22 9.27 16.33
CA LYS A 45 -0.76 10.62 16.66
C LYS A 45 0.55 10.64 17.42
N HIS A 46 0.79 9.60 18.21
CA HIS A 46 2.03 9.44 18.95
C HIS A 46 3.14 8.97 17.99
N GLY A 47 2.78 8.46 16.80
CA GLY A 47 3.69 7.93 15.79
C GLY A 47 3.51 6.43 15.66
N LEU A 48 2.56 5.99 14.84
CA LEU A 48 2.40 4.59 14.49
C LEU A 48 1.95 4.52 13.03
N TYR A 49 2.91 4.42 12.11
CA TYR A 49 2.67 4.19 10.70
C TYR A 49 2.03 2.82 10.54
N ASN A 50 1.16 2.67 9.53
CA ASN A 50 0.29 1.50 9.39
C ASN A 50 1.09 0.24 9.08
N LEU A 51 0.77 -0.84 9.80
CA LEU A 51 1.50 -2.09 9.82
C LEU A 51 1.25 -2.94 8.57
N LYS A 52 0.17 -2.64 7.85
CA LYS A 52 -0.02 -2.98 6.44
C LYS A 52 -0.62 -1.77 5.74
N GLN A 53 -0.07 -1.42 4.58
CA GLN A 53 -0.45 -0.28 3.75
C GLN A 53 -1.01 -0.86 2.46
N CYS A 54 -1.77 -0.06 1.70
CA CYS A 54 -2.33 -0.48 0.42
C CYS A 54 -2.31 0.69 -0.56
N LYS A 55 -2.32 0.41 -1.85
CA LYS A 55 -2.30 1.41 -2.91
C LYS A 55 -3.72 1.48 -3.47
N MET A 56 -4.35 2.66 -3.40
CA MET A 56 -5.61 2.85 -4.07
C MET A 56 -5.30 3.25 -5.51
N SER A 57 -6.01 2.65 -6.45
CA SER A 57 -6.03 3.11 -7.85
C SER A 57 -7.44 3.08 -8.45
N LEU A 58 -8.44 2.49 -7.79
CA LEU A 58 -9.83 2.53 -8.21
C LEU A 58 -10.67 2.23 -6.97
N ASN A 59 -11.92 2.69 -6.94
CA ASN A 59 -12.80 2.46 -5.80
C ASN A 59 -13.32 1.02 -5.81
N GLY A 60 -13.85 0.57 -6.94
CA GLY A 60 -14.59 -0.69 -7.06
C GLY A 60 -13.74 -1.91 -7.42
N GLN A 61 -12.49 -1.74 -7.89
CA GLN A 61 -11.52 -2.83 -7.95
C GLN A 61 -11.05 -3.15 -6.53
N ARG A 62 -10.25 -4.22 -6.35
CA ARG A 62 -9.44 -4.34 -5.14
C ARG A 62 -8.31 -3.30 -5.20
N GLY A 63 -7.61 -3.13 -4.08
CA GLY A 63 -6.35 -2.40 -4.04
C GLY A 63 -5.36 -3.24 -3.28
N GLU A 64 -4.21 -3.48 -3.91
CA GLU A 64 -3.11 -4.29 -3.42
C GLU A 64 -2.54 -3.68 -2.15
N CYS A 65 -2.07 -4.56 -1.25
CA CYS A 65 -1.57 -4.23 0.07
C CYS A 65 -0.25 -4.97 0.27
N TRP A 66 0.58 -4.45 1.18
CA TRP A 66 1.81 -5.03 1.65
C TRP A 66 1.90 -4.72 3.15
N CYS A 67 2.83 -5.36 3.85
CA CYS A 67 3.04 -5.16 5.27
C CYS A 67 4.26 -4.27 5.45
N VAL A 68 4.46 -3.68 6.64
CA VAL A 68 5.73 -3.02 6.92
C VAL A 68 6.48 -3.78 8.02
N ASN A 69 7.80 -3.81 7.87
CA ASN A 69 8.74 -4.15 8.94
C ASN A 69 9.25 -2.85 9.54
N PRO A 70 9.96 -1.97 8.79
CA PRO A 70 10.53 -0.78 9.36
C PRO A 70 9.47 0.24 9.80
N ASN A 71 9.94 1.18 10.62
CA ASN A 71 9.15 2.20 11.33
C ASN A 71 8.63 3.24 10.37
N THR A 72 9.35 3.43 9.28
CA THR A 72 9.13 4.42 8.24
C THR A 72 8.21 3.83 7.16
N GLY A 73 7.79 2.56 7.33
CA GLY A 73 7.01 1.73 6.44
C GLY A 73 7.20 2.10 4.98
N LYS A 74 8.41 1.86 4.48
CA LYS A 74 8.77 2.38 3.17
C LYS A 74 8.36 1.37 2.13
N LEU A 75 9.01 0.21 2.11
CA LEU A 75 8.64 -0.93 1.30
C LEU A 75 9.04 -2.16 2.11
N ILE A 76 8.34 -3.27 1.89
CA ILE A 76 8.71 -4.58 2.42
C ILE A 76 10.06 -5.02 1.81
N GLN A 77 10.07 -5.52 0.57
CA GLN A 77 11.29 -5.82 -0.17
C GLN A 77 11.09 -5.86 -1.69
N GLY A 78 10.11 -5.13 -2.23
CA GLY A 78 9.84 -5.18 -3.66
C GLY A 78 9.24 -6.54 -4.05
N ALA A 79 8.44 -7.12 -3.15
CA ALA A 79 7.72 -8.37 -3.40
C ALA A 79 6.80 -8.30 -4.66
N PRO A 80 6.34 -9.44 -5.22
CA PRO A 80 5.55 -9.53 -6.45
C PRO A 80 4.08 -9.06 -6.31
N THR A 81 3.22 -9.36 -7.29
CA THR A 81 1.83 -8.94 -7.31
C THR A 81 1.00 -9.78 -6.32
N ILE A 82 -0.05 -9.21 -5.74
CA ILE A 82 -0.79 -9.79 -4.62
C ILE A 82 -2.29 -9.75 -4.92
N ARG A 83 -2.93 -10.93 -4.80
CA ARG A 83 -4.37 -11.23 -4.88
C ARG A 83 -5.24 -10.54 -3.80
N GLY A 84 -4.79 -9.42 -3.23
CA GLY A 84 -5.51 -8.69 -2.20
C GLY A 84 -5.38 -9.34 -0.81
N ASP A 85 -4.72 -10.49 -0.70
CA ASP A 85 -4.43 -11.18 0.56
C ASP A 85 -2.91 -11.16 0.73
N PRO A 86 -2.35 -10.22 1.52
CA PRO A 86 -0.92 -10.08 1.72
C PRO A 86 -0.43 -11.16 2.70
N GLU A 87 0.10 -12.26 2.17
CA GLU A 87 0.88 -13.22 2.93
C GLU A 87 2.34 -12.81 2.68
N CYS A 88 2.91 -11.93 3.50
CA CYS A 88 4.30 -11.48 3.36
C CYS A 88 5.17 -12.22 4.38
N HIS A 89 6.30 -12.79 3.94
CA HIS A 89 7.19 -13.57 4.80
C HIS A 89 8.60 -12.97 4.82
N LEU A 90 9.42 -13.51 5.72
CA LEU A 90 10.86 -13.34 5.71
C LEU A 90 11.48 -13.85 4.41
N PHE A 91 12.75 -13.52 4.24
CA PHE A 91 13.56 -13.83 3.07
C PHE A 91 13.93 -15.33 2.92
N TYR A 92 13.32 -16.20 3.72
CA TYR A 92 13.54 -17.63 3.80
C TYR A 92 12.22 -18.34 3.58
N ASN A 93 12.13 -19.06 2.47
CA ASN A 93 11.11 -20.06 2.19
C ASN A 93 11.69 -21.05 1.17
N GLU A 94 11.01 -22.16 0.94
CA GLU A 94 11.30 -23.13 -0.10
C GLU A 94 10.23 -23.08 -1.19
N GLN A 95 8.94 -22.89 -0.85
CA GLN A 95 7.82 -22.99 -1.78
C GLN A 95 6.83 -21.86 -1.48
N GLN A 96 6.34 -21.16 -2.51
CA GLN A 96 5.55 -19.95 -2.32
C GLN A 96 4.31 -19.86 -3.22
N GLU A 97 4.00 -20.82 -4.10
CA GLU A 97 2.75 -20.79 -4.86
C GLU A 97 1.71 -21.69 -4.18
N ALA A 98 0.44 -21.53 -4.56
CA ALA A 98 -0.72 -22.26 -4.05
C ALA A 98 -1.90 -22.04 -5.00
N ARG A 99 -3.00 -22.77 -4.81
CA ARG A 99 -4.25 -22.56 -5.52
C ARG A 99 -4.87 -21.26 -5.00
N GLY A 100 -5.52 -21.29 -3.83
CA GLY A 100 -6.25 -20.18 -3.23
C GLY A 100 -7.64 -20.61 -2.77
N VAL A 101 -7.75 -21.75 -2.10
CA VAL A 101 -8.97 -22.20 -1.43
C VAL A 101 -8.57 -23.07 -0.25
N HIS A 102 -9.20 -22.90 0.90
CA HIS A 102 -9.08 -23.78 2.05
C HIS A 102 -10.41 -23.83 2.81
N THR A 103 -11.53 -23.95 2.08
CA THR A 103 -12.87 -24.03 2.63
C THR A 103 -13.71 -24.82 1.63
N GLN A 104 -14.73 -25.53 2.12
CA GLN A 104 -15.78 -26.17 1.35
C GLN A 104 -16.79 -26.74 2.35
N ARG A 105 -17.80 -27.45 1.84
CA ARG A 105 -18.47 -28.53 2.53
C ARG A 105 -18.55 -29.70 1.55
N MET A 106 -18.75 -30.91 2.07
CA MET A 106 -19.35 -32.02 1.35
C MET A 106 -20.83 -31.70 1.12
N GLN A 107 -21.62 -32.68 0.66
CA GLN A 107 -23.05 -32.70 0.93
C GLN A 107 -23.20 -32.68 2.45
N GLY A 1 -0.55 28.46 9.27
CA GLY A 1 -0.21 27.55 10.38
C GLY A 1 0.21 26.19 9.85
N PRO A 2 1.51 25.88 9.74
CA PRO A 2 1.98 24.59 9.22
C PRO A 2 1.83 23.48 10.26
N PRO A 3 1.79 22.20 9.84
CA PRO A 3 1.73 21.07 10.76
C PRO A 3 3.12 20.83 11.41
N PRO A 4 3.17 20.27 12.63
CA PRO A 4 4.40 19.84 13.28
C PRO A 4 4.82 18.45 12.83
N ALA A 5 5.99 18.34 12.20
CA ALA A 5 6.61 17.06 11.85
C ALA A 5 7.20 16.42 13.11
N ARG A 6 6.33 15.88 13.96
CA ARG A 6 6.70 15.20 15.20
C ARG A 6 6.92 13.70 15.02
N THR A 7 6.48 13.16 13.90
CA THR A 7 6.56 11.76 13.53
C THR A 7 6.73 11.70 12.00
N PRO A 8 7.59 10.84 11.44
CA PRO A 8 7.98 10.91 10.05
C PRO A 8 6.80 10.60 9.11
N CYS A 9 6.01 9.56 9.42
CA CYS A 9 4.79 9.25 8.71
C CYS A 9 3.87 10.45 8.47
N GLN A 10 3.84 11.44 9.37
CA GLN A 10 2.95 12.58 9.21
C GLN A 10 3.52 13.47 8.11
N GLN A 11 4.81 13.79 8.17
CA GLN A 11 5.47 14.60 7.16
C GLN A 11 5.45 13.89 5.81
N GLU A 12 5.53 12.56 5.76
CA GLU A 12 5.44 11.82 4.50
C GLU A 12 4.02 11.83 3.94
N LEU A 13 3.01 11.61 4.80
CA LEU A 13 1.60 11.75 4.44
C LEU A 13 1.37 13.16 3.91
N ASP A 14 2.03 14.15 4.52
CA ASP A 14 1.91 15.56 4.16
C ASP A 14 2.51 15.80 2.78
N GLN A 15 3.63 15.15 2.46
CA GLN A 15 4.26 15.17 1.14
C GLN A 15 3.40 14.47 0.08
N VAL A 16 2.58 13.48 0.43
CA VAL A 16 1.56 13.01 -0.51
C VAL A 16 0.56 14.13 -0.71
N LEU A 17 0.00 14.67 0.38
CA LEU A 17 -1.13 15.58 0.34
C LEU A 17 -0.78 16.82 -0.48
N GLU A 18 0.39 17.38 -0.23
CA GLU A 18 0.98 18.51 -0.92
C GLU A 18 1.12 18.23 -2.41
N ARG A 19 1.49 17.01 -2.81
CA ARG A 19 1.52 16.65 -4.23
C ARG A 19 0.12 16.61 -4.80
N ILE A 20 -0.83 15.96 -4.14
CA ILE A 20 -2.21 15.86 -4.63
C ILE A 20 -2.81 17.28 -4.72
N SER A 21 -2.40 18.21 -3.86
CA SER A 21 -2.80 19.61 -3.94
C SER A 21 -2.23 20.31 -5.19
N THR A 22 -1.09 19.87 -5.73
CA THR A 22 -0.57 20.36 -7.00
C THR A 22 -1.22 19.61 -8.17
N MET A 23 -1.27 18.28 -8.17
CA MET A 23 -1.77 17.48 -9.29
C MET A 23 -3.27 17.70 -9.52
N ARG A 24 -3.64 18.65 -10.39
CA ARG A 24 -5.02 18.80 -10.85
C ARG A 24 -5.44 17.51 -11.55
N LEU A 25 -4.67 17.11 -12.57
CA LEU A 25 -4.68 15.80 -13.19
C LEU A 25 -3.22 15.39 -13.41
N PRO A 26 -2.92 14.10 -13.59
CA PRO A 26 -1.69 13.68 -14.25
C PRO A 26 -1.83 13.99 -15.75
N ASP A 27 -2.91 13.49 -16.36
CA ASP A 27 -3.26 13.40 -17.79
C ASP A 27 -2.75 14.56 -18.61
N GLU A 28 -3.14 15.78 -18.21
CA GLU A 28 -2.87 17.00 -18.98
C GLU A 28 -1.36 17.21 -19.23
N ARG A 29 -0.51 16.58 -18.41
CA ARG A 29 0.93 16.49 -18.57
C ARG A 29 1.38 15.07 -18.18
N GLY A 30 0.69 14.02 -18.64
CA GLY A 30 0.97 12.63 -18.29
C GLY A 30 0.95 11.73 -19.53
N PRO A 31 1.88 11.90 -20.48
CA PRO A 31 1.97 11.05 -21.67
C PRO A 31 2.57 9.66 -21.36
N LEU A 32 3.34 9.54 -20.28
CA LEU A 32 3.74 8.25 -19.69
C LEU A 32 2.61 7.83 -18.76
N GLU A 33 2.44 6.53 -18.52
CA GLU A 33 1.30 6.00 -17.75
C GLU A 33 1.70 4.77 -16.93
N HIS A 34 2.94 4.68 -16.43
CA HIS A 34 3.50 3.43 -15.89
C HIS A 34 3.70 3.43 -14.37
N LEU A 35 3.33 4.51 -13.68
CA LEU A 35 3.65 4.75 -12.26
C LEU A 35 2.51 5.41 -11.48
N TYR A 36 1.52 6.02 -12.14
CA TYR A 36 0.50 6.80 -11.44
C TYR A 36 -0.44 5.84 -10.73
N SER A 37 -0.66 6.10 -9.44
CA SER A 37 -1.50 5.32 -8.54
C SER A 37 -1.80 6.20 -7.34
N LEU A 38 -2.71 5.75 -6.47
CA LEU A 38 -3.11 6.43 -5.25
C LEU A 38 -2.67 5.57 -4.08
N HIS A 39 -2.01 6.19 -3.11
CA HIS A 39 -1.73 5.64 -1.80
C HIS A 39 -1.82 6.83 -0.84
N ILE A 40 -2.58 6.65 0.24
CA ILE A 40 -2.77 7.57 1.35
C ILE A 40 -2.29 6.81 2.60
N PRO A 41 -1.08 7.07 3.10
CA PRO A 41 -0.65 6.56 4.40
C PRO A 41 -1.61 7.01 5.50
N ASN A 42 -1.61 6.30 6.64
CA ASN A 42 -2.06 6.87 7.90
C ASN A 42 -0.88 6.93 8.85
N CYS A 43 -0.55 8.11 9.33
CA CYS A 43 0.28 8.30 10.50
C CYS A 43 -0.71 8.51 11.64
N ASP A 44 -0.63 7.74 12.72
CA ASP A 44 -1.40 8.06 13.92
C ASP A 44 -0.66 9.16 14.67
N LYS A 45 -1.32 9.82 15.65
CA LYS A 45 -0.63 10.79 16.51
C LYS A 45 0.09 10.11 17.69
N HIS A 46 -0.29 8.87 17.98
CA HIS A 46 0.32 7.99 18.98
C HIS A 46 1.13 6.86 18.34
N GLY A 47 0.77 6.44 17.13
CA GLY A 47 1.33 5.30 16.45
C GLY A 47 2.25 5.78 15.33
N LEU A 48 3.51 5.36 15.38
CA LEU A 48 4.50 5.73 14.37
C LEU A 48 4.25 4.97 13.07
N TYR A 49 5.21 5.05 12.14
CA TYR A 49 5.17 4.39 10.85
C TYR A 49 5.25 2.87 11.06
N ASN A 50 4.12 2.19 11.25
CA ASN A 50 4.10 0.73 11.45
C ASN A 50 2.72 0.12 11.18
N LEU A 51 1.93 0.75 10.32
CA LEU A 51 0.62 0.26 9.91
C LEU A 51 0.78 -0.49 8.57
N LYS A 52 -0.30 -1.10 8.09
CA LYS A 52 -0.36 -1.74 6.78
C LYS A 52 -1.17 -0.84 5.86
N GLN A 53 -0.87 -0.83 4.56
CA GLN A 53 -1.43 0.08 3.58
C GLN A 53 -1.76 -0.69 2.31
N CYS A 54 -2.51 -0.09 1.39
CA CYS A 54 -2.91 -0.64 0.09
C CYS A 54 -2.72 0.42 -1.01
N LYS A 55 -2.64 -0.03 -2.27
CA LYS A 55 -2.42 0.80 -3.46
C LYS A 55 -3.67 0.73 -4.32
N MET A 56 -4.19 1.87 -4.76
CA MET A 56 -5.38 1.98 -5.60
C MET A 56 -4.91 2.44 -6.98
N SER A 57 -5.48 1.88 -8.05
CA SER A 57 -5.35 2.42 -9.40
C SER A 57 -6.41 1.78 -10.29
N LEU A 58 -6.28 0.47 -10.53
CA LEU A 58 -7.14 -0.29 -11.43
C LEU A 58 -8.58 -0.20 -10.96
N ASN A 59 -9.52 0.12 -11.86
CA ASN A 59 -10.93 0.26 -11.57
C ASN A 59 -11.50 -1.07 -11.09
N GLY A 60 -11.14 -2.19 -11.72
CA GLY A 60 -11.73 -3.50 -11.43
C GLY A 60 -11.09 -4.23 -10.24
N GLN A 61 -9.88 -3.84 -9.85
CA GLN A 61 -9.06 -4.51 -8.84
C GLN A 61 -9.55 -4.11 -7.44
N ARG A 62 -9.01 -4.70 -6.37
CA ARG A 62 -9.13 -4.17 -5.00
C ARG A 62 -7.90 -3.40 -4.56
N GLY A 63 -6.72 -3.84 -4.98
CA GLY A 63 -5.46 -3.25 -4.56
C GLY A 63 -4.74 -4.21 -3.64
N GLU A 64 -3.49 -4.48 -3.95
CA GLU A 64 -2.52 -5.14 -3.10
C GLU A 64 -2.26 -4.28 -1.87
N CYS A 65 -2.05 -4.94 -0.72
CA CYS A 65 -1.63 -4.32 0.53
C CYS A 65 -0.22 -4.81 0.88
N TRP A 66 0.41 -4.14 1.85
CA TRP A 66 1.69 -4.51 2.44
C TRP A 66 1.67 -4.09 3.91
N CYS A 67 2.43 -4.78 4.76
CA CYS A 67 2.73 -4.36 6.13
C CYS A 67 4.18 -3.86 6.19
N VAL A 68 4.49 -3.03 7.17
CA VAL A 68 5.82 -2.48 7.40
C VAL A 68 5.96 -2.21 8.90
N ASN A 69 7.17 -2.40 9.43
CA ASN A 69 7.51 -2.08 10.83
C ASN A 69 8.28 -0.76 10.87
N PRO A 70 8.48 -0.15 12.07
CA PRO A 70 9.06 1.18 12.22
C PRO A 70 10.59 1.16 12.06
N ASN A 71 11.10 0.47 11.02
CA ASN A 71 12.53 0.31 10.80
C ASN A 71 13.04 1.24 9.71
N THR A 72 12.41 1.24 8.54
CA THR A 72 12.98 1.93 7.38
C THR A 72 12.05 3.00 6.80
N GLY A 73 10.73 2.90 7.02
CA GLY A 73 9.79 3.99 6.80
C GLY A 73 9.72 4.42 5.34
N LYS A 74 9.42 3.49 4.42
CA LYS A 74 9.39 3.80 2.98
C LYS A 74 8.12 3.33 2.28
N LEU A 75 8.01 2.03 2.00
CA LEU A 75 6.97 1.41 1.23
C LEU A 75 6.96 -0.07 1.56
N ILE A 76 7.93 -0.85 1.07
CA ILE A 76 8.11 -2.26 1.38
C ILE A 76 9.54 -2.42 1.89
N GLN A 77 9.75 -3.41 2.76
CA GLN A 77 11.02 -3.85 3.30
C GLN A 77 11.12 -5.39 3.14
N GLY A 78 11.12 -5.86 1.90
CA GLY A 78 11.44 -7.26 1.61
C GLY A 78 10.40 -8.29 2.04
N ALA A 79 9.18 -7.89 2.41
CA ALA A 79 8.09 -8.83 2.67
C ALA A 79 7.71 -9.59 1.39
N PRO A 80 6.89 -10.66 1.47
CA PRO A 80 6.48 -11.49 0.34
C PRO A 80 5.37 -10.82 -0.49
N THR A 81 4.74 -11.56 -1.40
CA THR A 81 3.47 -11.17 -2.00
C THR A 81 2.35 -11.36 -0.96
N ILE A 82 1.22 -10.68 -1.15
CA ILE A 82 0.01 -10.82 -0.35
C ILE A 82 -1.12 -11.13 -1.33
N ARG A 83 -1.96 -12.10 -0.95
CA ARG A 83 -3.11 -12.52 -1.73
C ARG A 83 -4.37 -12.28 -0.91
N GLY A 84 -4.58 -11.01 -0.56
CA GLY A 84 -5.86 -10.52 -0.10
C GLY A 84 -5.99 -10.54 1.43
N ASP A 85 -5.12 -11.24 2.14
CA ASP A 85 -5.02 -11.17 3.59
C ASP A 85 -3.60 -10.74 3.96
N PRO A 86 -3.36 -9.47 4.36
CA PRO A 86 -2.03 -8.98 4.72
C PRO A 86 -1.57 -9.54 6.08
N GLU A 87 -1.19 -10.82 6.08
CA GLU A 87 -0.34 -11.37 7.12
C GLU A 87 1.03 -10.68 7.03
N CYS A 88 1.70 -10.50 8.16
CA CYS A 88 3.04 -9.95 8.25
C CYS A 88 4.04 -11.03 8.71
N HIS A 89 5.33 -10.72 8.80
CA HIS A 89 6.31 -11.66 9.33
C HIS A 89 6.02 -11.94 10.80
N LEU A 90 6.33 -13.16 11.23
CA LEU A 90 6.06 -13.67 12.57
C LEU A 90 7.28 -14.47 13.02
N PHE A 91 7.43 -14.64 14.33
CA PHE A 91 8.54 -15.38 14.94
C PHE A 91 8.26 -16.89 14.89
N TYR A 92 7.97 -17.43 13.71
CA TYR A 92 7.95 -18.86 13.44
C TYR A 92 8.18 -19.03 11.94
N ASN A 93 9.27 -19.71 11.57
CA ASN A 93 9.77 -19.87 10.20
C ASN A 93 10.05 -21.36 10.00
N GLU A 94 9.02 -22.15 9.70
CA GLU A 94 9.20 -23.59 9.50
C GLU A 94 8.36 -24.13 8.34
N GLN A 95 7.14 -23.63 8.15
CA GLN A 95 6.35 -23.86 6.96
C GLN A 95 5.32 -22.72 6.88
N GLN A 96 5.07 -22.21 5.68
CA GLN A 96 4.07 -21.19 5.38
C GLN A 96 2.98 -21.79 4.52
N GLU A 97 2.26 -22.76 5.08
CA GLU A 97 0.95 -23.14 4.61
C GLU A 97 0.15 -23.60 5.83
N ALA A 98 -1.14 -23.30 5.84
CA ALA A 98 -2.15 -23.75 6.79
C ALA A 98 -3.47 -23.23 6.26
N ARG A 99 -4.52 -24.06 6.29
CA ARG A 99 -5.84 -23.71 5.77
C ARG A 99 -6.84 -23.92 6.90
N GLY A 100 -6.88 -22.99 7.85
CA GLY A 100 -7.62 -23.15 9.10
C GLY A 100 -6.91 -24.11 10.06
N VAL A 101 -6.53 -25.28 9.56
CA VAL A 101 -5.78 -26.32 10.28
C VAL A 101 -4.59 -25.71 11.02
N HIS A 102 -4.57 -25.91 12.33
CA HIS A 102 -3.60 -25.35 13.25
C HIS A 102 -3.58 -26.28 14.45
N THR A 103 -2.39 -26.62 14.93
CA THR A 103 -2.22 -27.39 16.15
C THR A 103 -1.09 -26.74 16.97
N GLN A 104 -1.02 -27.07 18.25
CA GLN A 104 -0.02 -26.53 19.18
C GLN A 104 1.12 -27.54 19.37
N ARG A 105 2.05 -27.21 20.27
CA ARG A 105 3.18 -28.04 20.68
C ARG A 105 3.47 -27.66 22.13
N MET A 106 4.26 -28.45 22.86
CA MET A 106 4.69 -28.11 24.22
C MET A 106 6.16 -28.51 24.29
N GLN A 107 6.43 -29.77 24.61
CA GLN A 107 7.52 -30.48 23.96
C GLN A 107 6.94 -31.21 22.75
N GLY A 1 5.25 31.59 12.81
CA GLY A 1 5.90 31.26 11.55
C GLY A 1 5.14 30.09 10.95
N PRO A 2 5.81 29.06 10.41
CA PRO A 2 5.17 27.76 10.25
C PRO A 2 4.84 27.19 11.65
N PRO A 3 3.99 26.15 11.75
CA PRO A 3 3.77 25.43 13.00
C PRO A 3 5.05 24.72 13.47
N PRO A 4 5.19 24.40 14.77
CA PRO A 4 6.34 23.67 15.27
C PRO A 4 6.29 22.19 14.87
N ALA A 5 7.48 21.61 14.65
CA ALA A 5 7.70 20.20 14.29
C ALA A 5 7.43 19.29 15.48
N ARG A 6 6.76 18.14 15.28
CA ARG A 6 6.73 17.06 16.29
C ARG A 6 6.65 15.66 15.68
N THR A 7 6.50 15.50 14.36
CA THR A 7 5.90 14.31 13.77
C THR A 7 6.48 14.08 12.36
N PRO A 8 7.52 13.25 12.21
CA PRO A 8 8.12 12.95 10.90
C PRO A 8 7.10 12.42 9.91
N CYS A 9 6.34 11.39 10.28
CA CYS A 9 5.33 10.80 9.41
C CYS A 9 4.30 11.83 8.94
N GLN A 10 3.97 12.85 9.75
CA GLN A 10 3.04 13.89 9.35
C GLN A 10 3.63 14.68 8.20
N GLN A 11 4.89 15.12 8.30
CA GLN A 11 5.54 15.85 7.21
C GLN A 11 5.64 14.95 5.96
N GLU A 12 5.73 13.63 6.13
CA GLU A 12 5.81 12.66 5.05
C GLU A 12 4.45 12.52 4.37
N LEU A 13 3.39 12.31 5.16
CA LEU A 13 1.99 12.21 4.73
C LEU A 13 1.62 13.46 3.95
N ASP A 14 1.98 14.60 4.53
CA ASP A 14 1.60 15.94 4.08
C ASP A 14 2.27 16.23 2.74
N GLN A 15 3.53 15.85 2.58
CA GLN A 15 4.28 15.90 1.33
C GLN A 15 3.66 15.03 0.23
N VAL A 16 3.01 13.91 0.56
CA VAL A 16 2.31 13.13 -0.46
C VAL A 16 0.99 13.81 -0.80
N LEU A 17 0.26 14.32 0.20
CA LEU A 17 -1.06 14.93 0.01
C LEU A 17 -0.92 16.15 -0.90
N GLU A 18 0.12 16.95 -0.68
CA GLU A 18 0.47 18.09 -1.49
C GLU A 18 0.66 17.63 -2.95
N ARG A 19 1.49 16.59 -3.15
CA ARG A 19 1.75 16.03 -4.47
C ARG A 19 0.44 15.58 -5.11
N ILE A 20 -0.40 14.86 -4.38
CA ILE A 20 -1.65 14.32 -4.89
C ILE A 20 -2.53 15.46 -5.42
N SER A 21 -2.56 16.61 -4.72
CA SER A 21 -3.28 17.78 -5.21
C SER A 21 -2.62 18.35 -6.46
N THR A 22 -1.29 18.43 -6.51
CA THR A 22 -0.56 18.93 -7.63
C THR A 22 -0.81 18.05 -8.88
N MET A 23 -0.69 16.72 -8.77
CA MET A 23 -1.06 15.77 -9.83
C MET A 23 -2.59 15.62 -9.98
N ARG A 24 -3.39 16.65 -9.68
CA ARG A 24 -4.83 16.64 -9.93
C ARG A 24 -5.22 17.95 -10.61
N LEU A 25 -5.14 17.96 -11.94
CA LEU A 25 -5.85 18.93 -12.76
C LEU A 25 -7.27 18.39 -13.01
N PRO A 26 -8.17 19.18 -13.61
CA PRO A 26 -9.40 18.65 -14.20
C PRO A 26 -9.06 17.59 -15.26
N ASP A 27 -8.31 18.02 -16.27
CA ASP A 27 -7.81 17.28 -17.42
C ASP A 27 -6.61 18.10 -17.93
N GLU A 28 -5.65 17.46 -18.58
CA GLU A 28 -4.60 17.99 -19.45
C GLU A 28 -3.76 16.79 -19.91
N ARG A 29 -3.42 15.92 -18.95
CA ARG A 29 -2.63 14.71 -19.15
C ARG A 29 -3.43 13.47 -18.77
N GLY A 30 -4.30 13.54 -17.76
CA GLY A 30 -5.14 12.41 -17.38
C GLY A 30 -4.33 11.25 -16.79
N PRO A 31 -4.79 10.00 -16.90
CA PRO A 31 -4.01 8.82 -16.56
C PRO A 31 -2.91 8.59 -17.61
N LEU A 32 -2.30 7.39 -17.64
CA LEU A 32 -1.34 7.01 -18.65
C LEU A 32 -1.70 5.57 -19.07
N GLU A 33 -1.28 4.57 -18.29
CA GLU A 33 -1.51 3.15 -18.61
C GLU A 33 -1.67 2.35 -17.30
N HIS A 34 -0.59 2.23 -16.53
CA HIS A 34 -0.56 1.56 -15.22
C HIS A 34 0.26 2.36 -14.20
N LEU A 35 0.35 3.68 -14.41
CA LEU A 35 1.15 4.59 -13.61
C LEU A 35 0.27 5.27 -12.56
N TYR A 36 -0.81 5.91 -13.02
CA TYR A 36 -1.74 6.70 -12.22
C TYR A 36 -2.18 5.91 -10.99
N SER A 37 -1.83 6.44 -9.81
CA SER A 37 -1.91 5.76 -8.53
C SER A 37 -2.10 6.78 -7.43
N LEU A 38 -3.17 6.62 -6.64
CA LEU A 38 -3.28 7.22 -5.32
C LEU A 38 -2.83 6.16 -4.31
N HIS A 39 -2.16 6.58 -3.26
CA HIS A 39 -1.88 5.82 -2.04
C HIS A 39 -1.93 6.84 -0.90
N ILE A 40 -2.59 6.49 0.22
CA ILE A 40 -2.57 7.21 1.49
C ILE A 40 -2.33 6.15 2.59
N PRO A 41 -1.41 6.37 3.55
CA PRO A 41 -1.29 5.59 4.78
C PRO A 41 -2.06 6.25 5.94
N ASN A 42 -2.15 5.58 7.08
CA ASN A 42 -2.44 6.18 8.37
C ASN A 42 -1.14 6.28 9.16
N CYS A 43 -0.94 7.35 9.92
CA CYS A 43 0.07 7.43 10.96
C CYS A 43 -0.60 7.95 12.23
N ASP A 44 -0.60 7.14 13.29
CA ASP A 44 -1.06 7.51 14.61
C ASP A 44 -0.21 8.67 15.12
N LYS A 45 -0.77 9.53 15.98
CA LYS A 45 -0.03 10.58 16.69
C LYS A 45 1.13 9.97 17.47
N HIS A 46 0.97 8.74 17.95
CA HIS A 46 1.96 7.99 18.72
C HIS A 46 2.96 7.23 17.85
N GLY A 47 2.91 7.40 16.53
CA GLY A 47 3.93 6.90 15.62
C GLY A 47 3.95 5.37 15.52
N LEU A 48 2.79 4.74 15.73
CA LEU A 48 2.54 3.31 15.50
C LEU A 48 2.55 3.03 14.00
N TYR A 49 3.70 3.18 13.34
CA TYR A 49 3.86 3.07 11.89
C TYR A 49 3.92 1.56 11.52
N ASN A 50 2.99 0.79 12.07
CA ASN A 50 2.97 -0.67 12.19
C ASN A 50 1.69 -1.22 11.54
N LEU A 51 1.36 -0.68 10.38
CA LEU A 51 0.08 -0.89 9.70
C LEU A 51 0.32 -1.48 8.31
N LYS A 52 -0.79 -1.80 7.65
CA LYS A 52 -0.83 -2.12 6.24
C LYS A 52 -1.44 -0.94 5.51
N GLN A 53 -0.89 -0.65 4.33
CA GLN A 53 -1.14 0.52 3.52
C GLN A 53 -1.33 -0.01 2.10
N CYS A 54 -2.06 0.72 1.26
CA CYS A 54 -2.54 0.24 -0.03
C CYS A 54 -2.45 1.32 -1.11
N LYS A 55 -2.46 0.90 -2.37
CA LYS A 55 -2.40 1.76 -3.55
C LYS A 55 -3.62 1.40 -4.40
N MET A 56 -4.56 2.33 -4.49
CA MET A 56 -5.75 2.23 -5.33
C MET A 56 -5.99 3.54 -6.06
N SER A 57 -6.18 3.49 -7.38
CA SER A 57 -6.60 4.65 -8.18
C SER A 57 -8.11 4.67 -8.44
N LEU A 58 -8.80 3.56 -8.19
CA LEU A 58 -10.03 3.26 -8.92
C LEU A 58 -11.26 4.03 -8.44
N ASN A 59 -11.39 4.28 -7.13
CA ASN A 59 -12.40 5.16 -6.53
C ASN A 59 -12.22 5.14 -5.02
N GLY A 60 -12.36 3.93 -4.44
CA GLY A 60 -12.33 3.69 -3.01
C GLY A 60 -12.69 2.24 -2.73
N GLN A 61 -11.82 1.30 -3.08
CA GLN A 61 -11.93 -0.10 -2.71
C GLN A 61 -10.53 -0.69 -2.45
N ARG A 62 -10.49 -1.83 -1.76
CA ARG A 62 -9.30 -2.63 -1.47
C ARG A 62 -8.53 -3.03 -2.75
N GLY A 63 -7.27 -3.42 -2.61
CA GLY A 63 -6.47 -3.87 -3.75
C GLY A 63 -5.05 -4.21 -3.33
N GLU A 64 -4.07 -3.66 -4.05
CA GLU A 64 -2.65 -3.82 -3.73
C GLU A 64 -2.38 -3.16 -2.38
N CYS A 65 -1.79 -3.92 -1.45
CA CYS A 65 -1.33 -3.45 -0.16
C CYS A 65 0.03 -4.08 0.15
N TRP A 66 0.72 -3.53 1.13
CA TRP A 66 1.93 -4.04 1.76
C TRP A 66 1.76 -3.82 3.27
N CYS A 67 2.62 -4.37 4.13
CA CYS A 67 2.58 -4.20 5.58
C CYS A 67 3.96 -3.77 6.06
N VAL A 68 4.04 -2.84 7.02
CA VAL A 68 5.31 -2.25 7.46
C VAL A 68 5.32 -2.10 8.98
N ASN A 69 6.50 -1.80 9.54
CA ASN A 69 6.75 -1.37 10.92
C ASN A 69 7.61 -0.11 10.87
N PRO A 70 7.78 0.63 11.99
CA PRO A 70 8.62 1.83 12.05
C PRO A 70 10.13 1.58 11.87
N ASN A 71 10.54 0.43 11.33
CA ASN A 71 11.94 0.04 11.15
C ASN A 71 12.65 0.99 10.21
N THR A 72 12.09 1.26 9.02
CA THR A 72 12.59 2.35 8.18
C THR A 72 11.47 3.37 7.89
N GLY A 73 10.20 2.97 8.01
CA GLY A 73 9.07 3.85 7.79
C GLY A 73 8.78 4.08 6.31
N LYS A 74 9.33 3.25 5.41
CA LYS A 74 9.04 3.32 3.98
C LYS A 74 7.80 2.48 3.65
N LEU A 75 7.43 2.43 2.37
CA LEU A 75 6.31 1.69 1.79
C LEU A 75 6.77 0.42 1.08
N ILE A 76 8.00 -0.03 1.37
CA ILE A 76 8.56 -1.31 0.95
C ILE A 76 9.29 -1.84 2.19
N GLN A 77 9.37 -3.17 2.31
CA GLN A 77 10.09 -3.88 3.36
C GLN A 77 10.92 -5.02 2.75
N GLY A 78 11.97 -4.66 2.00
CA GLY A 78 12.94 -5.60 1.43
C GLY A 78 12.32 -6.80 0.69
N ALA A 79 11.18 -6.59 0.03
CA ALA A 79 10.36 -7.66 -0.55
C ALA A 79 9.66 -7.13 -1.81
N PRO A 80 9.19 -8.00 -2.73
CA PRO A 80 8.47 -7.56 -3.92
C PRO A 80 7.07 -7.09 -3.55
N THR A 81 6.48 -6.22 -4.37
CA THR A 81 5.06 -5.93 -4.24
C THR A 81 4.27 -7.14 -4.75
N ILE A 82 3.21 -7.51 -4.05
CA ILE A 82 2.37 -8.65 -4.36
C ILE A 82 0.93 -8.18 -4.46
N ARG A 83 0.20 -8.81 -5.38
CA ARG A 83 -1.22 -8.62 -5.55
C ARG A 83 -1.93 -9.75 -4.81
N GLY A 84 -2.11 -9.59 -3.50
CA GLY A 84 -3.01 -10.44 -2.76
C GLY A 84 -2.64 -10.45 -1.29
N ASP A 85 -1.50 -11.04 -0.96
CA ASP A 85 -1.13 -11.34 0.43
C ASP A 85 0.12 -10.54 0.75
N PRO A 86 0.03 -9.45 1.54
CA PRO A 86 1.12 -8.49 1.69
C PRO A 86 2.34 -9.11 2.40
N GLU A 87 2.19 -9.36 3.70
CA GLU A 87 3.14 -10.00 4.61
C GLU A 87 2.33 -10.36 5.84
N CYS A 88 1.61 -9.38 6.40
CA CYS A 88 0.74 -9.57 7.55
C CYS A 88 -0.61 -10.11 7.09
N HIS A 89 -1.04 -11.21 7.70
CA HIS A 89 -2.37 -11.79 7.64
C HIS A 89 -2.63 -12.48 8.99
N LEU A 90 -3.77 -13.14 9.15
CA LEU A 90 -3.98 -14.05 10.27
C LEU A 90 -3.20 -15.33 9.96
N PHE A 91 -2.59 -15.94 10.97
CA PHE A 91 -1.71 -17.11 10.87
C PHE A 91 -2.22 -18.25 9.99
N TYR A 92 -3.54 -18.46 9.91
CA TYR A 92 -4.17 -19.55 9.23
C TYR A 92 -5.59 -19.11 8.86
N ASN A 93 -6.29 -20.01 8.19
CA ASN A 93 -7.65 -19.85 7.69
C ASN A 93 -8.42 -21.15 7.92
N GLU A 94 -9.72 -21.07 8.21
CA GLU A 94 -10.54 -22.26 8.31
C GLU A 94 -10.77 -22.80 6.90
N GLN A 95 -10.41 -24.06 6.67
CA GLN A 95 -10.39 -24.70 5.36
C GLN A 95 -10.62 -26.19 5.59
N GLN A 96 -11.83 -26.67 5.27
CA GLN A 96 -12.28 -28.02 5.55
C GLN A 96 -13.25 -28.36 4.43
N GLU A 97 -12.76 -29.13 3.46
CA GLU A 97 -13.48 -29.64 2.30
C GLU A 97 -12.85 -31.01 2.00
N ALA A 98 -13.50 -31.81 1.15
CA ALA A 98 -12.99 -33.08 0.68
C ALA A 98 -13.30 -33.22 -0.80
N ARG A 99 -12.50 -34.00 -1.52
CA ARG A 99 -12.69 -34.30 -2.94
C ARG A 99 -14.08 -34.88 -3.20
N GLY A 100 -14.61 -35.66 -2.26
CA GLY A 100 -15.83 -36.43 -2.46
C GLY A 100 -15.49 -37.68 -3.27
N VAL A 101 -15.80 -38.85 -2.73
CA VAL A 101 -15.68 -40.12 -3.43
C VAL A 101 -17.08 -40.70 -3.64
N HIS A 102 -17.33 -41.26 -4.82
CA HIS A 102 -18.51 -42.03 -5.16
C HIS A 102 -18.10 -42.96 -6.30
N THR A 103 -18.84 -44.03 -6.53
CA THR A 103 -18.78 -44.82 -7.75
C THR A 103 -20.14 -45.53 -7.87
N GLN A 104 -20.54 -45.86 -9.09
CA GLN A 104 -21.70 -46.68 -9.40
C GLN A 104 -21.36 -47.37 -10.73
N ARG A 105 -21.86 -48.59 -10.93
CA ARG A 105 -21.84 -49.32 -12.18
C ARG A 105 -23.16 -50.08 -12.20
N MET A 106 -23.78 -50.23 -13.37
CA MET A 106 -25.09 -50.84 -13.52
C MET A 106 -24.87 -52.26 -14.05
N GLN A 107 -25.26 -52.55 -15.29
CA GLN A 107 -24.71 -53.65 -16.06
C GLN A 107 -23.33 -53.25 -16.57
N GLY A 1 1.35 30.28 15.92
CA GLY A 1 2.73 29.99 16.34
C GLY A 1 3.50 29.44 15.15
N PRO A 2 4.54 28.63 15.36
CA PRO A 2 5.17 27.88 14.29
C PRO A 2 4.20 26.83 13.72
N PRO A 3 4.51 26.23 12.55
CA PRO A 3 3.69 25.17 11.96
C PRO A 3 3.78 23.87 12.78
N PRO A 4 2.88 22.90 12.51
CA PRO A 4 3.07 21.53 12.95
C PRO A 4 4.22 20.93 12.15
N ALA A 5 5.24 20.49 12.88
CA ALA A 5 6.38 19.76 12.31
C ALA A 5 7.00 18.86 13.38
N ARG A 6 6.58 17.59 13.43
CA ARG A 6 7.16 16.57 14.32
C ARG A 6 7.39 15.30 13.51
N THR A 7 6.51 14.30 13.62
CA THR A 7 6.73 12.94 13.16
C THR A 7 7.05 12.95 11.64
N PRO A 8 8.09 12.22 11.19
CA PRO A 8 8.44 12.15 9.78
C PRO A 8 7.28 11.60 8.96
N CYS A 9 6.53 10.62 9.49
CA CYS A 9 5.33 10.12 8.83
C CYS A 9 4.33 11.23 8.54
N GLN A 10 4.13 12.18 9.49
CA GLN A 10 3.17 13.27 9.31
C GLN A 10 3.66 14.13 8.14
N GLN A 11 4.94 14.51 8.15
CA GLN A 11 5.56 15.34 7.13
C GLN A 11 5.60 14.64 5.76
N GLU A 12 5.69 13.30 5.71
CA GLU A 12 5.69 12.50 4.50
C GLU A 12 4.28 12.40 3.93
N LEU A 13 3.30 12.04 4.77
CA LEU A 13 1.90 11.92 4.42
C LEU A 13 1.40 13.26 3.92
N ASP A 14 1.83 14.33 4.57
CA ASP A 14 1.41 15.70 4.30
C ASP A 14 1.79 16.07 2.88
N GLN A 15 3.03 15.79 2.46
CA GLN A 15 3.53 16.14 1.14
C GLN A 15 2.89 15.29 0.03
N VAL A 16 2.48 14.07 0.32
CA VAL A 16 1.75 13.24 -0.65
C VAL A 16 0.35 13.85 -0.83
N LEU A 17 -0.31 14.16 0.28
CA LEU A 17 -1.70 14.57 0.28
C LEU A 17 -1.85 15.99 -0.28
N GLU A 18 -0.87 16.84 0.00
CA GLU A 18 -0.68 18.12 -0.65
C GLU A 18 -0.55 17.91 -2.15
N ARG A 19 0.17 16.87 -2.59
CA ARG A 19 0.40 16.67 -4.02
C ARG A 19 -0.88 16.23 -4.69
N ILE A 20 -1.69 15.40 -4.03
CA ILE A 20 -2.98 14.96 -4.52
C ILE A 20 -3.87 16.17 -4.81
N SER A 21 -3.83 17.19 -3.95
CA SER A 21 -4.53 18.45 -4.20
C SER A 21 -3.82 19.36 -5.21
N THR A 22 -2.48 19.35 -5.26
CA THR A 22 -1.73 20.26 -6.13
C THR A 22 -1.82 19.83 -7.60
N MET A 23 -1.76 18.52 -7.91
CA MET A 23 -2.13 18.04 -9.24
C MET A 23 -3.65 18.24 -9.38
N ARG A 24 -4.09 19.02 -10.36
CA ARG A 24 -5.50 19.06 -10.75
C ARG A 24 -5.75 17.92 -11.73
N LEU A 25 -5.22 17.98 -12.95
CA LEU A 25 -5.36 16.94 -13.97
C LEU A 25 -3.99 16.83 -14.67
N PRO A 26 -3.16 15.81 -14.37
CA PRO A 26 -1.80 15.74 -14.89
C PRO A 26 -1.69 15.09 -16.29
N ASP A 27 -2.63 14.25 -16.71
CA ASP A 27 -2.72 13.69 -18.06
C ASP A 27 -3.37 14.72 -18.99
N GLU A 28 -2.59 15.71 -19.44
CA GLU A 28 -3.05 16.73 -20.37
C GLU A 28 -2.29 16.74 -21.68
N ARG A 29 -1.04 16.26 -21.70
CA ARG A 29 -0.24 16.15 -22.92
C ARG A 29 0.45 14.80 -22.99
N GLY A 30 0.83 14.22 -21.84
CA GLY A 30 1.44 12.91 -21.75
C GLY A 30 0.46 11.92 -21.13
N PRO A 31 -0.36 11.21 -21.93
CA PRO A 31 -1.03 10.01 -21.46
C PRO A 31 0.01 8.90 -21.36
N LEU A 32 0.25 8.41 -20.14
CA LEU A 32 1.19 7.35 -19.85
C LEU A 32 0.46 6.33 -18.99
N GLU A 33 0.43 5.08 -19.43
CA GLU A 33 -0.29 4.00 -18.77
C GLU A 33 0.64 2.83 -18.49
N HIS A 34 1.87 3.11 -18.06
CA HIS A 34 2.86 2.10 -17.67
C HIS A 34 3.10 2.11 -16.15
N LEU A 35 3.66 3.18 -15.56
CA LEU A 35 3.97 3.28 -14.14
C LEU A 35 3.37 4.56 -13.54
N TYR A 36 2.16 4.44 -12.98
CA TYR A 36 1.34 5.54 -12.48
C TYR A 36 0.59 4.99 -11.26
N SER A 37 1.00 5.30 -10.03
CA SER A 37 0.30 4.92 -8.81
C SER A 37 0.70 5.88 -7.68
N LEU A 38 -0.01 5.82 -6.55
CA LEU A 38 0.19 6.69 -5.39
C LEU A 38 0.26 5.82 -4.14
N HIS A 39 1.43 5.63 -3.52
CA HIS A 39 1.54 4.99 -2.22
C HIS A 39 1.28 6.04 -1.14
N ILE A 40 0.19 5.85 -0.39
CA ILE A 40 -0.18 6.67 0.76
C ILE A 40 0.26 5.88 2.00
N PRO A 41 1.42 6.18 2.62
CA PRO A 41 1.81 5.58 3.89
C PRO A 41 0.81 6.02 4.98
N ASN A 42 0.09 5.06 5.56
CA ASN A 42 -0.88 5.35 6.60
C ASN A 42 -0.16 5.58 7.93
N CYS A 43 -0.26 6.79 8.45
CA CYS A 43 0.30 7.17 9.72
C CYS A 43 -0.79 7.12 10.78
N ASP A 44 -0.55 6.43 11.90
CA ASP A 44 -1.41 6.48 13.07
C ASP A 44 -1.36 7.88 13.68
N LYS A 45 -2.33 8.22 14.54
CA LYS A 45 -2.36 9.54 15.15
C LYS A 45 -1.13 9.79 16.03
N HIS A 46 -0.58 8.74 16.65
CA HIS A 46 0.62 8.85 17.49
C HIS A 46 1.92 8.49 16.76
N GLY A 47 1.88 8.10 15.48
CA GLY A 47 3.11 7.99 14.69
C GLY A 47 3.63 6.58 14.55
N LEU A 48 2.76 5.58 14.69
CA LEU A 48 3.13 4.19 14.49
C LEU A 48 3.27 3.96 12.99
N TYR A 49 4.50 3.77 12.51
CA TYR A 49 4.86 3.44 11.12
C TYR A 49 4.97 1.91 11.01
N ASN A 50 3.99 1.19 11.58
CA ASN A 50 4.06 -0.27 11.68
C ASN A 50 2.71 -0.96 11.53
N LEU A 51 1.65 -0.25 11.12
CA LEU A 51 0.33 -0.86 11.02
C LEU A 51 0.20 -1.57 9.66
N LYS A 52 -0.52 -0.95 8.72
CA LYS A 52 -0.85 -1.46 7.40
C LYS A 52 -0.93 -0.25 6.48
N GLN A 53 -0.57 -0.40 5.21
CA GLN A 53 -0.51 0.71 4.26
C GLN A 53 -1.09 0.23 2.94
N CYS A 54 -1.31 1.16 2.02
CA CYS A 54 -1.99 0.90 0.77
C CYS A 54 -1.35 1.65 -0.39
N LYS A 55 -1.72 1.24 -1.60
CA LYS A 55 -1.40 1.91 -2.84
C LYS A 55 -2.73 2.33 -3.44
N MET A 56 -2.94 3.63 -3.52
CA MET A 56 -4.04 4.24 -4.22
C MET A 56 -3.76 4.04 -5.71
N SER A 57 -4.75 3.53 -6.43
CA SER A 57 -4.64 3.28 -7.86
C SER A 57 -5.98 3.47 -8.58
N LEU A 58 -7.11 3.59 -7.87
CA LEU A 58 -8.29 4.26 -8.41
C LEU A 58 -8.90 5.04 -7.26
N ASN A 59 -9.83 4.45 -6.50
CA ASN A 59 -10.34 5.04 -5.28
C ASN A 59 -10.29 3.96 -4.19
N GLY A 60 -11.41 3.33 -3.82
CA GLY A 60 -11.46 2.38 -2.70
C GLY A 60 -11.60 0.93 -3.10
N GLN A 61 -11.40 0.58 -4.38
CA GLN A 61 -11.79 -0.73 -4.92
C GLN A 61 -10.69 -1.47 -5.69
N ARG A 62 -9.67 -0.78 -6.20
CA ARG A 62 -8.80 -1.35 -7.24
C ARG A 62 -7.31 -1.31 -6.89
N GLY A 63 -6.88 -0.38 -6.04
CA GLY A 63 -5.58 -0.48 -5.38
C GLY A 63 -5.64 -1.52 -4.26
N GLU A 64 -4.51 -1.75 -3.59
CA GLU A 64 -4.23 -2.84 -2.64
C GLU A 64 -3.82 -2.28 -1.26
N CYS A 65 -3.91 -3.07 -0.18
CA CYS A 65 -3.18 -2.80 1.07
C CYS A 65 -2.28 -3.98 1.47
N TRP A 66 -1.38 -3.78 2.44
CA TRP A 66 -0.49 -4.78 3.03
C TRP A 66 -0.22 -4.43 4.51
N CYS A 67 0.40 -5.31 5.30
CA CYS A 67 0.84 -5.06 6.68
C CYS A 67 2.35 -4.82 6.65
N VAL A 68 2.95 -4.32 7.73
CA VAL A 68 4.39 -4.18 7.80
C VAL A 68 4.93 -4.70 9.14
N ASN A 69 5.92 -5.59 9.03
CA ASN A 69 6.72 -6.07 10.15
C ASN A 69 7.79 -5.02 10.51
N PRO A 70 8.63 -4.52 9.58
CA PRO A 70 9.60 -3.49 9.89
C PRO A 70 8.95 -2.10 9.99
N ASN A 71 9.67 -1.16 10.61
CA ASN A 71 9.16 0.15 11.03
C ASN A 71 9.43 1.24 9.99
N THR A 72 10.23 0.95 8.96
CA THR A 72 10.36 1.84 7.80
C THR A 72 9.14 1.65 6.86
N GLY A 73 8.17 0.79 7.24
CA GLY A 73 6.95 0.46 6.53
C GLY A 73 7.17 0.31 5.03
N LYS A 74 7.89 -0.74 4.65
CA LYS A 74 8.22 -1.06 3.27
C LYS A 74 7.33 -2.21 2.83
N LEU A 75 7.09 -2.32 1.52
CA LEU A 75 6.33 -3.37 0.86
C LEU A 75 6.65 -4.72 1.46
N ILE A 76 5.60 -5.35 1.97
CA ILE A 76 5.54 -6.74 2.42
C ILE A 76 6.03 -7.70 1.33
N GLN A 77 6.21 -8.96 1.72
CA GLN A 77 6.66 -10.04 0.83
C GLN A 77 5.72 -11.24 0.83
N GLY A 78 5.13 -11.61 1.98
CA GLY A 78 4.27 -12.77 2.14
C GLY A 78 2.80 -12.50 1.85
N ALA A 79 2.49 -11.39 1.18
CA ALA A 79 1.16 -11.06 0.68
C ALA A 79 1.34 -10.09 -0.49
N PRO A 80 2.05 -10.49 -1.57
CA PRO A 80 2.47 -9.56 -2.60
C PRO A 80 1.35 -9.13 -3.55
N THR A 81 0.24 -9.86 -3.62
CA THR A 81 -0.87 -9.58 -4.51
C THR A 81 -2.18 -9.75 -3.71
N ILE A 82 -2.89 -8.65 -3.42
CA ILE A 82 -4.00 -8.65 -2.48
C ILE A 82 -5.05 -7.66 -2.98
N ARG A 83 -6.33 -8.06 -2.98
CA ARG A 83 -7.39 -7.12 -3.32
C ARG A 83 -7.51 -6.01 -2.30
N GLY A 84 -7.70 -6.36 -1.03
CA GLY A 84 -7.87 -5.37 0.03
C GLY A 84 -8.05 -6.04 1.38
N ASP A 85 -7.63 -7.31 1.51
CA ASP A 85 -7.72 -8.07 2.75
C ASP A 85 -6.43 -7.94 3.57
N PRO A 86 -6.41 -7.16 4.67
CA PRO A 86 -5.24 -6.96 5.50
C PRO A 86 -4.71 -8.16 6.31
N GLU A 87 -5.12 -9.43 6.10
CA GLU A 87 -4.49 -10.53 6.84
C GLU A 87 -3.00 -10.60 6.46
N CYS A 88 -2.15 -10.92 7.43
CA CYS A 88 -0.76 -11.27 7.25
C CYS A 88 -0.52 -12.56 8.02
N HIS A 89 0.09 -13.54 7.34
CA HIS A 89 0.60 -14.79 7.90
C HIS A 89 1.52 -15.45 6.86
N LEU A 90 0.96 -16.05 5.79
CA LEU A 90 1.71 -16.79 4.78
C LEU A 90 0.96 -16.85 3.45
N PHE A 91 1.72 -17.07 2.36
CA PHE A 91 1.20 -17.24 1.01
C PHE A 91 1.89 -18.46 0.37
N TYR A 92 1.76 -19.60 1.03
CA TYR A 92 2.29 -20.88 0.60
C TYR A 92 1.18 -21.91 0.80
N ASN A 93 0.58 -22.38 -0.29
CA ASN A 93 -0.48 -23.38 -0.28
C ASN A 93 -0.41 -24.22 -1.54
N GLU A 94 -1.07 -25.37 -1.51
CA GLU A 94 -0.98 -26.40 -2.52
C GLU A 94 -2.40 -26.91 -2.70
N GLN A 95 -2.91 -26.86 -3.93
CA GLN A 95 -4.30 -27.16 -4.28
C GLN A 95 -4.57 -28.67 -4.14
N GLN A 96 -5.83 -29.12 -4.15
CA GLN A 96 -6.12 -30.52 -4.42
C GLN A 96 -5.95 -30.75 -5.94
N GLU A 97 -5.44 -31.92 -6.30
CA GLU A 97 -5.17 -32.30 -7.68
C GLU A 97 -6.47 -32.63 -8.45
N ALA A 98 -6.32 -33.05 -9.71
CA ALA A 98 -7.44 -33.34 -10.59
C ALA A 98 -8.33 -34.43 -10.00
N ARG A 99 -9.61 -34.40 -10.38
CA ARG A 99 -10.56 -35.48 -10.09
C ARG A 99 -10.36 -36.64 -11.10
N GLY A 100 -9.16 -36.80 -11.63
CA GLY A 100 -8.88 -37.65 -12.77
C GLY A 100 -9.60 -37.14 -14.03
N VAL A 101 -9.61 -37.99 -15.05
CA VAL A 101 -10.45 -37.88 -16.24
C VAL A 101 -11.05 -39.27 -16.50
N HIS A 102 -11.97 -39.36 -17.47
CA HIS A 102 -12.56 -40.61 -17.94
C HIS A 102 -12.44 -40.64 -19.47
N THR A 103 -12.80 -41.77 -20.07
CA THR A 103 -12.95 -41.97 -21.51
C THR A 103 -14.23 -42.78 -21.74
N GLN A 104 -14.53 -43.13 -23.00
CA GLN A 104 -15.71 -43.88 -23.41
C GLN A 104 -15.30 -44.85 -24.53
N ARG A 105 -16.15 -45.84 -24.83
CA ARG A 105 -16.02 -46.69 -26.02
C ARG A 105 -17.42 -46.98 -26.58
N MET A 106 -17.49 -47.56 -27.77
CA MET A 106 -18.76 -47.87 -28.44
C MET A 106 -19.32 -49.22 -27.96
N GLN A 107 -18.50 -50.27 -27.97
CA GLN A 107 -18.78 -51.60 -27.42
C GLN A 107 -17.47 -52.09 -26.80
N GLY A 1 -2.51 26.82 8.92
CA GLY A 1 -1.06 26.80 9.15
C GLY A 1 -0.50 25.50 8.63
N PRO A 2 0.83 25.36 8.54
CA PRO A 2 1.43 24.11 8.10
C PRO A 2 1.14 23.01 9.13
N PRO A 3 0.61 21.85 8.70
CA PRO A 3 0.20 20.79 9.62
C PRO A 3 1.44 20.16 10.28
N PRO A 4 1.43 19.90 11.60
CA PRO A 4 2.62 19.50 12.34
C PRO A 4 3.00 18.04 12.14
N ALA A 5 3.90 17.84 11.20
CA ALA A 5 4.44 16.58 10.75
C ALA A 5 5.89 16.49 11.19
N ARG A 6 6.26 15.52 12.02
CA ARG A 6 7.63 15.32 12.50
C ARG A 6 8.17 13.93 12.20
N THR A 7 7.37 12.89 12.40
CA THR A 7 7.72 11.51 12.06
C THR A 7 7.85 11.35 10.53
N PRO A 8 8.56 10.31 10.03
CA PRO A 8 8.73 10.10 8.60
C PRO A 8 7.38 9.90 7.91
N CYS A 9 6.51 9.06 8.48
CA CYS A 9 5.15 8.84 8.01
C CYS A 9 4.39 10.15 7.79
N GLN A 10 4.44 11.09 8.74
CA GLN A 10 3.69 12.34 8.58
C GLN A 10 4.31 13.19 7.48
N GLN A 11 5.63 13.08 7.24
CA GLN A 11 6.26 13.71 6.09
C GLN A 11 5.73 13.08 4.80
N GLU A 12 5.66 11.75 4.74
CA GLU A 12 5.22 11.02 3.56
C GLU A 12 3.81 11.45 3.19
N LEU A 13 2.89 11.46 4.16
CA LEU A 13 1.50 11.86 3.95
C LEU A 13 1.45 13.29 3.44
N ASP A 14 2.33 14.16 3.94
CA ASP A 14 2.33 15.58 3.61
C ASP A 14 2.76 15.80 2.16
N GLN A 15 3.67 14.95 1.67
CA GLN A 15 4.15 14.96 0.30
C GLN A 15 3.08 14.44 -0.67
N VAL A 16 2.19 13.53 -0.25
CA VAL A 16 1.02 13.20 -1.06
C VAL A 16 0.03 14.36 -1.00
N LEU A 17 -0.17 14.97 0.18
CA LEU A 17 -1.26 15.92 0.34
C LEU A 17 -1.01 17.17 -0.50
N GLU A 18 0.22 17.68 -0.48
CA GLU A 18 0.60 18.85 -1.26
C GLU A 18 0.33 18.64 -2.75
N ARG A 19 0.73 17.49 -3.31
CA ARG A 19 0.43 17.21 -4.72
C ARG A 19 -1.05 16.98 -4.93
N ILE A 20 -1.78 16.40 -3.98
CA ILE A 20 -3.23 16.22 -4.08
C ILE A 20 -3.89 17.61 -4.14
N SER A 21 -3.45 18.57 -3.32
CA SER A 21 -3.92 19.94 -3.37
C SER A 21 -3.61 20.59 -4.72
N THR A 22 -2.42 20.35 -5.27
CA THR A 22 -2.01 20.86 -6.58
C THR A 22 -2.76 20.16 -7.72
N MET A 23 -3.33 18.96 -7.48
CA MET A 23 -4.11 18.17 -8.41
C MET A 23 -5.60 18.41 -8.15
N ARG A 24 -6.06 19.60 -8.56
CA ARG A 24 -7.49 19.87 -8.61
C ARG A 24 -8.13 19.15 -9.79
N LEU A 25 -7.51 19.20 -10.98
CA LEU A 25 -8.17 18.68 -12.18
C LEU A 25 -8.41 17.17 -12.10
N PRO A 26 -9.58 16.69 -12.55
CA PRO A 26 -9.87 15.27 -12.69
C PRO A 26 -9.13 14.69 -13.91
N ASP A 27 -7.93 14.18 -13.65
CA ASP A 27 -7.20 13.20 -14.45
C ASP A 27 -6.60 12.19 -13.47
N GLU A 28 -6.45 10.92 -13.85
CA GLU A 28 -6.05 9.83 -12.94
C GLU A 28 -4.53 9.66 -12.84
N ARG A 29 -3.75 10.26 -13.74
CA ARG A 29 -2.31 10.07 -13.85
C ARG A 29 -1.60 11.34 -13.39
N GLY A 30 -1.98 12.49 -13.92
CA GLY A 30 -1.10 13.65 -13.87
C GLY A 30 0.06 13.45 -14.87
N PRO A 31 1.16 14.22 -14.77
CA PRO A 31 2.10 14.39 -15.87
C PRO A 31 3.14 13.27 -16.03
N LEU A 32 3.10 12.21 -15.22
CA LEU A 32 4.04 11.09 -15.36
C LEU A 32 3.49 10.06 -16.34
N GLU A 33 4.39 9.30 -16.96
CA GLU A 33 4.10 8.30 -18.00
C GLU A 33 4.71 6.94 -17.69
N HIS A 34 5.56 6.83 -16.66
CA HIS A 34 6.40 5.66 -16.44
C HIS A 34 6.01 4.92 -15.16
N LEU A 35 5.87 5.67 -14.07
CA LEU A 35 5.66 5.21 -12.72
C LEU A 35 4.70 6.19 -12.10
N TYR A 36 3.68 5.69 -11.42
CA TYR A 36 2.70 6.48 -10.72
C TYR A 36 2.07 5.54 -9.70
N SER A 37 1.86 6.02 -8.48
CA SER A 37 1.37 5.23 -7.37
C SER A 37 0.89 6.21 -6.31
N LEU A 38 -0.30 5.99 -5.75
CA LEU A 38 -0.89 6.86 -4.73
C LEU A 38 -1.16 6.00 -3.50
N HIS A 39 -0.44 6.27 -2.41
CA HIS A 39 -0.75 5.74 -1.08
C HIS A 39 -0.64 6.91 -0.12
N ILE A 40 -1.77 7.39 0.40
CA ILE A 40 -1.80 8.24 1.59
C ILE A 40 -1.64 7.31 2.80
N PRO A 41 -0.51 7.33 3.54
CA PRO A 41 -0.41 6.63 4.81
C PRO A 41 -1.24 7.32 5.89
N ASN A 42 -1.46 6.62 7.01
CA ASN A 42 -1.92 7.19 8.26
C ASN A 42 -0.79 7.02 9.27
N CYS A 43 -0.65 7.99 10.17
CA CYS A 43 0.31 7.94 11.26
C CYS A 43 -0.50 8.14 12.53
N ASP A 44 -0.31 7.30 13.54
CA ASP A 44 -1.04 7.44 14.79
C ASP A 44 -0.56 8.65 15.56
N LYS A 45 -1.37 9.14 16.50
CA LYS A 45 -0.95 10.26 17.33
C LYS A 45 0.24 9.90 18.19
N HIS A 46 0.32 8.67 18.70
CA HIS A 46 1.48 8.22 19.44
C HIS A 46 2.67 7.98 18.50
N GLY A 47 2.47 7.97 17.18
CA GLY A 47 3.54 7.94 16.20
C GLY A 47 3.80 6.56 15.61
N LEU A 48 2.90 5.60 15.86
CA LEU A 48 2.89 4.31 15.18
C LEU A 48 2.62 4.56 13.69
N TYR A 49 3.16 3.71 12.80
CA TYR A 49 2.86 3.78 11.37
C TYR A 49 1.46 3.19 11.13
N ASN A 50 0.97 3.21 9.89
CA ASN A 50 -0.20 2.43 9.51
C ASN A 50 0.26 0.99 9.35
N LEU A 51 -0.14 0.12 10.27
CA LEU A 51 0.29 -1.28 10.36
C LEU A 51 0.09 -2.07 9.08
N LYS A 52 -0.90 -1.73 8.23
CA LYS A 52 -1.02 -2.30 6.88
C LYS A 52 -1.59 -1.27 5.92
N GLN A 53 -1.04 -1.22 4.71
CA GLN A 53 -1.17 -0.16 3.73
C GLN A 53 -1.36 -0.82 2.37
N CYS A 54 -2.07 -0.17 1.45
CA CYS A 54 -2.25 -0.56 0.06
C CYS A 54 -1.91 0.59 -0.87
N LYS A 55 -1.52 0.29 -2.11
CA LYS A 55 -1.07 1.30 -3.07
C LYS A 55 -2.00 1.31 -4.26
N MET A 56 -2.56 2.47 -4.59
CA MET A 56 -3.31 2.63 -5.82
C MET A 56 -2.32 2.67 -6.99
N SER A 57 -2.76 2.27 -8.19
CA SER A 57 -1.96 2.28 -9.42
C SER A 57 -2.82 2.59 -10.65
N LEU A 58 -3.95 1.90 -10.82
CA LEU A 58 -4.83 2.11 -11.97
C LEU A 58 -6.20 2.58 -11.48
N ASN A 59 -6.92 1.79 -10.69
CA ASN A 59 -8.18 2.24 -10.08
C ASN A 59 -8.67 1.41 -8.89
N GLY A 60 -8.34 0.12 -8.79
CA GLY A 60 -8.68 -0.70 -7.62
C GLY A 60 -8.82 -2.21 -7.86
N GLN A 61 -8.12 -2.77 -8.86
CA GLN A 61 -8.42 -4.11 -9.37
C GLN A 61 -8.33 -5.23 -8.32
N ARG A 62 -7.32 -5.25 -7.45
CA ARG A 62 -7.02 -6.46 -6.64
C ARG A 62 -6.61 -6.18 -5.20
N GLY A 63 -6.14 -4.97 -4.88
CA GLY A 63 -5.67 -4.62 -3.54
C GLY A 63 -4.24 -5.09 -3.36
N GLU A 64 -3.27 -4.29 -3.85
CA GLU A 64 -1.87 -4.56 -3.58
C GLU A 64 -1.49 -3.84 -2.28
N CYS A 65 -1.08 -4.62 -1.28
CA CYS A 65 -0.96 -4.19 0.11
C CYS A 65 0.21 -4.91 0.78
N TRP A 66 0.66 -4.39 1.93
CA TRP A 66 1.74 -4.93 2.74
C TRP A 66 1.47 -4.53 4.20
N CYS A 67 2.23 -5.07 5.14
CA CYS A 67 2.14 -4.80 6.57
C CYS A 67 3.53 -4.34 7.04
N VAL A 68 3.64 -3.50 8.07
CA VAL A 68 4.93 -2.90 8.44
C VAL A 68 5.38 -3.43 9.79
N ASN A 69 6.62 -3.93 9.83
CA ASN A 69 7.20 -4.51 11.04
C ASN A 69 7.82 -3.43 11.91
N PRO A 70 8.90 -2.73 11.51
CA PRO A 70 9.30 -1.53 12.21
C PRO A 70 8.34 -0.38 11.88
N ASN A 71 8.53 0.72 12.59
CA ASN A 71 7.74 1.95 12.56
C ASN A 71 7.93 2.73 11.27
N THR A 72 8.88 2.35 10.45
CA THR A 72 9.16 2.96 9.16
C THR A 72 8.89 1.95 8.03
N GLY A 73 8.48 0.71 8.33
CA GLY A 73 8.00 -0.27 7.37
C GLY A 73 8.93 -0.67 6.24
N LYS A 74 10.23 -0.35 6.35
CA LYS A 74 11.15 -0.50 5.22
C LYS A 74 11.52 -1.97 5.03
N LEU A 75 10.67 -2.69 4.32
CA LEU A 75 10.82 -4.10 3.99
C LEU A 75 10.27 -4.30 2.59
N ILE A 76 9.02 -3.88 2.38
CA ILE A 76 8.26 -4.10 1.14
C ILE A 76 7.28 -2.94 0.95
N GLN A 77 6.89 -2.68 -0.30
CA GLN A 77 5.93 -1.64 -0.69
C GLN A 77 5.27 -1.96 -2.06
N GLY A 78 5.89 -2.83 -2.86
CA GLY A 78 5.44 -3.29 -4.15
C GLY A 78 5.36 -4.80 -4.12
N ALA A 79 4.51 -5.31 -3.24
CA ALA A 79 4.31 -6.75 -3.08
C ALA A 79 3.92 -7.41 -4.42
N PRO A 80 4.36 -8.64 -4.72
CA PRO A 80 4.22 -9.24 -6.05
C PRO A 80 2.79 -9.67 -6.39
N THR A 81 2.12 -10.44 -5.54
CA THR A 81 0.71 -10.79 -5.67
C THR A 81 0.11 -10.63 -4.28
N ILE A 82 -0.88 -9.76 -4.10
CA ILE A 82 -1.65 -9.65 -2.87
C ILE A 82 -3.11 -9.50 -3.25
N ARG A 83 -3.94 -9.92 -2.31
CA ARG A 83 -5.36 -10.19 -2.43
C ARG A 83 -6.14 -9.29 -1.47
N GLY A 84 -5.70 -8.04 -1.31
CA GLY A 84 -6.22 -7.12 -0.32
C GLY A 84 -5.48 -7.35 0.99
N ASP A 85 -5.73 -8.48 1.66
CA ASP A 85 -5.23 -8.70 3.01
C ASP A 85 -3.83 -9.34 2.90
N PRO A 86 -2.74 -8.63 3.27
CA PRO A 86 -1.40 -9.21 3.27
C PRO A 86 -1.23 -10.18 4.46
N GLU A 87 -0.05 -10.77 4.58
CA GLU A 87 0.26 -11.78 5.57
C GLU A 87 1.64 -11.46 6.15
N CYS A 88 1.76 -11.13 7.44
CA CYS A 88 3.02 -10.75 8.08
C CYS A 88 3.17 -11.44 9.42
N HIS A 89 4.33 -12.08 9.63
CA HIS A 89 4.77 -12.61 10.91
C HIS A 89 6.28 -12.86 10.85
N LEU A 90 6.84 -13.73 11.70
CA LEU A 90 8.28 -14.01 11.70
C LEU A 90 8.65 -14.81 10.46
N PHE A 91 9.83 -14.54 9.91
CA PHE A 91 10.35 -15.20 8.72
C PHE A 91 11.02 -16.51 9.11
N TYR A 92 10.21 -17.44 9.63
CA TYR A 92 10.66 -18.72 10.14
C TYR A 92 9.77 -19.86 9.61
N ASN A 93 9.88 -20.14 8.32
CA ASN A 93 9.59 -21.42 7.70
C ASN A 93 10.67 -21.63 6.66
N GLU A 94 11.18 -22.84 6.48
CA GLU A 94 11.95 -23.18 5.30
C GLU A 94 11.74 -24.67 5.04
N GLN A 95 10.81 -24.96 4.14
CA GLN A 95 10.59 -26.26 3.53
C GLN A 95 10.18 -26.06 2.07
N GLN A 96 10.23 -27.13 1.30
CA GLN A 96 9.49 -27.35 0.07
C GLN A 96 9.28 -28.86 -0.06
N GLU A 97 8.47 -29.29 -1.02
CA GLU A 97 8.39 -30.65 -1.54
C GLU A 97 8.46 -30.55 -3.07
N ALA A 98 8.38 -31.67 -3.79
CA ALA A 98 8.35 -31.70 -5.24
C ALA A 98 6.89 -31.75 -5.73
N ARG A 99 6.70 -32.05 -7.01
CA ARG A 99 5.44 -32.54 -7.56
C ARG A 99 5.80 -33.32 -8.82
N GLY A 100 6.15 -34.60 -8.65
CA GLY A 100 6.78 -35.39 -9.70
C GLY A 100 6.09 -36.73 -9.89
N VAL A 101 6.21 -37.62 -8.90
CA VAL A 101 5.55 -38.93 -8.93
C VAL A 101 4.02 -38.75 -9.00
N HIS A 102 3.31 -39.80 -9.43
CA HIS A 102 1.85 -39.76 -9.50
C HIS A 102 1.21 -41.09 -9.08
N THR A 103 1.75 -42.22 -9.56
CA THR A 103 1.44 -43.57 -9.12
C THR A 103 2.51 -44.50 -9.71
N GLN A 104 2.57 -45.75 -9.26
CA GLN A 104 3.32 -46.84 -9.87
C GLN A 104 2.68 -48.15 -9.37
N ARG A 105 2.92 -49.28 -10.05
CA ARG A 105 2.59 -50.58 -9.47
C ARG A 105 3.64 -50.90 -8.39
N MET A 106 3.27 -51.69 -7.38
CA MET A 106 4.14 -52.07 -6.26
C MET A 106 5.12 -53.18 -6.66
N GLN A 107 5.67 -53.91 -5.68
CA GLN A 107 6.46 -55.12 -5.89
C GLN A 107 5.70 -56.11 -6.77
N GLY A 1 -1.64 28.95 6.91
CA GLY A 1 -0.56 28.90 7.91
C GLY A 1 -0.20 27.45 8.15
N PRO A 2 1.08 27.12 8.40
CA PRO A 2 1.57 25.75 8.36
C PRO A 2 0.82 24.85 9.37
N PRO A 3 0.67 23.54 9.10
CA PRO A 3 0.01 22.61 10.03
C PRO A 3 0.82 22.43 11.32
N PRO A 4 0.22 21.90 12.40
CA PRO A 4 0.95 21.47 13.57
C PRO A 4 1.57 20.10 13.31
N ALA A 5 2.83 20.16 12.94
CA ALA A 5 3.68 18.99 12.83
C ALA A 5 3.92 18.42 14.22
N ARG A 6 3.88 17.09 14.37
CA ARG A 6 4.14 16.41 15.64
C ARG A 6 5.13 15.27 15.47
N THR A 7 4.83 14.30 14.62
CA THR A 7 5.69 13.15 14.36
C THR A 7 6.04 13.14 12.86
N PRO A 8 7.25 12.72 12.46
CA PRO A 8 7.77 12.98 11.12
C PRO A 8 7.00 12.23 10.03
N CYS A 9 6.39 11.09 10.34
CA CYS A 9 5.51 10.37 9.42
C CYS A 9 4.31 11.22 8.99
N GLN A 10 3.82 12.10 9.87
CA GLN A 10 2.72 12.99 9.54
C GLN A 10 3.20 13.98 8.49
N GLN A 11 4.42 14.51 8.63
CA GLN A 11 4.97 15.44 7.65
C GLN A 11 5.22 14.73 6.32
N GLU A 12 5.62 13.46 6.32
CA GLU A 12 5.75 12.73 5.07
C GLU A 12 4.40 12.63 4.34
N LEU A 13 3.35 12.22 5.05
CA LEU A 13 1.99 12.17 4.49
C LEU A 13 1.54 13.55 4.05
N ASP A 14 1.91 14.57 4.81
CA ASP A 14 1.47 15.95 4.55
C ASP A 14 2.07 16.43 3.23
N GLN A 15 3.38 16.20 3.06
CA GLN A 15 4.13 16.47 1.86
C GLN A 15 3.64 15.63 0.66
N VAL A 16 3.16 14.39 0.87
CA VAL A 16 2.56 13.60 -0.21
C VAL A 16 1.24 14.26 -0.61
N LEU A 17 0.39 14.51 0.37
CA LEU A 17 -0.99 14.84 0.10
C LEU A 17 -1.11 16.25 -0.45
N GLU A 18 -0.30 17.19 0.04
CA GLU A 18 -0.11 18.50 -0.57
C GLU A 18 0.33 18.33 -2.02
N ARG A 19 1.24 17.38 -2.29
CA ARG A 19 1.69 17.20 -3.65
C ARG A 19 0.54 16.71 -4.51
N ILE A 20 -0.25 15.77 -4.04
CA ILE A 20 -1.42 15.28 -4.78
C ILE A 20 -2.39 16.43 -5.08
N SER A 21 -2.56 17.40 -4.18
CA SER A 21 -3.39 18.57 -4.44
C SER A 21 -2.83 19.46 -5.57
N THR A 22 -1.51 19.65 -5.63
CA THR A 22 -0.83 20.49 -6.61
C THR A 22 -0.64 19.77 -7.96
N MET A 23 -0.19 18.50 -7.96
CA MET A 23 -0.25 17.58 -9.09
C MET A 23 -1.64 17.63 -9.74
N ARG A 24 -1.68 17.58 -11.07
CA ARG A 24 -2.94 17.71 -11.79
C ARG A 24 -2.79 17.22 -13.21
N LEU A 25 -2.01 17.95 -14.01
CA LEU A 25 -1.99 17.84 -15.47
C LEU A 25 -1.44 16.46 -15.83
N PRO A 26 -2.25 15.53 -16.37
CA PRO A 26 -1.80 14.17 -16.62
C PRO A 26 -1.01 14.04 -17.93
N ASP A 27 -1.05 15.06 -18.80
CA ASP A 27 -0.24 15.11 -20.01
C ASP A 27 1.14 15.69 -19.66
N GLU A 28 1.90 14.93 -18.87
CA GLU A 28 3.19 15.38 -18.36
C GLU A 28 4.28 15.20 -19.43
N ARG A 29 4.53 13.97 -19.89
CA ARG A 29 5.50 13.66 -20.95
C ARG A 29 5.34 12.22 -21.44
N GLY A 30 4.58 12.04 -22.53
CA GLY A 30 4.45 10.77 -23.23
C GLY A 30 3.10 10.08 -22.97
N PRO A 31 2.94 8.83 -23.41
CA PRO A 31 1.69 8.06 -23.26
C PRO A 31 1.44 7.55 -21.83
N LEU A 32 2.24 7.98 -20.84
CA LEU A 32 2.30 7.49 -19.47
C LEU A 32 2.60 8.66 -18.54
N GLU A 33 2.67 8.39 -17.23
CA GLU A 33 3.21 9.31 -16.23
C GLU A 33 4.12 8.52 -15.29
N HIS A 34 4.97 9.18 -14.50
CA HIS A 34 5.80 8.54 -13.48
C HIS A 34 4.98 7.76 -12.45
N LEU A 35 3.72 8.17 -12.21
CA LEU A 35 2.88 7.65 -11.16
C LEU A 35 1.44 7.84 -11.60
N TYR A 36 0.58 6.85 -11.32
CA TYR A 36 -0.79 6.77 -11.82
C TYR A 36 -1.67 5.84 -10.98
N SER A 37 -1.08 4.97 -10.16
CA SER A 37 -1.79 4.24 -9.13
C SER A 37 -1.87 5.15 -7.89
N LEU A 38 -2.80 4.86 -6.97
CA LEU A 38 -3.20 5.73 -5.89
C LEU A 38 -2.79 5.03 -4.59
N HIS A 39 -1.72 5.51 -3.94
CA HIS A 39 -1.09 4.87 -2.79
C HIS A 39 -0.63 5.99 -1.84
N ILE A 40 -0.89 5.83 -0.54
CA ILE A 40 -0.76 6.87 0.49
C ILE A 40 -0.13 6.22 1.74
N PRO A 41 0.80 6.91 2.44
CA PRO A 41 1.37 6.44 3.70
C PRO A 41 0.48 6.79 4.91
N ASN A 42 -0.34 5.84 5.39
CA ASN A 42 -1.00 6.00 6.68
C ASN A 42 0.03 5.79 7.80
N CYS A 43 0.12 6.71 8.75
CA CYS A 43 0.94 6.53 9.95
C CYS A 43 0.01 6.07 11.07
N ASP A 44 0.54 5.37 12.07
CA ASP A 44 -0.20 4.80 13.19
C ASP A 44 -0.91 5.92 13.96
N LYS A 45 -1.93 5.58 14.75
CA LYS A 45 -2.79 6.53 15.46
C LYS A 45 -1.95 7.38 16.41
N HIS A 46 -1.00 6.76 17.11
CA HIS A 46 -0.08 7.46 18.01
C HIS A 46 0.96 8.29 17.24
N GLY A 47 1.07 8.09 15.93
CA GLY A 47 2.18 8.54 15.12
C GLY A 47 3.40 7.73 15.51
N LEU A 48 3.43 6.44 15.14
CA LEU A 48 4.67 5.67 15.14
C LEU A 48 5.25 5.86 13.74
N TYR A 49 4.94 4.98 12.80
CA TYR A 49 5.34 5.10 11.39
C TYR A 49 4.27 4.47 10.51
N ASN A 50 4.64 4.13 9.27
CA ASN A 50 3.90 3.18 8.44
C ASN A 50 3.70 1.90 9.26
N LEU A 51 2.51 1.29 9.18
CA LEU A 51 2.18 0.02 9.82
C LEU A 51 1.37 -0.84 8.87
N LYS A 52 0.29 -0.29 8.30
CA LYS A 52 -0.40 -0.93 7.17
C LYS A 52 -0.81 0.11 6.12
N GLN A 53 -0.66 -0.23 4.84
CA GLN A 53 -0.86 0.65 3.70
C GLN A 53 -1.84 -0.06 2.74
N CYS A 54 -2.28 0.60 1.67
CA CYS A 54 -3.02 -0.01 0.56
C CYS A 54 -2.58 0.62 -0.76
N LYS A 55 -2.94 -0.01 -1.88
CA LYS A 55 -2.68 0.44 -3.24
C LYS A 55 -3.99 0.28 -4.01
N MET A 56 -4.58 1.41 -4.39
CA MET A 56 -5.70 1.49 -5.32
C MET A 56 -5.11 1.60 -6.73
N SER A 57 -5.69 0.90 -7.71
CA SER A 57 -5.46 1.11 -9.14
C SER A 57 -6.59 0.41 -9.90
N LEU A 58 -6.48 0.31 -11.23
CA LEU A 58 -7.52 -0.25 -12.11
C LEU A 58 -7.07 -1.49 -12.87
N ASN A 59 -5.78 -1.82 -12.84
CA ASN A 59 -5.22 -3.08 -13.32
C ASN A 59 -4.31 -3.60 -12.22
N GLY A 60 -4.32 -4.91 -11.99
CA GLY A 60 -3.56 -5.56 -10.94
C GLY A 60 -4.20 -5.36 -9.58
N GLN A 61 -4.38 -4.11 -9.16
CA GLN A 61 -4.92 -3.77 -7.85
C GLN A 61 -6.41 -4.12 -7.79
N ARG A 62 -6.78 -4.90 -6.77
CA ARG A 62 -8.11 -4.91 -6.16
C ARG A 62 -7.92 -4.56 -4.69
N GLY A 63 -7.55 -3.32 -4.40
CA GLY A 63 -7.50 -2.82 -3.04
C GLY A 63 -6.59 -3.68 -2.16
N GLU A 64 -5.42 -4.03 -2.71
CA GLU A 64 -4.39 -4.77 -2.02
C GLU A 64 -3.83 -3.89 -0.91
N CYS A 65 -3.84 -4.39 0.32
CA CYS A 65 -3.19 -3.80 1.48
C CYS A 65 -2.08 -4.77 1.91
N TRP A 66 -1.17 -4.26 2.74
CA TRP A 66 -0.10 -5.02 3.36
C TRP A 66 0.24 -4.33 4.67
N CYS A 67 0.80 -5.09 5.60
CA CYS A 67 1.39 -4.58 6.82
C CYS A 67 2.91 -4.59 6.65
N VAL A 68 3.57 -3.73 7.40
CA VAL A 68 4.99 -3.49 7.47
C VAL A 68 5.36 -3.35 8.96
N ASN A 69 6.48 -3.91 9.39
CA ASN A 69 7.11 -3.48 10.64
C ASN A 69 7.60 -2.04 10.46
N PRO A 70 7.75 -1.22 11.51
CA PRO A 70 8.03 0.21 11.37
C PRO A 70 9.37 0.56 10.69
N ASN A 71 10.33 -0.37 10.61
CA ASN A 71 11.60 -0.22 9.88
C ASN A 71 11.51 -0.85 8.49
N THR A 72 10.52 -1.70 8.29
CA THR A 72 10.16 -2.34 7.03
C THR A 72 9.10 -1.45 6.33
N GLY A 73 8.77 -0.28 6.91
CA GLY A 73 7.80 0.69 6.45
C GLY A 73 7.99 1.09 4.99
N LYS A 74 9.22 0.92 4.47
CA LYS A 74 9.53 1.06 3.05
C LYS A 74 10.24 -0.20 2.54
N LEU A 75 9.51 -1.29 2.32
CA LEU A 75 10.08 -2.57 1.88
C LEU A 75 9.05 -3.40 1.07
N ILE A 76 7.94 -2.78 0.64
CA ILE A 76 6.88 -3.41 -0.18
C ILE A 76 6.42 -2.47 -1.31
N GLN A 77 6.80 -1.19 -1.28
CA GLN A 77 6.46 -0.26 -2.35
C GLN A 77 7.22 -0.67 -3.62
N GLY A 78 6.49 -1.31 -4.53
CA GLY A 78 6.99 -1.78 -5.82
C GLY A 78 6.99 -3.31 -5.92
N ALA A 79 6.53 -4.00 -4.87
CA ALA A 79 6.35 -5.45 -4.82
C ALA A 79 5.11 -5.87 -5.64
N PRO A 80 4.90 -7.18 -5.88
CA PRO A 80 3.61 -7.69 -6.34
C PRO A 80 2.54 -7.52 -5.24
N THR A 81 1.33 -8.02 -5.50
CA THR A 81 0.22 -7.92 -4.55
C THR A 81 0.50 -8.89 -3.42
N ILE A 82 -0.20 -8.71 -2.31
CA ILE A 82 -0.34 -9.72 -1.27
C ILE A 82 -1.64 -10.44 -1.61
N ARG A 83 -1.80 -11.67 -1.09
CA ARG A 83 -3.02 -12.48 -1.14
C ARG A 83 -4.28 -11.80 -0.58
N GLY A 84 -4.24 -10.53 -0.17
CA GLY A 84 -5.36 -9.85 0.45
C GLY A 84 -5.19 -9.76 1.97
N ASP A 85 -4.09 -10.24 2.53
CA ASP A 85 -3.86 -10.42 3.97
C ASP A 85 -2.97 -9.32 4.57
N PRO A 86 -3.55 -8.29 5.22
CA PRO A 86 -2.80 -7.34 6.05
C PRO A 86 -2.49 -7.89 7.45
N GLU A 87 -3.03 -9.05 7.87
CA GLU A 87 -3.02 -9.49 9.26
C GLU A 87 -1.69 -10.13 9.58
N CYS A 88 -0.67 -9.30 9.82
CA CYS A 88 0.70 -9.73 9.86
C CYS A 88 1.03 -10.32 11.23
N HIS A 89 1.58 -11.52 11.23
CA HIS A 89 2.01 -12.27 12.41
C HIS A 89 2.62 -13.56 11.88
N LEU A 90 3.94 -13.62 11.71
CA LEU A 90 4.58 -14.70 10.96
C LEU A 90 4.45 -16.01 11.73
N PHE A 91 3.38 -16.76 11.45
CA PHE A 91 2.93 -17.88 12.24
C PHE A 91 2.00 -18.77 11.40
N TYR A 92 2.54 -19.35 10.32
CA TYR A 92 1.83 -20.21 9.37
C TYR A 92 2.87 -21.15 8.76
N ASN A 93 2.80 -22.46 9.02
CA ASN A 93 3.22 -23.49 8.07
C ASN A 93 2.43 -24.76 8.36
N GLU A 94 1.92 -25.44 7.34
CA GLU A 94 1.13 -26.65 7.45
C GLU A 94 1.12 -27.29 6.06
N GLN A 95 1.99 -28.25 5.77
CA GLN A 95 2.06 -28.83 4.43
C GLN A 95 2.66 -30.24 4.47
N GLN A 96 2.00 -31.18 5.16
CA GLN A 96 2.37 -32.59 5.15
C GLN A 96 1.12 -33.45 4.93
N GLU A 97 0.16 -33.43 5.86
CA GLU A 97 -0.92 -34.42 5.88
C GLU A 97 -1.73 -34.47 4.56
N ALA A 98 -2.18 -35.67 4.22
CA ALA A 98 -3.11 -35.97 3.15
C ALA A 98 -4.01 -37.10 3.63
N ARG A 99 -5.18 -37.26 2.99
CA ARG A 99 -6.11 -38.36 3.28
C ARG A 99 -5.71 -39.65 2.55
N GLY A 100 -4.66 -39.60 1.74
CA GLY A 100 -4.38 -40.60 0.72
C GLY A 100 -5.24 -40.33 -0.51
N VAL A 101 -4.85 -40.92 -1.64
CA VAL A 101 -5.57 -40.81 -2.92
C VAL A 101 -5.71 -42.15 -3.64
N HIS A 102 -4.96 -43.19 -3.23
CA HIS A 102 -5.06 -44.51 -3.83
C HIS A 102 -6.32 -45.18 -3.29
N THR A 103 -7.37 -45.29 -4.11
CA THR A 103 -8.57 -46.05 -3.78
C THR A 103 -9.16 -46.55 -5.10
N GLN A 104 -9.86 -47.69 -5.05
CA GLN A 104 -10.61 -48.28 -6.15
C GLN A 104 -11.64 -49.23 -5.54
N ARG A 105 -12.41 -49.96 -6.35
CA ARG A 105 -13.09 -51.18 -5.94
C ARG A 105 -12.69 -52.27 -6.95
N MET A 106 -12.87 -53.54 -6.60
CA MET A 106 -12.42 -54.67 -7.42
C MET A 106 -13.36 -54.98 -8.59
N GLN A 107 -14.50 -54.29 -8.65
CA GLN A 107 -15.47 -54.27 -9.72
C GLN A 107 -16.20 -52.92 -9.53
N GLY A 1 -6.83 25.42 10.17
CA GLY A 1 -5.56 26.03 10.57
C GLY A 1 -4.43 25.05 10.32
N PRO A 2 -3.17 25.50 10.45
CA PRO A 2 -2.02 24.66 10.19
C PRO A 2 -1.93 23.57 11.28
N PRO A 3 -2.00 22.26 10.93
CA PRO A 3 -2.25 21.19 11.90
C PRO A 3 -1.12 21.02 12.92
N PRO A 4 -1.36 20.34 14.06
CA PRO A 4 -0.37 20.16 15.11
C PRO A 4 0.80 19.29 14.65
N ALA A 5 1.99 19.86 14.63
CA ALA A 5 3.26 19.18 14.37
C ALA A 5 3.52 18.13 15.46
N ARG A 6 3.27 16.86 15.18
CA ARG A 6 3.41 15.76 16.13
C ARG A 6 4.30 14.65 15.60
N THR A 7 4.29 14.35 14.30
CA THR A 7 4.92 13.13 13.77
C THR A 7 5.38 13.37 12.34
N PRO A 8 6.61 13.02 11.95
CA PRO A 8 7.05 13.16 10.56
C PRO A 8 6.24 12.27 9.61
N CYS A 9 5.61 11.18 10.06
CA CYS A 9 4.67 10.42 9.23
C CYS A 9 3.51 11.27 8.73
N GLN A 10 3.03 12.21 9.54
CA GLN A 10 1.97 13.13 9.14
C GLN A 10 2.54 14.11 8.12
N GLN A 11 3.74 14.65 8.37
CA GLN A 11 4.35 15.63 7.49
C GLN A 11 4.73 15.02 6.13
N GLU A 12 5.06 13.73 6.08
CA GLU A 12 5.26 12.97 4.84
C GLU A 12 3.95 12.89 4.08
N LEU A 13 2.88 12.47 4.76
CA LEU A 13 1.58 12.29 4.15
C LEU A 13 1.09 13.62 3.60
N ASP A 14 1.22 14.66 4.43
CA ASP A 14 0.77 16.00 4.13
C ASP A 14 1.47 16.50 2.88
N GLN A 15 2.78 16.24 2.79
CA GLN A 15 3.60 16.54 1.62
C GLN A 15 3.13 15.81 0.38
N VAL A 16 2.90 14.49 0.39
CA VAL A 16 2.51 13.81 -0.85
C VAL A 16 1.13 14.33 -1.27
N LEU A 17 0.22 14.53 -0.33
CA LEU A 17 -1.13 15.03 -0.60
C LEU A 17 -1.03 16.43 -1.23
N GLU A 18 -0.19 17.29 -0.66
CA GLU A 18 0.07 18.63 -1.18
C GLU A 18 0.69 18.55 -2.59
N ARG A 19 1.61 17.60 -2.79
CA ARG A 19 2.27 17.37 -4.07
C ARG A 19 1.22 17.01 -5.13
N ILE A 20 0.37 16.03 -4.82
CA ILE A 20 -0.72 15.55 -5.67
C ILE A 20 -1.66 16.72 -5.98
N SER A 21 -1.89 17.61 -5.01
CA SER A 21 -2.77 18.76 -5.19
C SER A 21 -2.14 19.77 -6.16
N THR A 22 -0.83 19.99 -6.02
CA THR A 22 -0.09 20.95 -6.81
C THR A 22 0.06 20.46 -8.25
N MET A 23 0.40 19.19 -8.48
CA MET A 23 0.46 18.63 -9.84
C MET A 23 -0.90 18.40 -10.49
N ARG A 24 -2.01 18.58 -9.76
CA ARG A 24 -3.33 18.20 -10.23
C ARG A 24 -3.74 19.07 -11.41
N LEU A 25 -3.50 18.59 -12.62
CA LEU A 25 -4.16 19.12 -13.81
C LEU A 25 -5.67 19.00 -13.63
N PRO A 26 -6.48 19.85 -14.29
CA PRO A 26 -7.92 19.76 -14.21
C PRO A 26 -8.37 18.46 -14.87
N ASP A 27 -8.94 17.53 -14.08
CA ASP A 27 -9.72 16.44 -14.63
C ASP A 27 -10.93 17.08 -15.31
N GLU A 28 -10.94 17.02 -16.64
CA GLU A 28 -11.74 17.88 -17.49
C GLU A 28 -12.06 17.20 -18.82
N ARG A 29 -11.22 16.27 -19.29
CA ARG A 29 -11.57 15.30 -20.32
C ARG A 29 -10.68 14.05 -20.30
N GLY A 30 -9.55 14.07 -19.60
CA GLY A 30 -8.67 12.92 -19.42
C GLY A 30 -8.65 12.52 -17.95
N PRO A 31 -9.51 11.59 -17.48
CA PRO A 31 -9.55 11.15 -16.09
C PRO A 31 -8.29 10.38 -15.66
N LEU A 32 -7.41 10.04 -16.61
CA LEU A 32 -6.10 9.44 -16.50
C LEU A 32 -5.46 9.51 -17.89
N GLU A 33 -4.24 9.03 -18.03
CA GLU A 33 -3.67 8.60 -19.30
C GLU A 33 -2.92 7.28 -19.07
N HIS A 34 -1.83 7.31 -18.30
CA HIS A 34 -0.83 6.25 -18.38
C HIS A 34 -0.10 5.91 -17.08
N LEU A 35 -0.10 6.77 -16.05
CA LEU A 35 0.73 6.56 -14.87
C LEU A 35 0.02 6.97 -13.59
N TYR A 36 -0.64 6.04 -12.91
CA TYR A 36 -1.54 6.36 -11.80
C TYR A 36 -1.49 5.28 -10.72
N SER A 37 -1.35 5.68 -9.46
CA SER A 37 -1.35 4.81 -8.30
C SER A 37 -1.67 5.71 -7.10
N LEU A 38 -2.77 5.46 -6.40
CA LEU A 38 -3.16 6.20 -5.21
C LEU A 38 -2.63 5.40 -4.03
N HIS A 39 -1.55 5.89 -3.42
CA HIS A 39 -0.91 5.32 -2.26
C HIS A 39 -0.44 6.48 -1.39
N ILE A 40 -0.84 6.47 -0.13
CA ILE A 40 -0.62 7.53 0.86
C ILE A 40 -0.09 6.85 2.13
N PRO A 41 0.97 7.36 2.78
CA PRO A 41 1.64 6.68 3.87
C PRO A 41 0.90 6.91 5.21
N ASN A 42 -0.17 6.16 5.46
CA ASN A 42 -0.99 6.31 6.66
C ASN A 42 -0.25 5.79 7.89
N CYS A 43 -0.35 6.48 9.02
CA CYS A 43 0.52 6.32 10.18
C CYS A 43 -0.16 5.40 11.21
N ASP A 44 0.66 4.77 12.05
CA ASP A 44 0.18 4.01 13.21
C ASP A 44 -0.57 4.98 14.13
N LYS A 45 -1.63 4.50 14.79
CA LYS A 45 -2.35 5.19 15.86
C LYS A 45 -1.35 5.66 16.93
N HIS A 46 -0.37 4.84 17.25
CA HIS A 46 0.67 5.14 18.22
C HIS A 46 1.72 6.13 17.68
N GLY A 47 1.61 6.57 16.43
CA GLY A 47 2.41 7.63 15.83
C GLY A 47 3.80 7.18 15.39
N LEU A 48 4.05 5.86 15.33
CA LEU A 48 5.36 5.26 15.04
C LEU A 48 5.85 5.70 13.67
N TYR A 49 5.23 5.22 12.59
CA TYR A 49 5.54 5.64 11.23
C TYR A 49 4.39 5.28 10.30
N ASN A 50 4.09 3.99 10.12
CA ASN A 50 3.19 3.38 9.14
C ASN A 50 2.97 1.96 9.67
N LEU A 51 1.74 1.50 9.87
CA LEU A 51 1.49 0.16 10.45
C LEU A 51 1.09 -0.79 9.33
N LYS A 52 0.06 -0.45 8.57
CA LYS A 52 -0.31 -1.15 7.35
C LYS A 52 -0.67 -0.15 6.27
N GLN A 53 -0.28 -0.38 5.03
CA GLN A 53 -0.56 0.50 3.90
C GLN A 53 -1.47 -0.27 2.93
N CYS A 54 -1.97 0.40 1.91
CA CYS A 54 -2.79 -0.15 0.85
C CYS A 54 -2.43 0.56 -0.45
N LYS A 55 -2.93 0.05 -1.58
CA LYS A 55 -2.76 0.64 -2.91
C LYS A 55 -4.15 0.78 -3.53
N MET A 56 -4.34 1.81 -4.34
CA MET A 56 -5.51 2.02 -5.17
C MET A 56 -5.04 2.39 -6.57
N SER A 57 -5.94 2.17 -7.52
CA SER A 57 -5.87 2.60 -8.91
C SER A 57 -7.20 2.29 -9.59
N LEU A 58 -7.38 1.08 -10.10
CA LEU A 58 -8.59 0.66 -10.80
C LEU A 58 -8.86 -0.82 -10.59
N ASN A 59 -7.96 -1.69 -11.06
CA ASN A 59 -8.09 -3.14 -10.89
C ASN A 59 -7.98 -3.41 -9.40
N GLY A 60 -6.77 -3.22 -8.86
CA GLY A 60 -6.50 -3.07 -7.45
C GLY A 60 -6.91 -1.68 -7.04
N GLN A 61 -8.22 -1.47 -6.95
CA GLN A 61 -8.80 -0.44 -6.10
C GLN A 61 -8.58 -0.83 -4.63
N ARG A 62 -9.20 -0.10 -3.70
CA ARG A 62 -9.11 -0.36 -2.27
C ARG A 62 -9.44 -1.81 -1.97
N GLY A 63 -8.46 -2.56 -1.48
CA GLY A 63 -8.64 -3.94 -1.04
C GLY A 63 -7.30 -4.49 -0.61
N GLU A 64 -6.36 -4.55 -1.56
CA GLU A 64 -4.99 -4.98 -1.34
C GLU A 64 -4.29 -4.04 -0.37
N CYS A 65 -3.86 -4.59 0.76
CA CYS A 65 -3.15 -3.92 1.84
C CYS A 65 -2.05 -4.86 2.33
N TRP A 66 -1.03 -4.31 2.98
CA TRP A 66 0.08 -5.06 3.55
C TRP A 66 0.53 -4.35 4.82
N CYS A 67 1.23 -5.08 5.68
CA CYS A 67 1.72 -4.57 6.95
C CYS A 67 3.20 -4.27 6.81
N VAL A 68 3.71 -3.37 7.63
CA VAL A 68 5.08 -2.90 7.58
C VAL A 68 5.54 -2.73 9.03
N ASN A 69 6.73 -3.19 9.37
CA ASN A 69 7.32 -2.85 10.66
C ASN A 69 8.15 -1.57 10.52
N PRO A 70 8.39 -0.83 11.62
CA PRO A 70 9.22 0.37 11.67
C PRO A 70 10.66 0.25 11.15
N ASN A 71 11.12 -0.93 10.72
CA ASN A 71 12.51 -1.20 10.40
C ASN A 71 12.95 -0.34 9.23
N THR A 72 12.18 -0.38 8.13
CA THR A 72 12.36 0.51 6.99
C THR A 72 11.05 1.30 6.79
N GLY A 73 10.00 0.99 7.57
CA GLY A 73 8.82 1.81 7.63
C GLY A 73 7.74 1.39 6.66
N LYS A 74 8.10 0.91 5.46
CA LYS A 74 7.13 0.67 4.38
C LYS A 74 7.51 -0.50 3.48
N LEU A 75 8.36 -1.40 3.97
CA LEU A 75 9.10 -2.37 3.17
C LEU A 75 8.21 -3.60 2.92
N ILE A 76 7.62 -3.67 1.72
CA ILE A 76 6.98 -4.87 1.19
C ILE A 76 7.11 -4.87 -0.33
N GLN A 77 6.53 -3.87 -1.01
CA GLN A 77 6.04 -3.86 -2.39
C GLN A 77 6.71 -4.88 -3.31
N GLY A 78 6.05 -6.02 -3.52
CA GLY A 78 6.55 -7.14 -4.31
C GLY A 78 6.61 -8.41 -3.49
N ALA A 79 6.94 -8.30 -2.18
CA ALA A 79 6.82 -9.40 -1.24
C ALA A 79 5.37 -9.88 -1.25
N PRO A 80 5.12 -11.20 -1.16
CA PRO A 80 3.85 -11.81 -1.51
C PRO A 80 2.76 -11.24 -0.61
N THR A 81 1.72 -10.67 -1.23
CA THR A 81 0.71 -9.92 -0.51
C THR A 81 -0.61 -10.68 -0.59
N ILE A 82 -1.54 -10.39 0.31
CA ILE A 82 -2.81 -11.10 0.37
C ILE A 82 -3.82 -10.29 -0.45
N ARG A 83 -4.90 -10.94 -0.90
CA ARG A 83 -5.90 -10.31 -1.76
C ARG A 83 -6.57 -9.11 -1.10
N GLY A 84 -6.57 -9.07 0.23
CA GLY A 84 -7.15 -7.97 0.98
C GLY A 84 -7.38 -8.36 2.44
N ASP A 85 -6.60 -9.29 2.98
CA ASP A 85 -6.54 -9.58 4.40
C ASP A 85 -5.18 -9.10 4.92
N PRO A 86 -5.08 -7.91 5.53
CA PRO A 86 -3.83 -7.40 6.04
C PRO A 86 -3.52 -8.06 7.39
N GLU A 87 -2.87 -9.22 7.32
CA GLU A 87 -2.05 -9.79 8.38
C GLU A 87 -0.69 -9.05 8.45
N CYS A 88 0.26 -9.52 9.27
CA CYS A 88 1.65 -9.08 9.21
C CYS A 88 2.54 -10.32 9.24
N HIS A 89 3.47 -10.46 8.30
CA HIS A 89 4.25 -11.69 8.14
C HIS A 89 5.70 -11.42 8.54
N LEU A 90 6.12 -12.03 9.65
CA LEU A 90 7.50 -12.00 10.13
C LEU A 90 8.39 -12.89 9.24
N PHE A 91 9.71 -12.67 9.26
CA PHE A 91 10.71 -13.32 8.41
C PHE A 91 10.98 -14.81 8.74
N TYR A 92 10.05 -15.52 9.39
CA TYR A 92 10.22 -16.93 9.72
C TYR A 92 9.13 -17.72 9.02
N ASN A 93 9.45 -18.30 7.86
CA ASN A 93 8.52 -19.14 7.11
C ASN A 93 9.29 -20.06 6.19
N GLU A 94 8.74 -21.24 5.94
CA GLU A 94 9.06 -22.08 4.80
C GLU A 94 7.75 -22.63 4.24
N GLN A 95 7.12 -23.59 4.92
CA GLN A 95 5.94 -24.30 4.43
C GLN A 95 5.12 -24.86 5.60
N GLN A 96 3.94 -25.40 5.31
CA GLN A 96 2.93 -25.80 6.29
C GLN A 96 1.97 -26.84 5.68
N GLU A 97 2.50 -27.85 4.98
CA GLU A 97 1.73 -28.88 4.28
C GLU A 97 2.24 -30.26 4.68
N ALA A 98 1.85 -30.71 5.88
CA ALA A 98 2.14 -32.04 6.40
C ALA A 98 0.82 -32.75 6.70
N ARG A 99 0.35 -33.55 5.75
CA ARG A 99 -0.77 -34.46 5.97
C ARG A 99 -0.44 -35.51 7.04
N GLY A 100 0.85 -35.76 7.29
CA GLY A 100 1.39 -36.67 8.27
C GLY A 100 2.83 -36.98 7.87
N VAL A 101 3.57 -37.65 8.74
CA VAL A 101 4.93 -38.13 8.49
C VAL A 101 5.01 -39.53 9.11
N HIS A 102 5.90 -40.38 8.60
CA HIS A 102 6.18 -41.71 9.14
C HIS A 102 7.71 -41.82 9.14
N THR A 103 8.34 -41.44 10.25
CA THR A 103 9.79 -41.54 10.41
C THR A 103 10.17 -43.02 10.41
N GLN A 104 11.17 -43.42 9.62
CA GLN A 104 11.66 -44.79 9.53
C GLN A 104 13.19 -44.79 9.49
N ARG A 105 13.78 -45.98 9.50
CA ARG A 105 15.19 -46.24 9.27
C ARG A 105 15.21 -47.49 8.38
N MET A 106 16.30 -47.72 7.64
CA MET A 106 16.64 -49.04 7.14
C MET A 106 17.16 -49.88 8.33
N GLN A 107 17.75 -51.04 8.07
CA GLN A 107 18.64 -51.66 9.05
C GLN A 107 19.78 -50.68 9.36
N GLY A 1 -3.74 28.88 6.86
CA GLY A 1 -2.48 28.28 7.30
C GLY A 1 -2.79 26.91 7.88
N PRO A 2 -2.06 25.87 7.49
CA PRO A 2 -2.30 24.52 7.96
C PRO A 2 -2.01 24.42 9.47
N PRO A 3 -2.39 23.32 10.13
CA PRO A 3 -2.00 23.08 11.51
C PRO A 3 -0.48 22.95 11.63
N PRO A 4 0.09 23.10 12.83
CA PRO A 4 1.46 22.65 13.10
C PRO A 4 1.48 21.12 13.14
N ALA A 5 2.66 20.53 13.18
CA ALA A 5 2.84 19.08 13.12
C ALA A 5 3.89 18.60 14.12
N ARG A 6 4.13 17.28 14.18
CA ARG A 6 5.02 16.66 15.16
C ARG A 6 5.59 15.29 14.75
N THR A 7 5.18 14.65 13.64
CA THR A 7 5.64 13.30 13.29
C THR A 7 6.24 13.28 11.88
N PRO A 8 7.41 12.66 11.64
CA PRO A 8 8.04 12.64 10.33
C PRO A 8 7.20 11.91 9.27
N CYS A 9 6.63 10.74 9.57
CA CYS A 9 5.75 10.04 8.64
C CYS A 9 4.52 10.88 8.27
N GLN A 10 4.01 11.70 9.17
CA GLN A 10 2.88 12.58 8.84
C GLN A 10 3.38 13.71 7.93
N GLN A 11 4.64 14.17 8.08
CA GLN A 11 5.24 15.16 7.21
C GLN A 11 5.42 14.61 5.79
N GLU A 12 5.63 13.30 5.65
CA GLU A 12 5.66 12.69 4.32
C GLU A 12 4.27 12.72 3.70
N LEU A 13 3.25 12.27 4.45
CA LEU A 13 1.88 12.18 3.97
C LEU A 13 1.34 13.55 3.63
N ASP A 14 1.73 14.57 4.37
CA ASP A 14 1.27 15.95 4.14
C ASP A 14 1.73 16.40 2.76
N GLN A 15 3.01 16.19 2.45
CA GLN A 15 3.56 16.49 1.14
C GLN A 15 2.87 15.68 0.02
N VAL A 16 2.48 14.43 0.28
CA VAL A 16 1.76 13.62 -0.71
C VAL A 16 0.35 14.17 -0.92
N LEU A 17 -0.37 14.46 0.17
CA LEU A 17 -1.76 14.87 0.18
C LEU A 17 -1.91 16.25 -0.46
N GLU A 18 -1.03 17.17 -0.11
CA GLU A 18 -0.93 18.49 -0.72
C GLU A 18 -0.67 18.32 -2.22
N ARG A 19 0.24 17.41 -2.61
CA ARG A 19 0.49 17.13 -4.01
C ARG A 19 -0.78 16.72 -4.72
N ILE A 20 -1.55 15.75 -4.22
CA ILE A 20 -2.75 15.27 -4.89
C ILE A 20 -3.72 16.44 -5.16
N SER A 21 -3.97 17.33 -4.19
CA SER A 21 -4.84 18.48 -4.42
C SER A 21 -4.22 19.50 -5.38
N THR A 22 -2.91 19.77 -5.27
CA THR A 22 -2.26 20.77 -6.12
C THR A 22 -2.22 20.27 -7.57
N MET A 23 -1.87 19.01 -7.79
CA MET A 23 -1.73 18.36 -9.08
C MET A 23 -2.66 17.16 -9.12
N ARG A 24 -3.95 17.40 -9.34
CA ARG A 24 -4.96 16.36 -9.55
C ARG A 24 -4.77 15.78 -10.96
N LEU A 25 -3.84 14.85 -11.11
CA LEU A 25 -3.49 14.21 -12.38
C LEU A 25 -3.42 12.70 -12.09
N PRO A 26 -3.87 11.83 -13.00
CA PRO A 26 -3.68 10.39 -12.82
C PRO A 26 -2.20 10.01 -12.80
N ASP A 27 -1.39 10.69 -13.61
CA ASP A 27 0.03 10.49 -13.81
C ASP A 27 0.65 11.87 -13.99
N GLU A 28 1.58 12.20 -13.10
CA GLU A 28 2.37 13.43 -13.19
C GLU A 28 3.38 13.32 -14.33
N ARG A 29 4.26 12.30 -14.35
CA ARG A 29 5.19 12.08 -15.44
C ARG A 29 5.83 10.69 -15.39
N GLY A 30 5.21 9.68 -16.00
CA GLY A 30 5.88 8.41 -16.25
C GLY A 30 5.10 7.57 -17.27
N PRO A 31 5.76 6.65 -18.01
CA PRO A 31 5.13 5.81 -19.03
C PRO A 31 4.60 4.50 -18.44
N LEU A 32 4.13 3.59 -19.30
CA LEU A 32 3.97 2.18 -18.98
C LEU A 32 5.32 1.50 -19.23
N GLU A 33 5.82 0.71 -18.27
CA GLU A 33 6.88 -0.26 -18.50
C GLU A 33 6.61 -1.56 -17.74
N HIS A 34 7.18 -1.76 -16.54
CA HIS A 34 6.85 -2.90 -15.72
C HIS A 34 5.73 -2.49 -14.79
N LEU A 35 6.03 -1.60 -13.86
CA LEU A 35 5.21 -1.25 -12.73
C LEU A 35 5.20 0.27 -12.59
N TYR A 36 4.08 0.78 -12.08
CA TYR A 36 3.69 2.17 -12.12
C TYR A 36 2.43 2.26 -11.25
N SER A 37 2.44 3.12 -10.23
CA SER A 37 1.31 3.42 -9.34
C SER A 37 1.70 4.52 -8.34
N LEU A 38 0.89 4.75 -7.30
CA LEU A 38 1.20 5.69 -6.22
C LEU A 38 0.98 5.01 -4.87
N HIS A 39 1.70 5.45 -3.83
CA HIS A 39 1.63 4.89 -2.48
C HIS A 39 1.76 6.03 -1.46
N ILE A 40 0.65 6.34 -0.80
CA ILE A 40 0.59 7.32 0.29
C ILE A 40 1.16 6.64 1.53
N PRO A 41 2.22 7.19 2.15
CA PRO A 41 2.84 6.65 3.36
C PRO A 41 1.99 7.01 4.59
N ASN A 42 1.01 6.19 4.94
CA ASN A 42 0.09 6.47 6.04
C ASN A 42 0.69 6.03 7.37
N CYS A 43 0.39 6.78 8.44
CA CYS A 43 0.85 6.53 9.80
C CYS A 43 -0.35 6.65 10.73
N ASP A 44 -0.29 5.95 11.86
CA ASP A 44 -1.38 5.89 12.82
C ASP A 44 -1.55 7.21 13.58
N LYS A 45 -2.62 7.37 14.38
CA LYS A 45 -2.74 8.57 15.22
C LYS A 45 -1.65 8.66 16.26
N HIS A 46 -1.21 7.52 16.80
CA HIS A 46 -0.05 7.46 17.67
C HIS A 46 1.26 7.65 16.93
N GLY A 47 1.28 7.55 15.60
CA GLY A 47 2.51 7.52 14.83
C GLY A 47 3.20 6.18 15.06
N LEU A 48 2.71 5.14 14.38
CA LEU A 48 3.38 3.87 14.21
C LEU A 48 3.30 3.64 12.70
N TYR A 49 4.44 3.57 12.00
CA TYR A 49 4.47 3.27 10.57
C TYR A 49 4.32 1.76 10.31
N ASN A 50 4.27 0.98 11.38
CA ASN A 50 4.43 -0.46 11.48
C ASN A 50 3.12 -1.10 11.92
N LEU A 51 2.04 -0.74 11.23
CA LEU A 51 0.75 -1.41 11.30
C LEU A 51 0.42 -1.88 9.88
N LYS A 52 -0.28 -1.05 9.09
CA LYS A 52 -0.56 -1.33 7.69
C LYS A 52 -0.36 -0.09 6.82
N GLN A 53 -0.25 -0.30 5.51
CA GLN A 53 -0.01 0.72 4.49
C GLN A 53 -0.91 0.37 3.31
N CYS A 54 -1.35 1.37 2.55
CA CYS A 54 -2.26 1.21 1.42
C CYS A 54 -1.67 1.79 0.13
N LYS A 55 -2.15 1.25 -1.01
CA LYS A 55 -1.63 1.53 -2.35
C LYS A 55 -2.78 1.95 -3.25
N MET A 56 -2.62 3.01 -4.05
CA MET A 56 -3.64 3.50 -4.95
C MET A 56 -3.15 3.23 -6.37
N SER A 57 -3.91 2.39 -7.08
CA SER A 57 -3.58 1.90 -8.39
C SER A 57 -4.80 2.15 -9.29
N LEU A 58 -5.88 1.41 -9.08
CA LEU A 58 -7.16 1.65 -9.73
C LEU A 58 -7.79 2.93 -9.20
N ASN A 59 -8.74 3.47 -9.97
CA ASN A 59 -9.58 4.58 -9.54
C ASN A 59 -10.93 4.04 -9.05
N GLY A 60 -11.59 3.20 -9.83
CA GLY A 60 -12.92 2.69 -9.51
C GLY A 60 -12.91 1.68 -8.37
N GLN A 61 -12.08 0.64 -8.54
CA GLN A 61 -11.92 -0.45 -7.59
C GLN A 61 -11.33 0.12 -6.29
N ARG A 62 -11.72 -0.42 -5.14
CA ARG A 62 -11.34 0.13 -3.84
C ARG A 62 -9.84 -0.13 -3.59
N GLY A 63 -9.28 0.60 -2.63
CA GLY A 63 -7.87 0.49 -2.26
C GLY A 63 -7.53 -0.91 -1.78
N GLU A 64 -6.24 -1.25 -1.71
CA GLU A 64 -5.74 -2.40 -0.97
C GLU A 64 -4.69 -1.91 0.03
N CYS A 65 -4.65 -2.53 1.21
CA CYS A 65 -3.61 -2.38 2.22
C CYS A 65 -2.89 -3.70 2.43
N TRP A 66 -1.74 -3.67 3.10
CA TRP A 66 -1.00 -4.83 3.59
C TRP A 66 -0.37 -4.43 4.92
N CYS A 67 0.19 -5.37 5.67
CA CYS A 67 0.78 -5.12 6.97
C CYS A 67 2.28 -5.06 6.76
N VAL A 68 2.98 -4.37 7.65
CA VAL A 68 4.44 -4.27 7.57
C VAL A 68 4.99 -4.53 8.96
N ASN A 69 5.93 -5.48 9.03
CA ASN A 69 6.75 -5.70 10.21
C ASN A 69 7.73 -4.54 10.40
N PRO A 70 8.63 -4.24 9.44
CA PRO A 70 9.59 -3.15 9.58
C PRO A 70 8.92 -1.79 9.39
N ASN A 71 9.42 -0.80 10.12
CA ASN A 71 8.96 0.59 10.19
C ASN A 71 9.28 1.36 8.92
N THR A 72 10.09 0.81 8.02
CA THR A 72 10.37 1.43 6.73
C THR A 72 9.19 1.14 5.79
N GLY A 73 8.26 0.25 6.17
CA GLY A 73 7.08 -0.13 5.41
C GLY A 73 7.39 -0.97 4.17
N LYS A 74 8.67 -1.27 3.89
CA LYS A 74 9.07 -1.74 2.55
C LYS A 74 8.81 -3.22 2.33
N LEU A 75 8.34 -3.94 3.36
CA LEU A 75 7.83 -5.30 3.25
C LEU A 75 6.43 -5.20 2.63
N ILE A 76 6.33 -4.88 1.34
CA ILE A 76 5.06 -4.77 0.63
C ILE A 76 4.44 -6.15 0.41
N GLN A 77 3.82 -6.69 1.46
CA GLN A 77 3.13 -7.98 1.44
C GLN A 77 1.83 -7.95 0.64
N GLY A 78 1.41 -6.80 0.12
CA GLY A 78 0.21 -6.61 -0.70
C GLY A 78 0.44 -7.08 -2.14
N ALA A 79 1.08 -8.25 -2.31
CA ALA A 79 1.03 -9.05 -3.52
C ALA A 79 -0.26 -9.88 -3.48
N PRO A 80 -0.41 -10.94 -2.65
CA PRO A 80 -1.68 -11.65 -2.53
C PRO A 80 -2.77 -10.75 -1.94
N THR A 81 -4.01 -11.24 -1.98
CA THR A 81 -5.19 -10.45 -1.72
C THR A 81 -5.32 -10.17 -0.22
N ILE A 82 -5.81 -8.98 0.15
CA ILE A 82 -6.11 -8.58 1.51
C ILE A 82 -7.53 -8.00 1.49
N ARG A 83 -8.39 -8.41 2.44
CA ARG A 83 -9.77 -7.90 2.62
C ARG A 83 -9.79 -6.53 3.32
N GLY A 84 -8.77 -5.72 3.08
CA GLY A 84 -8.57 -4.43 3.70
C GLY A 84 -7.85 -4.51 5.03
N ASP A 85 -8.09 -5.54 5.82
CA ASP A 85 -7.37 -5.79 7.06
C ASP A 85 -6.47 -7.02 6.86
N PRO A 86 -5.15 -6.86 6.97
CA PRO A 86 -4.20 -7.96 6.96
C PRO A 86 -4.19 -8.65 8.33
N GLU A 87 -4.85 -9.81 8.44
CA GLU A 87 -4.76 -10.72 9.59
C GLU A 87 -3.40 -11.44 9.59
N CYS A 88 -2.29 -10.69 9.46
CA CYS A 88 -0.93 -11.21 9.48
C CYS A 88 -0.34 -11.04 10.88
N HIS A 89 0.22 -12.12 11.43
CA HIS A 89 0.94 -12.11 12.69
C HIS A 89 1.91 -13.30 12.68
N LEU A 90 1.40 -14.53 12.62
CA LEU A 90 2.12 -15.76 12.95
C LEU A 90 1.87 -16.80 11.88
N PHE A 91 2.76 -17.79 11.75
CA PHE A 91 2.64 -18.92 10.82
C PHE A 91 1.62 -19.94 11.34
N TYR A 92 0.37 -19.50 11.53
CA TYR A 92 -0.68 -20.29 12.16
C TYR A 92 -2.04 -19.94 11.58
N ASN A 93 -2.65 -20.86 10.83
CA ASN A 93 -4.05 -20.85 10.39
C ASN A 93 -4.31 -22.11 9.56
N GLU A 94 -5.02 -23.09 10.12
CA GLU A 94 -5.47 -24.26 9.37
C GLU A 94 -6.94 -24.54 9.70
N GLN A 95 -7.81 -24.46 8.69
CA GLN A 95 -9.24 -24.76 8.80
C GLN A 95 -9.71 -25.09 7.38
N GLN A 96 -10.28 -26.27 7.15
CA GLN A 96 -10.79 -26.71 5.86
C GLN A 96 -12.18 -27.29 6.08
N GLU A 97 -13.20 -26.50 5.74
CA GLU A 97 -14.60 -26.90 5.83
C GLU A 97 -15.21 -26.93 4.42
N ALA A 98 -16.27 -27.74 4.27
CA ALA A 98 -17.08 -27.77 3.07
C ALA A 98 -17.88 -26.47 3.00
N ARG A 99 -17.85 -25.81 1.84
CA ARG A 99 -18.41 -24.47 1.55
C ARG A 99 -19.88 -24.22 1.88
N GLY A 100 -20.64 -25.18 2.39
CA GLY A 100 -22.08 -25.03 2.61
C GLY A 100 -22.82 -25.17 1.29
N VAL A 101 -23.29 -26.38 0.97
CA VAL A 101 -24.29 -26.53 -0.07
C VAL A 101 -25.61 -25.91 0.41
N HIS A 102 -26.46 -25.53 -0.54
CA HIS A 102 -27.77 -24.98 -0.32
C HIS A 102 -28.60 -25.22 -1.59
N THR A 103 -29.90 -25.00 -1.51
CA THR A 103 -30.83 -25.00 -2.63
C THR A 103 -31.86 -23.90 -2.38
N GLN A 104 -32.83 -23.71 -3.29
CA GLN A 104 -33.94 -22.77 -3.14
C GLN A 104 -35.23 -23.40 -3.67
N ARG A 105 -36.29 -22.59 -3.74
CA ARG A 105 -37.55 -22.92 -4.41
C ARG A 105 -37.79 -21.88 -5.52
N MET A 106 -38.84 -22.07 -6.31
CA MET A 106 -39.31 -21.11 -7.30
C MET A 106 -40.11 -19.99 -6.58
N GLN A 107 -40.91 -19.20 -7.31
CA GLN A 107 -41.90 -18.32 -6.71
C GLN A 107 -42.90 -19.16 -5.93
#